data_7COE
#
_entry.id   7COE
#
_cell.length_a   71.590
_cell.length_b   146.819
_cell.length_c   81.622
_cell.angle_alpha   90.000
_cell.angle_beta   96.730
_cell.angle_gamma   90.000
#
_symmetry.space_group_name_H-M   'P 1 21 1'
#
loop_
_entity.id
_entity.type
_entity.pdbx_description
1 polymer 'Heavy chain'
2 polymer 'Light chain'
3 polymer 'Spike glycoprotein'
4 non-polymer 1,2-ETHANEDIOL
5 non-polymer 2-acetamido-2-deoxy-beta-D-glucopyranose
6 water water
#
loop_
_entity_poly.entity_id
_entity_poly.type
_entity_poly.pdbx_seq_one_letter_code
_entity_poly.pdbx_strand_id
1 'polypeptide(L)'
;QVQLVQSGAEVKRPGSSVKVSCKTSGGTFNNNAINWVRQAPGQGLEWMGGIIPFFGIAKYAQKFQGRVTITADESTSTAY
MELSSLRSEDTAVYYCARDLPRESSYGSGSYYTHYYAMDVWGQGTTVTVSSASTKGPSVFPLAPSSKSTSGGTAALGCLV
KDYFPEPVTVSWNSGALTSGVHTFPAVLQSSGLYSLSSVVTVPSSSLGTQTYICNVNHKPSNTKVDKKVEPKSCDKT
;
H,B
2 'polypeptide(L)'
;EIVLTQSPATLSLSPGERATLSCGASQSVSSSYLAWYQQKPGLAPRLLIYDASSRATGIPDRFSGSGSGTDFTLTISRLE
PEDFAVYYCQQYGSSPLTFGGGTKVEIKRTVAAPSVFIFPPSDEQLKSGTASVVCLLNNFYPREAKVQWKVDNALQSGNS
QESVTEQDSKDSTYSLSSTLTLSKADYEKHKVYACEVTHQGLSSPVTKSFNRGEC
;
L,C
3 'polypeptide(L)'
;EAKPSGSVVEQAEGVECDFSPLLSGTPPQVYNFKRLVFTNCNYNLTKLLSLFSVNDFTCSQISPAAIASNCYSSLILDYF
SYPLSMKSDLSVSSAGPISQFNYKQSFSNPTCLILATVPHNLTTITKPLKYSYINKCSRLLSDDRTEVPQLVNANQYSPC
VSIVPSTVWEDGDYYRKQLSPLEGGGWLVASGSTVAMTEQLQMGFGITVQYGTDTNSVCPKLE
;
A,D
#
loop_
_chem_comp.id
_chem_comp.type
_chem_comp.name
_chem_comp.formula
EDO non-polymer 1,2-ETHANEDIOL 'C2 H6 O2'
NAG D-saccharide, beta linking 2-acetamido-2-deoxy-beta-D-glucopyranose 'C8 H15 N O6'
#
# COMPACT_ATOMS: atom_id res chain seq x y z
N GLN A 1 0.78 26.72 15.92
CA GLN A 1 -0.62 26.42 15.69
C GLN A 1 -0.85 25.92 14.25
N VAL A 2 -0.06 26.43 13.30
CA VAL A 2 -0.12 25.90 11.93
C VAL A 2 0.32 24.45 11.92
N GLN A 3 -0.46 23.58 11.27
CA GLN A 3 -0.09 22.19 11.11
C GLN A 3 -0.25 21.76 9.65
N LEU A 4 0.64 20.86 9.23
CA LEU A 4 0.56 20.18 7.93
C LEU A 4 0.27 18.72 8.21
N VAL A 5 -0.81 18.19 7.63
CA VAL A 5 -1.24 16.82 7.89
C VAL A 5 -1.27 16.07 6.56
N GLN A 6 -0.46 15.01 6.45
CA GLN A 6 -0.34 14.29 5.20
C GLN A 6 -1.24 13.06 5.20
N SER A 7 -1.59 12.59 4.01
CA SER A 7 -2.26 11.30 3.84
C SER A 7 -1.40 10.15 4.37
N GLY A 8 -2.03 8.98 4.50
CA GLY A 8 -1.42 7.83 5.13
C GLY A 8 -0.51 7.01 4.22
N ALA A 9 0.12 6.00 4.84
CA ALA A 9 1.11 5.15 4.18
C ALA A 9 0.59 4.50 2.92
N GLU A 10 1.48 4.32 1.94
CA GLU A 10 1.11 3.76 0.64
C GLU A 10 2.03 2.60 0.30
N VAL A 11 1.49 1.62 -0.40
CA VAL A 11 2.27 0.53 -0.99
C VAL A 11 1.93 0.44 -2.46
N LYS A 12 2.95 0.48 -3.31
CA LYS A 12 2.74 0.61 -4.74
C LYS A 12 3.65 -0.37 -5.47
N ARG A 13 3.22 -0.83 -6.63
CA ARG A 13 4.06 -1.71 -7.45
C ARG A 13 4.93 -0.88 -8.39
N PRO A 14 6.08 -1.42 -8.83
CA PRO A 14 6.90 -0.66 -9.78
C PRO A 14 6.12 -0.33 -11.04
N GLY A 15 6.38 0.86 -11.59
CA GLY A 15 5.68 1.33 -12.76
C GLY A 15 4.40 2.08 -12.48
N SER A 16 3.83 1.95 -11.29
CA SER A 16 2.62 2.69 -10.99
C SER A 16 2.95 4.12 -10.53
N SER A 17 1.97 4.78 -9.94
CA SER A 17 2.12 6.16 -9.49
C SER A 17 1.49 6.28 -8.13
N VAL A 18 1.92 7.27 -7.37
CA VAL A 18 1.38 7.53 -6.04
C VAL A 18 1.09 9.02 -5.94
N LYS A 19 0.00 9.37 -5.27
CA LYS A 19 -0.37 10.76 -5.03
C LYS A 19 -0.54 10.98 -3.54
N VAL A 20 0.27 11.86 -2.97
CA VAL A 20 0.27 12.14 -1.54
C VAL A 20 -0.27 13.54 -1.31
N SER A 21 -1.07 13.70 -0.26
CA SER A 21 -1.71 14.98 0.02
C SER A 21 -1.15 15.57 1.31
N CYS A 22 -1.35 16.87 1.45
CA CYS A 22 -0.79 17.62 2.56
C CYS A 22 -1.74 18.77 2.85
N LYS A 23 -2.45 18.72 3.98
CA LYS A 23 -3.44 19.75 4.31
C LYS A 23 -2.88 20.72 5.36
N THR A 24 -3.01 22.01 5.08
CA THR A 24 -2.60 23.04 6.04
C THR A 24 -3.79 23.41 6.90
N SER A 25 -3.57 23.49 8.21
CA SER A 25 -4.60 23.91 9.14
C SER A 25 -3.98 24.76 10.23
N GLY A 26 -4.83 25.42 11.00
CA GLY A 26 -4.33 26.29 12.05
C GLY A 26 -3.81 27.61 11.52
N GLY A 27 -3.99 27.87 10.24
CA GLY A 27 -3.57 29.12 9.63
C GLY A 27 -3.92 29.10 8.16
N THR A 28 -3.67 30.24 7.52
CA THR A 28 -3.89 30.43 6.09
C THR A 28 -2.75 29.80 5.28
N PHE A 29 -3.00 29.64 3.97
CA PHE A 29 -1.88 29.39 3.06
C PHE A 29 -0.94 30.59 3.08
N ASN A 30 -1.51 31.80 3.02
CA ASN A 30 -0.76 33.06 3.11
C ASN A 30 0.40 33.11 2.12
N ASN A 31 0.26 32.44 0.98
CA ASN A 31 1.32 32.36 -0.03
C ASN A 31 2.66 31.90 0.54
N ASN A 32 2.64 30.91 1.42
CA ASN A 32 3.86 30.20 1.74
C ASN A 32 3.98 28.99 0.82
N ALA A 33 5.08 28.93 0.08
CA ALA A 33 5.31 27.82 -0.83
C ALA A 33 5.33 26.50 -0.07
N ILE A 34 4.83 25.45 -0.70
CA ILE A 34 4.84 24.10 -0.15
C ILE A 34 5.92 23.31 -0.85
N ASN A 35 6.85 22.74 -0.08
CA ASN A 35 7.92 21.90 -0.62
C ASN A 35 7.64 20.43 -0.36
N TRP A 36 8.19 19.57 -1.21
CA TRP A 36 8.16 18.14 -0.99
C TRP A 36 9.58 17.62 -0.90
N VAL A 37 9.89 16.95 0.21
CA VAL A 37 11.23 16.48 0.55
C VAL A 37 11.10 15.01 0.94
N ARG A 38 11.98 14.16 0.42
CA ARG A 38 11.88 12.74 0.74
C ARG A 38 13.16 12.23 1.41
N GLN A 39 13.02 11.10 2.09
CA GLN A 39 14.12 10.52 2.86
C GLN A 39 14.04 9.00 2.76
N ALA A 40 14.95 8.38 2.02
CA ALA A 40 14.99 6.92 1.90
C ALA A 40 15.59 6.29 3.17
N PRO A 41 15.28 5.02 3.45
CA PRO A 41 15.71 4.41 4.72
C PRO A 41 17.20 4.55 4.95
N GLY A 42 17.54 5.09 6.12
CA GLY A 42 18.92 5.32 6.49
C GLY A 42 19.64 6.43 5.76
N GLN A 43 18.96 7.20 4.91
CA GLN A 43 19.62 8.20 4.09
C GLN A 43 19.27 9.62 4.56
N GLY A 44 19.77 10.60 3.81
CA GLY A 44 19.52 12.00 4.08
C GLY A 44 18.29 12.49 3.37
N LEU A 45 18.25 13.79 3.13
CA LEU A 45 17.04 14.47 2.64
C LEU A 45 17.26 14.97 1.21
N GLU A 46 16.21 14.87 0.40
CA GLU A 46 16.23 15.22 -1.02
C GLU A 46 15.02 16.08 -1.34
N TRP A 47 15.27 17.28 -1.87
CA TRP A 47 14.19 18.18 -2.30
C TRP A 47 13.70 17.75 -3.68
N MET A 48 12.41 17.47 -3.78
CA MET A 48 11.81 17.09 -5.06
C MET A 48 11.25 18.27 -5.83
N GLY A 49 10.76 19.27 -5.13
CA GLY A 49 10.11 20.39 -5.78
C GLY A 49 9.11 21.02 -4.86
N GLY A 50 8.36 21.96 -5.40
CA GLY A 50 7.36 22.65 -4.60
C GLY A 50 6.39 23.39 -5.49
N ILE A 51 5.45 24.07 -4.86
CA ILE A 51 4.51 24.92 -5.58
C ILE A 51 4.29 26.20 -4.78
N ILE A 52 4.12 27.30 -5.50
CA ILE A 52 3.82 28.60 -4.89
C ILE A 52 2.32 28.84 -5.04
N PRO A 53 1.57 28.92 -3.94
CA PRO A 53 0.10 28.95 -4.04
C PRO A 53 -0.46 30.12 -4.84
N PHE A 54 0.08 31.33 -4.69
CA PHE A 54 -0.50 32.47 -5.38
C PHE A 54 -0.48 32.26 -6.89
N PHE A 55 0.58 31.67 -7.41
CA PHE A 55 0.73 31.49 -8.86
C PHE A 55 0.21 30.15 -9.37
N GLY A 56 0.06 29.14 -8.50
CA GLY A 56 -0.28 27.81 -8.98
C GLY A 56 0.75 27.21 -9.91
N ILE A 57 2.00 27.64 -9.81
CA ILE A 57 3.07 27.19 -10.68
C ILE A 57 4.04 26.37 -9.83
N ALA A 58 4.36 25.16 -10.29
CA ALA A 58 5.26 24.30 -9.53
C ALA A 58 6.67 24.31 -10.12
N LYS A 59 7.65 23.98 -9.29
CA LYS A 59 9.04 23.85 -9.74
C LYS A 59 9.60 22.53 -9.25
N TYR A 60 10.40 21.88 -10.10
CA TYR A 60 10.87 20.53 -9.82
C TYR A 60 12.37 20.44 -9.96
N ALA A 61 12.97 19.62 -9.10
CA ALA A 61 14.37 19.26 -9.30
C ALA A 61 14.50 18.50 -10.62
N GLN A 62 15.58 18.80 -11.36
CA GLN A 62 15.76 18.22 -12.69
C GLN A 62 15.72 16.71 -12.65
N LYS A 63 16.24 16.10 -11.59
CA LYS A 63 16.26 14.66 -11.49
C LYS A 63 14.87 14.05 -11.41
N PHE A 64 13.84 14.83 -11.10
CA PHE A 64 12.46 14.33 -11.09
C PHE A 64 11.60 14.89 -12.22
N GLN A 65 12.11 15.87 -12.99
CA GLN A 65 11.33 16.48 -14.07
C GLN A 65 10.76 15.44 -15.01
N GLY A 66 9.48 15.56 -15.33
CA GLY A 66 8.80 14.61 -16.15
C GLY A 66 8.10 13.51 -15.36
N ARG A 67 8.53 13.28 -14.12
CA ARG A 67 8.03 12.21 -13.29
C ARG A 67 7.14 12.67 -12.13
N VAL A 68 7.26 13.92 -11.69
CA VAL A 68 6.52 14.41 -10.53
C VAL A 68 5.61 15.57 -10.95
N THR A 69 4.42 15.60 -10.35
CA THR A 69 3.47 16.69 -10.53
C THR A 69 3.08 17.17 -9.15
N ILE A 70 3.25 18.46 -8.89
CA ILE A 70 2.84 19.09 -7.62
C ILE A 70 1.74 20.09 -7.91
N THR A 71 0.64 19.98 -7.19
CA THR A 71 -0.54 20.81 -7.37
C THR A 71 -1.00 21.29 -6.02
N ALA A 72 -1.94 22.22 -6.03
CA ALA A 72 -2.46 22.79 -4.80
C ALA A 72 -3.89 23.23 -5.04
N ASP A 73 -4.72 23.08 -4.01
CA ASP A 73 -6.15 23.42 -4.06
C ASP A 73 -6.40 24.38 -2.91
N GLU A 74 -6.50 25.68 -3.22
CA GLU A 74 -6.69 26.69 -2.18
C GLU A 74 -8.00 26.49 -1.43
N SER A 75 -9.05 26.04 -2.13
CA SER A 75 -10.36 25.87 -1.51
C SER A 75 -10.33 24.84 -0.38
N THR A 76 -9.46 23.84 -0.47
CA THR A 76 -9.31 22.87 0.61
C THR A 76 -7.99 23.04 1.35
N SER A 77 -7.21 24.07 1.03
CA SER A 77 -5.90 24.29 1.62
C SER A 77 -5.03 23.03 1.60
N THR A 78 -5.03 22.32 0.48
CA THR A 78 -4.32 21.05 0.36
C THR A 78 -3.39 21.07 -0.84
N ALA A 79 -2.17 20.60 -0.63
CA ALA A 79 -1.22 20.42 -1.71
C ALA A 79 -1.01 18.94 -1.96
N TYR A 80 -0.53 18.62 -3.16
CA TYR A 80 -0.43 17.24 -3.61
C TYR A 80 0.87 17.04 -4.34
N MET A 81 1.48 15.88 -4.12
CA MET A 81 2.63 15.44 -4.88
C MET A 81 2.27 14.11 -5.54
N GLU A 82 2.38 14.04 -6.86
CA GLU A 82 2.17 12.79 -7.57
C GLU A 82 3.46 12.38 -8.27
N LEU A 83 3.97 11.19 -7.92
CA LEU A 83 5.19 10.67 -8.50
C LEU A 83 4.84 9.42 -9.32
N SER A 84 5.34 9.35 -10.56
CA SER A 84 4.93 8.30 -11.48
C SER A 84 6.14 7.47 -11.87
N SER A 85 5.89 6.43 -12.68
CA SER A 85 6.87 5.40 -12.99
C SER A 85 7.70 5.01 -11.77
N LEU A 86 7.00 4.59 -10.72
CA LEU A 86 7.71 4.31 -9.47
C LEU A 86 8.70 3.18 -9.62
N ARG A 87 9.83 3.29 -8.95
CA ARG A 87 10.83 2.24 -8.86
C ARG A 87 11.08 1.92 -7.40
N SER A 88 11.71 0.77 -7.13
CA SER A 88 11.95 0.39 -5.74
C SER A 88 12.80 1.41 -5.02
N GLU A 89 13.72 2.06 -5.72
CA GLU A 89 14.50 3.14 -5.10
C GLU A 89 13.67 4.39 -4.78
N ASP A 90 12.39 4.48 -5.15
CA ASP A 90 11.57 5.58 -4.66
C ASP A 90 10.94 5.27 -3.30
N THR A 91 11.20 4.10 -2.74
CA THR A 91 10.73 3.79 -1.39
C THR A 91 11.36 4.79 -0.40
N ALA A 92 10.52 5.51 0.34
CA ALA A 92 11.03 6.61 1.17
C ALA A 92 9.89 7.13 2.01
N VAL A 93 10.23 7.97 2.98
CA VAL A 93 9.28 8.85 3.64
C VAL A 93 9.25 10.15 2.86
N TYR A 94 8.05 10.61 2.49
CA TYR A 94 7.85 11.83 1.72
C TYR A 94 7.28 12.88 2.67
N TYR A 95 7.98 14.00 2.82
CA TYR A 95 7.53 15.10 3.68
C TYR A 95 7.06 16.27 2.84
N CYS A 96 5.92 16.86 3.23
CA CYS A 96 5.59 18.21 2.79
C CYS A 96 6.08 19.17 3.87
N ALA A 97 6.59 20.33 3.44
CA ALA A 97 7.05 21.33 4.39
C ALA A 97 6.89 22.72 3.80
N ARG A 98 6.49 23.66 4.66
CA ARG A 98 6.20 25.03 4.28
C ARG A 98 7.44 25.92 4.42
N ASP A 99 7.68 26.79 3.42
CA ASP A 99 8.65 27.87 3.57
C ASP A 99 8.39 28.65 4.86
N LEU A 100 9.47 29.03 5.53
CA LEU A 100 9.42 30.04 6.57
C LEU A 100 8.75 31.31 6.05
N PRO A 101 7.67 31.77 6.65
CA PRO A 101 7.00 32.99 6.15
C PRO A 101 7.79 34.24 6.54
N ARG A 102 7.81 35.21 5.64
CA ARG A 102 8.54 36.45 5.89
C ARG A 102 7.68 37.65 5.50
N GLU A 103 8.14 38.83 5.94
CA GLU A 103 7.47 40.07 5.60
C GLU A 103 7.36 40.22 4.10
N SER A 104 6.22 40.73 3.64
CA SER A 104 5.92 40.77 2.22
C SER A 104 6.86 41.70 1.47
N SER A 105 7.20 41.32 0.23
CA SER A 105 7.97 42.16 -0.69
C SER A 105 7.13 43.28 -1.30
N TYR A 106 5.99 43.56 -0.66
CA TYR A 106 5.14 44.69 -1.01
C TYR A 106 4.52 45.33 0.23
N GLY A 109 11.25 43.60 1.49
CA GLY A 109 12.12 43.80 0.34
C GLY A 109 11.40 44.21 -0.94
N SER A 110 12.07 44.10 -2.09
CA SER A 110 11.44 44.39 -3.38
C SER A 110 11.16 43.14 -4.22
N TYR A 111 11.76 42.01 -3.87
CA TYR A 111 11.43 40.70 -4.41
C TYR A 111 11.38 39.71 -3.25
N TYR A 112 10.84 38.51 -3.53
CA TYR A 112 10.58 37.52 -2.49
C TYR A 112 10.99 36.16 -3.02
N THR A 113 11.87 35.47 -2.30
CA THR A 113 12.41 34.20 -2.75
C THR A 113 11.57 33.05 -2.19
N HIS A 114 11.02 32.21 -3.07
CA HIS A 114 10.29 31.02 -2.66
C HIS A 114 11.20 29.79 -2.74
N TYR A 115 10.84 28.76 -1.96
CA TYR A 115 11.63 27.54 -1.76
C TYR A 115 12.82 27.93 -0.91
N TYR A 116 12.63 27.82 0.39
CA TYR A 116 13.45 28.50 1.39
C TYR A 116 13.87 27.54 2.49
N ALA A 117 14.37 28.07 3.60
CA ALA A 117 14.32 27.31 4.85
C ALA A 117 12.86 27.00 5.18
N MET A 118 12.63 25.84 5.80
CA MET A 118 11.27 25.31 5.95
C MET A 118 10.95 25.16 7.43
N ASP A 119 9.95 25.89 7.93
CA ASP A 119 9.80 25.92 9.37
C ASP A 119 8.71 24.98 9.90
N VAL A 120 7.71 24.63 9.09
CA VAL A 120 6.65 23.72 9.51
C VAL A 120 6.65 22.54 8.55
N TRP A 121 6.72 21.32 9.10
CA TRP A 121 6.81 20.08 8.36
C TRP A 121 5.62 19.19 8.65
N GLY A 122 5.16 18.49 7.62
CA GLY A 122 4.21 17.41 7.83
C GLY A 122 4.82 16.26 8.64
N GLN A 123 3.95 15.31 9.00
CA GLN A 123 4.39 14.14 9.76
C GLN A 123 5.09 13.11 8.88
N GLY A 124 5.05 13.27 7.56
CA GLY A 124 5.66 12.29 6.68
C GLY A 124 4.66 11.23 6.24
N THR A 125 4.85 10.74 5.01
CA THR A 125 4.07 9.65 4.43
C THR A 125 5.04 8.59 3.93
N THR A 126 4.93 7.37 4.48
CA THR A 126 5.77 6.27 4.00
C THR A 126 5.21 5.72 2.70
N VAL A 127 6.05 5.64 1.67
CA VAL A 127 5.70 5.05 0.39
C VAL A 127 6.65 3.89 0.14
N THR A 128 6.12 2.68 0.04
CA THR A 128 6.89 1.49 -0.26
C THR A 128 6.57 1.06 -1.68
N VAL A 129 7.60 0.96 -2.51
CA VAL A 129 7.45 0.52 -3.89
C VAL A 129 8.07 -0.86 -4.01
N SER A 130 7.24 -1.86 -4.30
CA SER A 130 7.78 -3.22 -4.37
C SER A 130 6.79 -4.09 -5.11
N SER A 131 7.29 -5.22 -5.64
N SER A 131 7.29 -5.22 -5.64
CA SER A 131 6.47 -6.20 -6.31
CA SER A 131 6.47 -6.21 -6.31
C SER A 131 5.90 -7.25 -5.36
C SER A 131 5.89 -7.25 -5.35
N ALA A 132 6.25 -7.19 -4.07
CA ALA A 132 5.79 -8.21 -3.13
C ALA A 132 4.29 -8.07 -2.85
N SER A 133 3.67 -9.19 -2.45
CA SER A 133 2.31 -9.09 -1.92
C SER A 133 2.34 -9.09 -0.41
N THR A 134 1.25 -8.63 0.19
CA THR A 134 1.10 -8.60 1.63
C THR A 134 1.30 -9.99 2.21
N LYS A 135 2.07 -10.09 3.29
CA LYS A 135 2.41 -11.38 3.85
C LYS A 135 2.77 -11.19 5.32
N GLY A 136 2.22 -12.03 6.19
CA GLY A 136 2.51 -11.97 7.59
C GLY A 136 3.80 -12.73 7.90
N PRO A 137 4.42 -12.42 9.03
CA PRO A 137 5.70 -13.04 9.36
C PRO A 137 5.55 -14.43 9.94
N SER A 138 6.56 -15.25 9.71
CA SER A 138 6.81 -16.38 10.59
C SER A 138 7.53 -15.88 11.85
N VAL A 139 7.24 -16.51 12.99
CA VAL A 139 7.86 -16.11 14.24
C VAL A 139 8.55 -17.33 14.83
N PHE A 140 9.87 -17.25 14.99
CA PHE A 140 10.63 -18.37 15.53
C PHE A 140 11.31 -17.97 16.83
N PRO A 141 11.50 -18.92 17.75
CA PRO A 141 12.21 -18.61 18.99
C PRO A 141 13.71 -18.48 18.77
N LEU A 142 14.31 -17.53 19.49
CA LEU A 142 15.77 -17.45 19.72
C LEU A 142 15.97 -17.96 21.14
N ALA A 143 16.23 -19.26 21.28
CA ALA A 143 16.13 -19.92 22.56
C ALA A 143 17.33 -19.57 23.45
N PRO A 144 17.11 -19.36 24.76
CA PRO A 144 18.22 -19.02 25.66
C PRO A 144 19.11 -20.23 25.90
N GLY A 152 24.57 -15.69 35.98
CA GLY A 152 24.84 -14.66 34.98
C GLY A 152 23.63 -14.32 34.13
N THR A 153 23.90 -13.80 32.95
CA THR A 153 22.89 -13.27 32.06
C THR A 153 22.59 -14.27 30.96
N ALA A 154 21.30 -14.45 30.66
CA ALA A 154 20.85 -15.18 29.48
C ALA A 154 20.22 -14.21 28.49
N ALA A 155 20.31 -14.56 27.21
CA ALA A 155 19.66 -13.79 26.14
C ALA A 155 18.68 -14.71 25.43
N LEU A 156 17.52 -14.16 25.07
CA LEU A 156 16.51 -14.92 24.34
C LEU A 156 15.78 -13.94 23.45
N GLY A 157 14.96 -14.46 22.53
CA GLY A 157 14.25 -13.53 21.67
C GLY A 157 13.32 -14.23 20.72
N CYS A 158 12.90 -13.47 19.71
N CYS A 158 12.82 -13.50 19.73
CA CYS A 158 12.03 -13.96 18.66
CA CYS A 158 12.10 -14.19 18.68
C CYS A 158 12.55 -13.43 17.33
C CYS A 158 12.34 -13.49 17.34
N LEU A 159 12.63 -14.32 16.35
CA LEU A 159 12.93 -13.93 14.99
C LEU A 159 11.63 -13.77 14.21
N VAL A 160 11.40 -12.59 13.68
CA VAL A 160 10.16 -12.24 12.98
C VAL A 160 10.52 -12.12 11.50
N LYS A 161 10.27 -13.16 10.74
CA LYS A 161 10.92 -13.32 9.44
C LYS A 161 9.90 -13.37 8.31
N ASP A 162 10.23 -12.70 7.20
CA ASP A 162 9.55 -12.80 5.91
C ASP A 162 8.16 -12.20 5.93
N TYR A 163 8.08 -10.91 6.18
CA TYR A 163 6.79 -10.22 6.15
C TYR A 163 6.86 -9.06 5.17
N PHE A 164 5.68 -8.57 4.76
CA PHE A 164 5.61 -7.43 3.84
C PHE A 164 4.21 -6.86 3.97
N PRO A 165 4.05 -5.52 4.06
CA PRO A 165 5.12 -4.53 4.16
C PRO A 165 5.44 -4.19 5.61
N GLU A 166 6.25 -3.16 5.84
CA GLU A 166 6.39 -2.58 7.18
C GLU A 166 5.04 -1.99 7.60
N PRO A 167 4.77 -1.88 8.91
CA PRO A 167 5.63 -2.23 10.04
C PRO A 167 5.11 -3.43 10.80
N VAL A 168 5.95 -3.98 11.69
CA VAL A 168 5.54 -4.93 12.70
C VAL A 168 5.87 -4.33 14.06
N THR A 169 5.10 -4.70 15.07
CA THR A 169 5.45 -4.34 16.43
C THR A 169 5.67 -5.61 17.23
N VAL A 170 6.57 -5.52 18.20
CA VAL A 170 6.88 -6.64 19.10
C VAL A 170 6.85 -6.12 20.52
N SER A 171 6.17 -6.84 21.40
CA SER A 171 6.28 -6.63 22.83
C SER A 171 6.63 -7.96 23.47
N TRP A 172 7.00 -7.90 24.75
CA TRP A 172 7.31 -9.07 25.55
C TRP A 172 6.36 -9.12 26.75
N ASN A 173 5.76 -10.29 27.00
CA ASN A 173 4.82 -10.47 28.10
C ASN A 173 3.77 -9.36 28.14
N SER A 174 3.23 -9.01 26.97
CA SER A 174 2.14 -8.06 26.85
C SER A 174 2.53 -6.65 27.27
N GLY A 175 3.82 -6.34 27.27
CA GLY A 175 4.31 -5.05 27.70
C GLY A 175 4.82 -5.01 29.12
N ALA A 176 4.66 -6.10 29.88
CA ALA A 176 5.18 -6.09 31.24
C ALA A 176 6.69 -6.22 31.29
N LEU A 177 7.32 -6.69 30.21
CA LEU A 177 8.77 -6.85 30.16
C LEU A 177 9.34 -5.85 29.16
N THR A 178 10.09 -4.87 29.66
CA THR A 178 10.60 -3.79 28.82
C THR A 178 12.10 -3.59 29.05
N SER A 179 12.56 -3.86 30.26
CA SER A 179 13.95 -3.59 30.56
C SER A 179 14.84 -4.66 29.92
N GLY A 180 15.93 -4.22 29.29
CA GLY A 180 16.81 -5.10 28.55
C GLY A 180 16.29 -5.62 27.22
N VAL A 181 15.17 -5.10 26.73
CA VAL A 181 14.63 -5.48 25.43
C VAL A 181 15.30 -4.62 24.34
N HIS A 182 15.76 -5.28 23.26
CA HIS A 182 16.18 -4.59 22.04
C HIS A 182 15.43 -5.18 20.86
N THR A 183 14.51 -4.40 20.28
CA THR A 183 13.83 -4.78 19.05
C THR A 183 14.53 -4.11 17.88
N PHE A 184 15.12 -4.92 16.98
CA PHE A 184 16.00 -4.30 15.99
C PHE A 184 15.20 -3.74 14.83
N PRO A 185 15.69 -2.67 14.17
CA PRO A 185 15.09 -2.24 12.90
C PRO A 185 15.12 -3.38 11.91
N ALA A 186 14.06 -3.47 11.11
CA ALA A 186 13.97 -4.54 10.13
C ALA A 186 15.00 -4.34 9.04
N VAL A 187 15.44 -5.44 8.45
CA VAL A 187 16.22 -5.40 7.23
C VAL A 187 15.34 -5.85 6.09
N LEU A 188 15.62 -5.33 4.89
CA LEU A 188 14.99 -5.82 3.68
C LEU A 188 15.84 -6.95 3.10
N GLN A 189 15.27 -8.12 3.00
CA GLN A 189 16.03 -9.26 2.49
C GLN A 189 16.04 -9.25 0.98
N SER A 190 16.94 -10.05 0.41
CA SER A 190 17.04 -10.15 -1.04
C SER A 190 15.74 -10.67 -1.65
N SER A 191 14.96 -11.44 -0.89
CA SER A 191 13.65 -11.84 -1.37
C SER A 191 12.67 -10.68 -1.54
N GLY A 192 12.97 -9.48 -1.02
CA GLY A 192 11.97 -8.42 -0.97
C GLY A 192 11.07 -8.43 0.25
N LEU A 193 11.26 -9.37 1.17
CA LEU A 193 10.52 -9.43 2.42
C LEU A 193 11.38 -8.92 3.55
N TYR A 194 10.75 -8.39 4.58
CA TYR A 194 11.42 -7.83 5.73
C TYR A 194 11.65 -8.91 6.78
N SER A 195 12.60 -8.66 7.65
CA SER A 195 12.83 -9.56 8.76
C SER A 195 13.45 -8.73 9.87
N LEU A 196 13.13 -9.09 11.10
CA LEU A 196 13.73 -8.44 12.26
C LEU A 196 13.79 -9.46 13.39
N SER A 197 14.62 -9.16 14.38
CA SER A 197 14.62 -9.90 15.63
C SER A 197 14.32 -8.94 16.78
N SER A 198 13.73 -9.47 17.83
CA SER A 198 13.63 -8.76 19.09
C SER A 198 14.22 -9.66 20.17
N VAL A 199 15.09 -9.10 21.01
CA VAL A 199 15.82 -9.89 21.99
C VAL A 199 15.66 -9.24 23.35
N VAL A 200 15.91 -10.03 24.39
CA VAL A 200 15.93 -9.50 25.75
C VAL A 200 16.96 -10.30 26.55
N THR A 201 17.67 -9.62 27.44
CA THR A 201 18.55 -10.29 28.39
C THR A 201 17.89 -10.30 29.76
N VAL A 202 18.01 -11.44 30.44
CA VAL A 202 17.35 -11.72 31.71
C VAL A 202 18.31 -12.53 32.56
N PRO A 203 18.05 -12.63 33.87
CA PRO A 203 18.89 -13.51 34.70
C PRO A 203 18.72 -14.97 34.33
N SER A 204 19.84 -15.70 34.29
CA SER A 204 19.78 -17.12 33.98
C SER A 204 18.97 -17.88 35.00
N SER A 205 18.98 -17.42 36.26
CA SER A 205 18.17 -18.07 37.29
C SER A 205 16.69 -18.02 36.98
N SER A 206 16.22 -17.04 36.21
CA SER A 206 14.81 -16.92 35.90
C SER A 206 14.30 -17.95 34.90
N LEU A 207 15.19 -18.61 34.13
CA LEU A 207 14.73 -19.43 33.01
C LEU A 207 13.85 -20.60 33.47
N GLY A 208 14.10 -21.12 34.68
CA GLY A 208 13.22 -22.16 35.21
C GLY A 208 11.82 -21.66 35.51
N THR A 209 11.70 -20.47 36.11
CA THR A 209 10.46 -20.02 36.71
C THR A 209 9.66 -19.04 35.87
N GLN A 210 10.28 -18.15 35.10
CA GLN A 210 9.56 -17.08 34.40
C GLN A 210 9.29 -17.44 32.95
N THR A 211 8.05 -17.24 32.51
CA THR A 211 7.68 -17.47 31.13
C THR A 211 7.93 -16.21 30.32
N TYR A 212 8.43 -16.39 29.10
CA TYR A 212 8.72 -15.28 28.21
C TYR A 212 7.97 -15.50 26.92
N ILE A 213 7.17 -14.51 26.54
CA ILE A 213 6.33 -14.60 25.36
C ILE A 213 6.52 -13.31 24.59
N CYS A 214 6.87 -13.43 23.31
CA CYS A 214 6.88 -12.26 22.43
C CYS A 214 5.53 -12.16 21.71
N ASN A 215 4.94 -10.96 21.75
CA ASN A 215 3.68 -10.65 21.10
C ASN A 215 3.98 -9.89 19.82
N VAL A 216 3.65 -10.49 18.68
CA VAL A 216 4.00 -9.94 17.39
C VAL A 216 2.71 -9.56 16.66
N ASN A 217 2.68 -8.36 16.10
CA ASN A 217 1.50 -7.85 15.42
C ASN A 217 1.91 -7.27 14.09
N HIS A 218 1.35 -7.80 13.01
CA HIS A 218 1.58 -7.27 11.67
C HIS A 218 0.21 -6.87 11.15
N LYS A 219 -0.15 -5.60 11.33
CA LYS A 219 -1.50 -5.17 10.95
C LYS A 219 -1.79 -5.33 9.46
N PRO A 220 -0.90 -4.98 8.52
CA PRO A 220 -1.24 -5.13 7.10
C PRO A 220 -1.75 -6.50 6.70
N SER A 221 -1.33 -7.57 7.38
CA SER A 221 -1.84 -8.92 7.10
C SER A 221 -2.77 -9.39 8.19
N ASN A 222 -3.10 -8.52 9.15
CA ASN A 222 -3.81 -8.88 10.36
C ASN A 222 -3.24 -10.16 10.99
N THR A 223 -1.93 -10.17 11.18
CA THR A 223 -1.28 -11.32 11.79
C THR A 223 -0.90 -10.94 13.21
N LYS A 224 -1.32 -11.76 14.16
CA LYS A 224 -1.05 -11.54 15.58
C LYS A 224 -0.64 -12.89 16.15
N VAL A 225 0.54 -12.94 16.75
CA VAL A 225 1.14 -14.18 17.21
C VAL A 225 1.73 -13.95 18.59
N ASP A 226 1.47 -14.86 19.51
CA ASP A 226 2.18 -14.89 20.79
C ASP A 226 3.03 -16.15 20.80
N LYS A 227 4.35 -16.00 20.90
CA LYS A 227 5.23 -17.15 20.86
C LYS A 227 5.94 -17.28 22.19
N LYS A 228 5.76 -18.43 22.82
CA LYS A 228 6.45 -18.73 24.06
C LYS A 228 7.87 -19.17 23.74
N VAL A 229 8.86 -18.51 24.36
CA VAL A 229 10.26 -18.83 24.13
C VAL A 229 10.80 -19.55 25.36
N GLU A 230 11.20 -20.80 25.20
CA GLU A 230 11.72 -21.59 26.29
C GLU A 230 13.08 -22.17 25.94
N PRO A 231 13.84 -22.67 26.93
CA PRO A 231 15.12 -23.28 26.60
C PRO A 231 14.90 -24.60 25.88
N LYS A 232 15.84 -24.96 25.01
CA LYS A 232 15.65 -26.21 24.24
C LYS A 232 15.95 -27.46 25.06
N GLU B 1 24.39 21.27 -9.33
CA GLU B 1 23.92 21.13 -7.96
C GLU B 1 24.95 21.59 -6.96
N ILE B 2 24.54 22.35 -5.96
CA ILE B 2 25.46 22.68 -4.89
C ILE B 2 25.55 21.46 -3.98
N VAL B 3 26.76 20.91 -3.82
CA VAL B 3 26.99 19.76 -2.96
C VAL B 3 27.40 20.29 -1.59
N LEU B 4 26.72 19.83 -0.56
CA LEU B 4 26.99 20.24 0.80
C LEU B 4 27.65 19.06 1.51
N THR B 5 28.83 19.29 2.08
CA THR B 5 29.60 18.26 2.75
C THR B 5 29.66 18.59 4.23
N GLN B 6 29.08 17.73 5.04
CA GLN B 6 29.10 17.95 6.47
C GLN B 6 30.23 17.15 7.09
N SER B 7 30.81 17.73 8.15
CA SER B 7 31.86 17.06 8.88
C SER B 7 31.82 17.54 10.31
N PRO B 8 32.24 16.71 11.28
CA PRO B 8 32.58 15.31 11.03
C PRO B 8 31.30 14.50 10.82
N ALA B 9 31.40 13.23 10.41
CA ALA B 9 30.21 12.42 10.26
C ALA B 9 29.54 12.19 11.62
N THR B 10 30.35 11.98 12.65
CA THR B 10 29.87 11.73 14.00
C THR B 10 30.68 12.55 15.00
N LEU B 11 29.98 13.25 15.87
CA LEU B 11 30.55 13.94 17.01
C LEU B 11 30.16 13.17 18.26
N SER B 12 31.14 12.83 19.09
CA SER B 12 30.90 12.07 20.31
C SER B 12 31.30 12.95 21.49
N LEU B 13 30.32 13.30 22.32
CA LEU B 13 30.48 14.39 23.27
C LEU B 13 29.59 14.12 24.48
N SER B 14 29.85 14.87 25.52
CA SER B 14 29.15 14.72 26.78
C SER B 14 28.21 15.89 26.99
N PRO B 15 27.11 15.69 27.73
CA PRO B 15 26.25 16.82 28.07
C PRO B 15 27.08 17.90 28.75
N GLY B 16 26.84 19.15 28.33
CA GLY B 16 27.58 20.28 28.84
C GLY B 16 28.72 20.74 27.97
N GLU B 17 29.18 19.91 27.04
CA GLU B 17 30.28 20.31 26.19
C GLU B 17 29.79 21.14 25.01
N ARG B 18 30.74 21.77 24.32
CA ARG B 18 30.47 22.57 23.14
C ARG B 18 30.57 21.72 21.88
N ALA B 19 29.60 21.86 20.98
CA ALA B 19 29.58 21.13 19.72
C ALA B 19 29.72 22.11 18.56
N THR B 20 30.65 21.81 17.65
CA THR B 20 30.93 22.63 16.49
C THR B 20 30.76 21.77 15.24
N LEU B 21 29.78 22.11 14.40
CA LEU B 21 29.40 21.35 13.22
C LEU B 21 29.68 22.18 11.98
N SER B 22 30.29 21.56 10.97
CA SER B 22 30.66 22.28 9.76
C SER B 22 29.88 21.78 8.55
N CYS B 23 29.70 22.68 7.60
CA CYS B 23 29.05 22.42 6.32
C CYS B 23 29.83 23.19 5.26
N GLY B 24 30.36 22.48 4.27
CA GLY B 24 31.07 23.10 3.15
C GLY B 24 30.30 22.91 1.86
N ALA B 25 30.23 23.97 1.07
CA ALA B 25 29.49 23.95 -0.19
C ALA B 25 30.47 23.89 -1.35
N SER B 26 30.10 23.16 -2.40
CA SER B 26 30.96 23.06 -3.57
C SER B 26 31.04 24.37 -4.36
N GLN B 27 30.10 25.29 -4.15
CA GLN B 27 30.19 26.62 -4.74
C GLN B 27 29.43 27.58 -3.84
N SER B 28 29.62 28.88 -4.10
CA SER B 28 29.14 29.90 -3.17
C SER B 28 27.62 29.86 -3.02
N VAL B 29 27.15 29.96 -1.78
CA VAL B 29 25.73 29.89 -1.48
C VAL B 29 25.21 31.33 -1.46
N SER B 30 24.39 31.67 -2.44
CA SER B 30 24.00 33.06 -2.60
C SER B 30 23.16 33.55 -1.41
N SER B 31 23.39 34.81 -1.04
CA SER B 31 22.62 35.54 -0.01
C SER B 31 22.70 34.88 1.36
N SER B 32 23.71 34.04 1.61
CA SER B 32 23.83 33.27 2.85
C SER B 32 22.59 32.40 3.10
N TYR B 33 21.98 31.91 2.02
CA TYR B 33 20.74 31.13 2.08
C TYR B 33 21.06 29.70 2.52
N LEU B 34 21.37 29.55 3.81
CA LEU B 34 21.76 28.28 4.38
C LEU B 34 21.03 28.06 5.69
N ALA B 35 20.41 26.89 5.85
CA ALA B 35 19.66 26.56 7.05
C ALA B 35 20.24 25.31 7.74
N TRP B 36 19.95 25.17 9.03
CA TRP B 36 20.33 24.01 9.81
C TRP B 36 19.09 23.38 10.45
N TYR B 37 19.04 22.05 10.45
CA TYR B 37 17.92 21.29 10.97
C TYR B 37 18.42 20.26 11.98
N GLN B 38 17.56 19.94 12.94
CA GLN B 38 17.73 18.81 13.82
C GLN B 38 16.73 17.73 13.44
N GLN B 39 17.15 16.46 13.48
CA GLN B 39 16.21 15.38 13.24
C GLN B 39 16.50 14.22 14.18
N LYS B 40 15.50 13.79 14.89
CA LYS B 40 15.54 12.62 15.75
C LYS B 40 14.81 11.45 15.10
N PRO B 41 15.12 10.20 15.49
CA PRO B 41 14.52 9.03 14.81
C PRO B 41 12.99 9.05 14.79
N GLY B 42 12.43 8.85 13.60
CA GLY B 42 11.00 8.81 13.47
C GLY B 42 10.31 10.15 13.32
N LEU B 43 11.04 11.25 13.41
CA LEU B 43 10.43 12.58 13.43
C LEU B 43 10.89 13.38 12.22
N ALA B 44 10.08 14.36 11.87
CA ALA B 44 10.44 15.29 10.80
C ALA B 44 11.58 16.20 11.27
N PRO B 45 12.38 16.69 10.33
CA PRO B 45 13.40 17.69 10.68
C PRO B 45 12.77 18.90 11.35
N ARG B 46 13.58 19.60 12.13
CA ARG B 46 13.13 20.78 12.85
C ARG B 46 14.11 21.92 12.57
N LEU B 47 13.59 23.03 12.07
CA LEU B 47 14.45 24.14 11.71
C LEU B 47 15.05 24.79 12.95
N LEU B 48 16.37 24.98 12.94
CA LEU B 48 17.10 25.64 14.00
C LEU B 48 17.57 27.04 13.60
N ILE B 49 18.24 27.13 12.47
CA ILE B 49 18.90 28.33 11.98
C ILE B 49 18.53 28.48 10.51
N TYR B 50 18.28 29.72 10.09
CA TYR B 50 18.11 30.03 8.68
C TYR B 50 18.90 31.29 8.36
N ASP B 51 19.06 31.55 7.06
CA ASP B 51 19.88 32.65 6.58
C ASP B 51 21.24 32.65 7.27
N ALA B 52 21.81 31.45 7.45
CA ALA B 52 23.13 31.24 8.04
C ALA B 52 23.19 31.51 9.54
N SER B 53 22.56 32.61 10.01
CA SER B 53 22.77 33.01 11.40
C SER B 53 21.53 33.38 12.19
N SER B 54 20.32 33.29 11.64
CA SER B 54 19.15 33.70 12.39
C SER B 54 18.50 32.49 13.06
N ARG B 55 18.18 32.65 14.34
CA ARG B 55 17.54 31.61 15.13
C ARG B 55 16.07 31.55 14.78
N ALA B 56 15.57 30.36 14.50
CA ALA B 56 14.16 30.17 14.27
C ALA B 56 13.38 30.40 15.56
N THR B 57 12.07 30.62 15.42
CA THR B 57 11.23 30.92 16.57
C THR B 57 11.21 29.76 17.56
N GLY B 58 11.37 30.09 18.84
CA GLY B 58 11.32 29.08 19.86
C GLY B 58 12.59 28.29 20.05
N ILE B 59 13.63 28.55 19.25
CA ILE B 59 14.88 27.79 19.38
C ILE B 59 15.72 28.38 20.51
N PRO B 60 16.20 27.58 21.46
CA PRO B 60 16.96 28.13 22.58
C PRO B 60 18.29 28.72 22.16
N ASP B 61 18.81 29.59 23.04
CA ASP B 61 19.98 30.43 22.74
C ASP B 61 21.26 29.64 22.54
N ARG B 62 21.37 28.42 23.07
CA ARG B 62 22.63 27.69 22.92
C ARG B 62 22.93 27.33 21.46
N PHE B 63 21.94 27.35 20.57
CA PHE B 63 22.15 27.13 19.14
C PHE B 63 22.47 28.44 18.44
N SER B 64 23.57 28.47 17.69
CA SER B 64 23.86 29.62 16.83
C SER B 64 24.52 29.14 15.54
N GLY B 65 24.39 29.94 14.49
CA GLY B 65 25.04 29.65 13.23
C GLY B 65 25.83 30.82 12.70
N SER B 66 26.85 30.51 11.91
CA SER B 66 27.70 31.53 11.29
C SER B 66 28.23 31.01 9.97
N GLY B 67 28.81 31.93 9.20
CA GLY B 67 29.51 31.60 7.97
C GLY B 67 28.91 32.31 6.78
N SER B 68 29.57 32.12 5.64
CA SER B 68 29.19 32.76 4.39
C SER B 68 29.95 32.07 3.28
N GLY B 69 29.53 32.33 2.04
CA GLY B 69 30.20 31.80 0.88
C GLY B 69 30.09 30.30 0.76
N THR B 70 31.15 29.59 1.17
CA THR B 70 31.19 28.13 1.06
C THR B 70 31.48 27.44 2.38
N ASP B 71 31.56 28.18 3.49
CA ASP B 71 31.89 27.59 4.79
C ASP B 71 30.88 28.07 5.83
N PHE B 72 30.23 27.13 6.50
CA PHE B 72 29.19 27.45 7.46
C PHE B 72 29.35 26.56 8.67
N THR B 73 28.90 27.06 9.82
CA THR B 73 29.13 26.35 11.07
C THR B 73 27.90 26.46 11.95
N LEU B 74 27.48 25.34 12.52
CA LEU B 74 26.49 25.32 13.57
C LEU B 74 27.22 25.04 14.86
N THR B 75 26.95 25.85 15.89
CA THR B 75 27.59 25.65 17.18
C THR B 75 26.50 25.48 18.23
N ILE B 76 26.66 24.49 19.08
CA ILE B 76 25.83 24.29 20.26
C ILE B 76 26.74 24.54 21.46
N SER B 77 26.51 25.65 22.16
CA SER B 77 27.50 26.10 23.15
C SER B 77 27.63 25.10 24.30
N ARG B 78 26.51 24.59 24.79
CA ARG B 78 26.54 23.65 25.92
C ARG B 78 25.42 22.65 25.71
N LEU B 79 25.80 21.42 25.35
CA LEU B 79 24.81 20.41 24.98
C LEU B 79 23.95 20.06 26.18
N GLU B 80 22.66 19.95 25.93
CA GLU B 80 21.69 19.35 26.82
C GLU B 80 21.38 17.93 26.37
N PRO B 81 20.81 17.09 27.24
CA PRO B 81 20.46 15.72 26.81
C PRO B 81 19.59 15.65 25.57
N GLU B 82 18.67 16.58 25.38
CA GLU B 82 17.79 16.51 24.22
C GLU B 82 18.46 16.95 22.92
N ASP B 83 19.73 17.33 22.95
CA ASP B 83 20.41 17.82 21.75
C ASP B 83 21.12 16.72 20.97
N PHE B 84 21.15 15.50 21.48
CA PHE B 84 21.79 14.41 20.76
C PHE B 84 20.83 13.92 19.69
N ALA B 85 21.29 14.00 18.44
CA ALA B 85 20.42 13.87 17.29
C ALA B 85 21.28 14.00 16.05
N VAL B 86 20.66 13.94 14.86
CA VAL B 86 21.33 14.18 13.60
C VAL B 86 21.04 15.62 13.18
N TYR B 87 22.03 16.30 12.61
CA TYR B 87 21.89 17.68 12.16
C TYR B 87 22.23 17.76 10.68
N TYR B 88 21.37 18.46 9.93
CA TYR B 88 21.50 18.67 8.49
C TYR B 88 21.63 20.14 8.17
N CYS B 89 22.56 20.48 7.29
CA CYS B 89 22.56 21.78 6.62
C CYS B 89 21.76 21.71 5.32
N GLN B 90 21.18 22.85 4.94
CA GLN B 90 20.41 22.95 3.70
C GLN B 90 20.67 24.30 3.06
N GLN B 91 20.95 24.32 1.75
CA GLN B 91 21.12 25.56 1.02
C GLN B 91 19.91 25.77 0.11
N TYR B 92 19.49 27.04 0.01
CA TYR B 92 18.42 27.44 -0.90
C TYR B 92 18.84 28.66 -1.71
N GLY B 93 20.14 28.93 -1.77
CA GLY B 93 20.63 29.98 -2.64
C GLY B 93 20.53 29.64 -4.11
N SER B 94 20.53 28.35 -4.44
CA SER B 94 20.41 27.91 -5.83
C SER B 94 19.47 26.71 -5.91
N SER B 95 18.76 26.61 -7.03
CA SER B 95 17.91 25.47 -7.36
C SER B 95 18.73 24.37 -8.04
N PRO B 96 18.52 23.08 -7.71
CA PRO B 96 17.59 22.59 -6.70
C PRO B 96 18.10 22.80 -5.27
N LEU B 97 17.18 22.92 -4.33
CA LEU B 97 17.56 22.91 -2.93
C LEU B 97 18.27 21.60 -2.62
N THR B 98 19.34 21.67 -1.82
CA THR B 98 20.12 20.49 -1.48
C THR B 98 20.41 20.48 0.00
N PHE B 99 20.64 19.28 0.54
CA PHE B 99 20.95 19.06 1.94
C PHE B 99 22.32 18.41 2.07
N GLY B 100 23.00 18.67 3.18
CA GLY B 100 24.18 17.89 3.53
C GLY B 100 23.81 16.47 3.97
N GLY B 101 24.84 15.62 4.06
CA GLY B 101 24.64 14.23 4.45
C GLY B 101 24.40 14.00 5.91
N GLY B 102 24.54 15.03 6.72
CA GLY B 102 24.19 14.91 8.13
C GLY B 102 25.40 14.68 9.01
N THR B 103 25.32 15.19 10.24
CA THR B 103 26.29 14.92 11.28
C THR B 103 25.50 14.39 12.47
N LYS B 104 25.89 13.22 12.98
CA LYS B 104 25.26 12.66 14.16
C LYS B 104 26.01 13.15 15.39
N VAL B 105 25.27 13.70 16.36
CA VAL B 105 25.84 14.06 17.65
C VAL B 105 25.36 13.02 18.65
N GLU B 106 26.28 12.19 19.14
CA GLU B 106 25.97 11.09 20.03
C GLU B 106 26.64 11.29 21.38
N ILE B 107 26.13 10.61 22.41
CA ILE B 107 26.68 10.72 23.75
C ILE B 107 27.95 9.88 23.86
N LYS B 108 29.05 10.52 24.22
CA LYS B 108 30.29 9.80 24.52
C LYS B 108 30.20 9.21 25.92
N ARG B 109 30.64 7.97 26.06
CA ARG B 109 30.70 7.30 27.35
C ARG B 109 31.92 6.41 27.35
N THR B 110 32.16 5.72 28.45
CA THR B 110 33.35 4.91 28.52
C THR B 110 33.19 3.66 27.65
N VAL B 111 34.31 3.21 27.10
CA VAL B 111 34.31 2.04 26.23
C VAL B 111 33.70 0.85 26.95
N ALA B 112 32.84 0.11 26.25
CA ALA B 112 32.17 -1.04 26.80
C ALA B 112 32.12 -2.13 25.75
N ALA B 113 32.70 -3.28 26.07
CA ALA B 113 32.71 -4.42 25.18
C ALA B 113 31.33 -5.03 25.07
N PRO B 114 30.98 -5.59 23.92
CA PRO B 114 29.68 -6.28 23.81
C PRO B 114 29.70 -7.59 24.56
N SER B 115 28.55 -7.92 25.17
CA SER B 115 28.24 -9.32 25.46
C SER B 115 27.74 -9.97 24.18
N VAL B 116 28.29 -11.12 23.83
CA VAL B 116 28.01 -11.78 22.56
C VAL B 116 27.24 -13.08 22.81
N PHE B 117 26.22 -13.31 22.00
CA PHE B 117 25.37 -14.50 22.10
C PHE B 117 25.11 -15.03 20.70
N ILE B 118 25.08 -16.35 20.55
CA ILE B 118 24.75 -16.93 19.27
C ILE B 118 23.53 -17.83 19.43
N PHE B 119 22.63 -17.79 18.45
CA PHE B 119 21.39 -18.55 18.47
C PHE B 119 21.33 -19.49 17.26
N PRO B 120 21.24 -20.80 17.47
CA PRO B 120 21.03 -21.69 16.34
C PRO B 120 19.63 -21.50 15.78
N PRO B 121 19.36 -22.01 14.57
CA PRO B 121 17.98 -22.01 14.08
C PRO B 121 17.11 -22.89 14.97
N SER B 122 15.87 -22.46 15.17
CA SER B 122 14.87 -23.32 15.77
C SER B 122 14.64 -24.59 14.92
N ASP B 123 14.31 -25.69 15.60
CA ASP B 123 13.99 -26.93 14.88
C ASP B 123 12.81 -26.76 13.94
N GLU B 124 11.78 -26.01 14.35
CA GLU B 124 10.64 -25.81 13.45
C GLU B 124 11.04 -25.07 12.17
N GLN B 125 11.90 -24.04 12.28
CA GLN B 125 12.32 -23.36 11.06
C GLN B 125 13.14 -24.27 10.17
N LEU B 126 14.08 -25.00 10.78
CA LEU B 126 14.95 -25.88 10.00
C LEU B 126 14.14 -26.92 9.23
N LYS B 127 13.13 -27.49 9.87
CA LYS B 127 12.30 -28.49 9.21
C LYS B 127 11.51 -27.89 8.06
N SER B 128 11.17 -26.60 8.15
CA SER B 128 10.46 -25.94 7.07
C SER B 128 11.40 -25.62 5.91
N GLY B 129 12.70 -25.87 6.06
CA GLY B 129 13.65 -25.76 4.98
C GLY B 129 14.67 -24.62 5.00
N THR B 130 14.75 -23.83 6.08
CA THR B 130 15.69 -22.72 6.15
C THR B 130 16.36 -22.68 7.52
N ALA B 131 17.59 -22.15 7.57
CA ALA B 131 18.30 -21.99 8.83
C ALA B 131 18.71 -20.52 8.96
N SER B 132 18.15 -19.82 9.93
CA SER B 132 18.61 -18.50 10.27
C SER B 132 19.44 -18.64 11.53
N VAL B 133 20.67 -18.11 11.50
CA VAL B 133 21.56 -18.14 12.66
C VAL B 133 21.82 -16.70 13.06
N VAL B 134 21.60 -16.38 14.33
CA VAL B 134 21.63 -15.00 14.78
C VAL B 134 22.75 -14.82 15.78
N CYS B 135 23.56 -13.79 15.56
CA CYS B 135 24.59 -13.39 16.50
C CYS B 135 24.21 -12.02 17.05
N LEU B 136 24.21 -11.90 18.38
CA LEU B 136 23.82 -10.68 19.07
C LEU B 136 25.01 -10.08 19.78
N LEU B 137 25.25 -8.78 19.55
CA LEU B 137 26.24 -8.00 20.28
C LEU B 137 25.46 -7.01 21.13
N ASN B 138 25.49 -7.18 22.45
CA ASN B 138 24.60 -6.46 23.36
C ASN B 138 25.35 -5.36 24.13
N ASN B 139 24.82 -4.14 24.05
CA ASN B 139 25.19 -3.03 24.93
C ASN B 139 26.69 -2.74 24.89
N PHE B 140 27.14 -2.25 23.75
CA PHE B 140 28.55 -1.91 23.59
C PHE B 140 28.68 -0.44 23.24
N TYR B 141 29.93 0.05 23.37
CA TYR B 141 30.27 1.42 22.99
C TYR B 141 31.78 1.46 22.78
N PRO B 142 32.27 2.09 21.70
CA PRO B 142 31.53 2.85 20.68
C PRO B 142 30.82 1.98 19.64
N ARG B 143 30.17 2.64 18.67
N ARG B 143 30.18 2.63 18.65
CA ARG B 143 29.31 1.92 17.72
CA ARG B 143 29.30 1.93 17.72
C ARG B 143 30.08 0.97 16.84
C ARG B 143 30.06 1.01 16.78
N GLU B 144 31.31 1.32 16.46
CA GLU B 144 32.07 0.54 15.50
C GLU B 144 32.31 -0.88 16.00
N ALA B 145 31.96 -1.87 15.19
CA ALA B 145 32.19 -3.25 15.55
C ALA B 145 32.27 -4.07 14.27
N LYS B 146 33.04 -5.17 14.31
CA LYS B 146 33.13 -6.04 13.15
C LYS B 146 32.72 -7.46 13.53
N VAL B 147 31.81 -8.01 12.75
CA VAL B 147 31.25 -9.34 12.97
C VAL B 147 31.56 -10.17 11.74
N GLN B 148 32.22 -11.29 11.94
CA GLN B 148 32.49 -12.25 10.87
C GLN B 148 31.85 -13.58 11.22
N TRP B 149 31.21 -14.20 10.23
CA TRP B 149 30.67 -15.53 10.37
C TRP B 149 31.68 -16.54 9.84
N LYS B 150 31.95 -17.57 10.62
CA LYS B 150 32.82 -18.64 10.14
C LYS B 150 32.11 -19.97 10.32
N VAL B 151 32.05 -20.75 9.25
CA VAL B 151 31.34 -22.02 9.27
C VAL B 151 32.38 -23.09 8.98
N ASP B 152 32.64 -23.94 9.99
CA ASP B 152 33.76 -24.89 9.94
C ASP B 152 35.02 -24.17 9.48
N ASN B 153 35.22 -22.97 10.04
CA ASN B 153 36.30 -22.00 9.87
C ASN B 153 36.21 -21.18 8.58
N ALA B 154 35.29 -21.47 7.67
CA ALA B 154 35.24 -20.77 6.40
C ALA B 154 34.48 -19.45 6.55
N LEU B 155 35.14 -18.36 6.19
CA LEU B 155 34.52 -17.04 6.29
C LEU B 155 33.35 -16.95 5.31
N GLN B 156 32.22 -16.45 5.79
CA GLN B 156 31.03 -16.31 4.97
C GLN B 156 30.97 -14.91 4.37
N SER B 157 30.45 -14.84 3.14
CA SER B 157 30.26 -13.59 2.41
C SER B 157 28.96 -13.66 1.64
N GLY B 158 28.20 -12.56 1.68
CA GLY B 158 27.02 -12.42 0.86
C GLY B 158 25.76 -13.05 1.42
N ASN B 159 25.84 -13.75 2.56
CA ASN B 159 24.67 -14.43 3.12
C ASN B 159 24.33 -13.98 4.54
N SER B 160 24.71 -12.76 4.92
CA SER B 160 24.40 -12.25 6.25
C SER B 160 23.97 -10.80 6.16
N GLN B 161 23.16 -10.36 7.14
CA GLN B 161 22.70 -8.98 7.21
C GLN B 161 22.75 -8.48 8.65
N GLU B 162 23.11 -7.22 8.83
CA GLU B 162 23.26 -6.63 10.16
C GLU B 162 22.18 -5.59 10.41
N SER B 163 21.85 -5.40 11.68
CA SER B 163 20.93 -4.34 12.09
C SER B 163 21.45 -3.76 13.41
N VAL B 164 21.29 -2.44 13.59
CA VAL B 164 21.83 -1.77 14.78
C VAL B 164 20.74 -0.93 15.41
N THR B 165 20.69 -0.93 16.74
CA THR B 165 19.74 -0.07 17.42
C THR B 165 20.23 1.38 17.45
N GLU B 166 19.32 2.28 17.80
CA GLU B 166 19.71 3.64 18.16
C GLU B 166 20.39 3.61 19.53
N GLN B 167 21.22 4.63 19.78
CA GLN B 167 21.88 4.73 21.07
C GLN B 167 20.88 4.70 22.22
N ASP B 168 21.16 3.85 23.21
CA ASP B 168 20.24 3.71 24.33
C ASP B 168 20.20 4.99 25.16
N SER B 169 18.99 5.42 25.53
CA SER B 169 18.82 6.68 26.24
C SER B 169 19.41 6.64 27.63
N LYS B 170 19.46 5.46 28.27
CA LYS B 170 19.90 5.39 29.66
C LYS B 170 21.35 4.97 29.83
N ASP B 171 21.88 4.01 29.06
CA ASP B 171 23.28 3.65 29.21
C ASP B 171 24.15 4.09 28.06
N SER B 172 23.57 4.69 27.01
CA SER B 172 24.32 5.22 25.88
C SER B 172 25.11 4.15 25.12
N THR B 173 24.64 2.89 25.16
CA THR B 173 25.25 1.84 24.36
C THR B 173 24.42 1.56 23.11
N TYR B 174 25.02 0.80 22.21
CA TYR B 174 24.37 0.26 21.02
C TYR B 174 24.29 -1.24 21.17
N SER B 175 23.37 -1.84 20.41
CA SER B 175 23.31 -3.28 20.22
C SER B 175 23.16 -3.57 18.74
N LEU B 176 23.61 -4.75 18.33
CA LEU B 176 23.75 -5.10 16.92
C LEU B 176 23.41 -6.57 16.76
N SER B 177 22.66 -6.89 15.72
CA SER B 177 22.41 -8.26 15.34
C SER B 177 23.05 -8.52 13.98
N SER B 178 23.52 -9.74 13.79
CA SER B 178 23.92 -10.18 12.46
C SER B 178 23.23 -11.52 12.24
N THR B 179 22.63 -11.69 11.06
CA THR B 179 21.83 -12.89 10.80
C THR B 179 22.37 -13.60 9.57
N LEU B 180 22.79 -14.84 9.75
CA LEU B 180 23.27 -15.70 8.67
C LEU B 180 22.14 -16.62 8.21
N THR B 181 21.85 -16.62 6.90
CA THR B 181 20.74 -17.42 6.36
C THR B 181 21.26 -18.45 5.36
N LEU B 182 20.97 -19.72 5.61
CA LEU B 182 21.27 -20.81 4.70
C LEU B 182 20.02 -21.63 4.44
N SER B 183 19.98 -22.29 3.28
CA SER B 183 19.06 -23.40 3.06
C SER B 183 19.32 -24.51 4.07
N LYS B 184 18.27 -25.27 4.38
CA LYS B 184 18.44 -26.48 5.19
C LYS B 184 19.56 -27.37 4.66
N ALA B 185 19.59 -27.59 3.35
CA ALA B 185 20.62 -28.45 2.75
C ALA B 185 22.03 -27.90 2.98
N ASP B 186 22.22 -26.59 2.79
CA ASP B 186 23.54 -26.00 3.00
C ASP B 186 23.92 -26.03 4.47
N TYR B 187 22.97 -25.71 5.35
CA TYR B 187 23.23 -25.76 6.78
C TYR B 187 23.74 -27.14 7.22
N GLU B 188 23.13 -28.20 6.70
CA GLU B 188 23.47 -29.56 7.13
C GLU B 188 24.76 -30.08 6.50
N LYS B 189 25.44 -29.29 5.67
CA LYS B 189 26.75 -29.65 5.16
C LYS B 189 27.88 -29.34 6.14
N HIS B 190 27.60 -28.60 7.22
CA HIS B 190 28.66 -28.11 8.09
C HIS B 190 28.30 -28.38 9.54
N LYS B 191 29.30 -28.26 10.42
CA LYS B 191 29.13 -28.57 11.83
C LYS B 191 29.20 -27.34 12.73
N VAL B 192 30.29 -26.57 12.67
CA VAL B 192 30.54 -25.48 13.61
C VAL B 192 30.06 -24.16 13.02
N TYR B 193 29.17 -23.48 13.74
CA TYR B 193 28.66 -22.17 13.35
C TYR B 193 29.16 -21.16 14.37
N ALA B 194 29.92 -20.17 13.90
CA ALA B 194 30.66 -19.27 14.80
C ALA B 194 30.54 -17.85 14.31
N CYS B 195 30.29 -16.93 15.22
CA CYS B 195 30.41 -15.51 14.91
C CYS B 195 31.55 -14.93 15.71
N GLU B 196 32.44 -14.22 15.03
CA GLU B 196 33.67 -13.68 15.61
C GLU B 196 33.58 -12.17 15.64
N VAL B 197 33.77 -11.59 16.83
CA VAL B 197 33.49 -10.17 17.07
C VAL B 197 34.78 -9.45 17.41
N THR B 198 35.02 -8.32 16.74
CA THR B 198 36.12 -7.42 17.04
C THR B 198 35.54 -6.09 17.50
N HIS B 199 36.03 -5.56 18.61
CA HIS B 199 35.55 -4.28 19.13
C HIS B 199 36.64 -3.67 19.99
N GLN B 200 36.60 -2.34 20.13
CA GLN B 200 37.63 -1.63 20.89
C GLN B 200 37.72 -2.14 22.32
N GLY B 201 36.60 -2.49 22.93
CA GLY B 201 36.67 -2.98 24.29
C GLY B 201 37.13 -4.41 24.45
N LEU B 202 37.64 -5.05 23.40
CA LEU B 202 38.06 -6.45 23.45
C LEU B 202 39.54 -6.53 23.14
N SER B 203 40.30 -7.14 24.06
CA SER B 203 41.73 -7.36 23.85
C SER B 203 41.98 -8.13 22.55
N SER B 204 41.23 -9.22 22.36
CA SER B 204 41.32 -10.08 21.19
C SER B 204 39.90 -10.41 20.73
N PRO B 205 39.72 -10.89 19.50
CA PRO B 205 38.37 -11.20 19.02
C PRO B 205 37.69 -12.25 19.89
N VAL B 206 36.42 -12.03 20.17
CA VAL B 206 35.59 -12.98 20.91
C VAL B 206 34.80 -13.80 19.91
N THR B 207 34.80 -15.13 20.09
CA THR B 207 34.04 -16.04 19.26
C THR B 207 33.00 -16.77 20.11
N LYS B 208 31.76 -16.75 19.65
CA LYS B 208 30.69 -17.61 20.18
C LYS B 208 30.28 -18.57 19.08
N SER B 209 30.12 -19.86 19.44
CA SER B 209 29.82 -20.90 18.45
C SER B 209 28.87 -21.94 19.01
N PHE B 210 28.33 -22.75 18.11
CA PHE B 210 27.69 -24.01 18.49
C PHE B 210 28.02 -25.02 17.41
N ASN B 211 27.83 -26.29 17.75
CA ASN B 211 27.96 -27.41 16.82
C ASN B 211 26.57 -27.89 16.45
N ARG B 212 26.27 -27.91 15.16
CA ARG B 212 24.94 -28.33 14.70
C ARG B 212 24.63 -29.74 15.20
N GLY B 213 23.47 -29.89 15.84
CA GLY B 213 23.05 -31.18 16.33
C GLY B 213 23.44 -31.51 17.76
N GLU B 214 24.09 -30.60 18.47
CA GLU B 214 24.49 -30.85 19.86
C GLU B 214 23.71 -29.95 20.80
N VAL C 15 -11.54 79.81 -23.47
CA VAL C 15 -11.71 78.35 -23.48
C VAL C 15 -11.81 77.82 -22.07
N GLU C 16 -12.90 77.13 -21.77
CA GLU C 16 -13.11 76.56 -20.45
C GLU C 16 -12.59 75.12 -20.39
N CYS C 17 -12.04 74.74 -19.25
CA CYS C 17 -11.60 73.37 -19.04
C CYS C 17 -12.83 72.45 -18.99
N ASP C 18 -12.84 71.41 -19.82
CA ASP C 18 -14.03 70.60 -20.03
C ASP C 18 -14.04 69.41 -19.08
N PHE C 19 -14.81 69.50 -18.00
CA PHE C 19 -14.97 68.41 -17.04
C PHE C 19 -16.11 67.45 -17.37
N SER C 20 -16.88 67.72 -18.43
CA SER C 20 -18.12 66.99 -18.69
C SER C 20 -17.96 65.49 -18.99
N PRO C 21 -16.86 65.01 -19.57
CA PRO C 21 -16.75 63.54 -19.72
C PRO C 21 -16.95 62.80 -18.42
N LEU C 22 -16.60 63.44 -17.30
CA LEU C 22 -16.79 62.85 -15.98
C LEU C 22 -18.26 62.54 -15.71
N LEU C 23 -19.17 63.38 -16.20
CA LEU C 23 -20.57 63.32 -15.79
C LEU C 23 -21.42 62.35 -16.61
N SER C 24 -20.86 61.72 -17.64
CA SER C 24 -21.63 60.85 -18.52
C SER C 24 -21.00 59.47 -18.57
N GLY C 25 -21.78 58.46 -18.20
CA GLY C 25 -21.36 57.08 -18.34
C GLY C 25 -21.00 56.45 -17.01
N THR C 26 -20.46 55.25 -17.09
CA THR C 26 -20.10 54.52 -15.89
C THR C 26 -18.65 54.80 -15.56
N PRO C 27 -18.35 55.40 -14.41
CA PRO C 27 -16.94 55.61 -14.02
C PRO C 27 -16.24 54.27 -13.88
N PRO C 28 -15.02 54.16 -14.40
CA PRO C 28 -14.30 52.88 -14.34
C PRO C 28 -13.97 52.53 -12.89
N GLN C 29 -13.52 51.29 -12.69
CA GLN C 29 -13.01 50.93 -11.38
C GLN C 29 -11.63 51.56 -11.15
N VAL C 30 -11.17 51.51 -9.90
CA VAL C 30 -10.01 52.30 -9.47
C VAL C 30 -8.75 51.91 -10.26
N TYR C 31 -8.57 50.62 -10.57
CA TYR C 31 -7.38 50.24 -11.33
C TYR C 31 -7.43 50.67 -12.80
N ASN C 32 -8.58 51.11 -13.28
CA ASN C 32 -8.71 51.69 -14.62
C ASN C 32 -9.04 53.17 -14.56
N PHE C 33 -8.50 53.88 -13.57
CA PHE C 33 -8.89 55.27 -13.37
C PHE C 33 -8.79 56.06 -14.67
N LYS C 34 -9.79 56.90 -14.91
CA LYS C 34 -9.84 57.73 -16.10
C LYS C 34 -9.19 59.08 -15.80
N ARG C 35 -8.27 59.50 -16.67
CA ARG C 35 -7.47 60.69 -16.47
C ARG C 35 -7.90 61.78 -17.45
N LEU C 36 -8.18 62.96 -16.93
CA LEU C 36 -8.37 64.14 -17.76
C LEU C 36 -7.26 65.13 -17.46
N VAL C 37 -6.62 65.66 -18.51
CA VAL C 37 -5.48 66.57 -18.39
C VAL C 37 -5.88 67.92 -18.96
N PHE C 38 -5.51 68.98 -18.26
CA PHE C 38 -5.90 70.32 -18.67
C PHE C 38 -4.71 71.25 -18.70
N THR C 39 -4.60 71.99 -19.81
CA THR C 39 -3.63 73.04 -20.03
C THR C 39 -4.34 74.15 -20.80
N ASN C 40 -3.84 75.36 -20.66
CA ASN C 40 -4.38 76.53 -21.34
C ASN C 40 -5.91 76.57 -21.39
N CYS C 41 -6.55 76.70 -20.23
CA CYS C 41 -8.00 76.76 -20.16
C CYS C 41 -8.36 77.33 -18.79
N ASN C 42 -9.64 77.66 -18.63
CA ASN C 42 -10.16 78.24 -17.39
C ASN C 42 -11.16 77.27 -16.77
N TYR C 43 -11.08 77.13 -15.45
CA TYR C 43 -11.84 76.11 -14.74
C TYR C 43 -12.70 76.72 -13.65
N ASN C 44 -13.74 75.99 -13.27
CA ASN C 44 -14.56 76.32 -12.09
C ASN C 44 -14.72 75.02 -11.31
N LEU C 45 -13.82 74.78 -10.36
CA LEU C 45 -13.90 73.55 -9.58
C LEU C 45 -15.06 73.59 -8.59
N THR C 46 -15.41 74.76 -8.09
CA THR C 46 -16.47 74.81 -7.09
C THR C 46 -17.84 74.49 -7.71
N LYS C 47 -18.02 74.78 -9.00
CA LYS C 47 -19.23 74.36 -9.69
C LYS C 47 -19.26 72.85 -9.91
N LEU C 48 -18.15 72.27 -10.34
CA LEU C 48 -18.11 70.82 -10.54
C LEU C 48 -18.47 70.08 -9.27
N LEU C 49 -17.88 70.49 -8.14
CA LEU C 49 -18.14 69.78 -6.89
C LEU C 49 -19.55 70.04 -6.35
N SER C 50 -20.20 71.12 -6.81
CA SER C 50 -21.57 71.39 -6.40
C SER C 50 -22.52 70.32 -6.93
N LEU C 51 -22.14 69.58 -7.97
CA LEU C 51 -22.97 68.52 -8.51
C LEU C 51 -22.89 67.22 -7.70
N PHE C 52 -22.01 67.12 -6.71
CA PHE C 52 -21.82 65.91 -5.92
C PHE C 52 -22.05 66.19 -4.44
N SER C 53 -22.25 65.12 -3.68
CA SER C 53 -22.29 65.20 -2.23
C SER C 53 -20.91 64.78 -1.74
N VAL C 54 -20.10 65.76 -1.34
CA VAL C 54 -18.68 65.53 -1.02
C VAL C 54 -18.57 64.99 0.40
N ASN C 55 -18.04 63.78 0.54
CA ASN C 55 -17.85 63.18 1.86
C ASN C 55 -16.46 63.44 2.43
N ASP C 56 -15.43 63.62 1.61
CA ASP C 56 -14.10 63.85 2.14
C ASP C 56 -13.27 64.58 1.08
N PHE C 57 -12.48 65.56 1.54
CA PHE C 57 -11.71 66.43 0.64
C PHE C 57 -10.42 66.82 1.37
N THR C 58 -9.34 66.08 1.11
CA THR C 58 -8.04 66.28 1.77
C THR C 58 -6.93 66.44 0.73
N CYS C 59 -5.93 67.25 1.05
CA CYS C 59 -4.85 67.56 0.12
C CYS C 59 -3.48 67.47 0.79
N SER C 60 -2.46 67.52 -0.05
CA SER C 60 -1.07 67.39 0.39
C SER C 60 -0.25 68.44 -0.35
N GLN C 61 0.41 69.33 0.39
CA GLN C 61 1.17 70.45 -0.14
C GLN C 61 0.30 71.50 -0.79
N ILE C 62 -0.99 71.47 -0.48
CA ILE C 62 -1.95 72.45 -0.96
C ILE C 62 -3.19 72.27 -0.09
N SER C 63 -4.18 73.13 -0.25
CA SER C 63 -5.39 73.06 0.54
C SER C 63 -6.59 73.04 -0.37
N PRO C 64 -7.74 72.56 0.12
CA PRO C 64 -8.96 72.63 -0.68
C PRO C 64 -9.29 74.05 -1.14
N ALA C 65 -9.13 75.04 -0.26
CA ALA C 65 -9.36 76.41 -0.69
C ALA C 65 -8.37 76.83 -1.76
N ALA C 66 -7.12 76.44 -1.62
CA ALA C 66 -6.12 76.87 -2.61
C ALA C 66 -6.31 76.17 -3.95
N ILE C 67 -6.64 74.87 -3.92
CA ILE C 67 -6.70 74.10 -5.18
C ILE C 67 -7.75 74.68 -6.10
N ALA C 68 -8.79 75.31 -5.54
CA ALA C 68 -9.85 75.91 -6.34
C ALA C 68 -9.53 77.32 -6.83
N SER C 69 -8.44 77.95 -6.34
CA SER C 69 -8.22 79.38 -6.52
C SER C 69 -6.91 79.75 -7.22
N ASN C 70 -6.05 78.78 -7.57
CA ASN C 70 -4.72 79.10 -8.07
C ASN C 70 -4.63 78.86 -9.58
N CYS C 71 -3.51 79.31 -10.16
CA CYS C 71 -3.21 79.13 -11.58
C CYS C 71 -2.08 78.10 -11.73
N TYR C 72 -2.27 77.15 -12.64
CA TYR C 72 -1.34 76.05 -12.83
C TYR C 72 -0.94 75.93 -14.29
N SER C 73 0.24 75.33 -14.51
CA SER C 73 0.65 74.99 -15.85
C SER C 73 0.02 73.69 -16.34
N SER C 74 -0.51 72.89 -15.42
CA SER C 74 -1.20 71.66 -15.76
C SER C 74 -2.09 71.29 -14.59
N LEU C 75 -3.28 70.77 -14.91
CA LEU C 75 -4.20 70.22 -13.92
C LEU C 75 -4.64 68.86 -14.42
N ILE C 76 -4.45 67.84 -13.59
CA ILE C 76 -4.81 66.47 -13.91
C ILE C 76 -5.87 66.02 -12.91
N LEU C 77 -6.95 65.44 -13.44
CA LEU C 77 -8.07 64.94 -12.64
C LEU C 77 -8.30 63.47 -12.99
N ASP C 78 -8.12 62.60 -12.01
CA ASP C 78 -8.41 61.17 -12.11
C ASP C 78 -9.74 60.90 -11.41
N TYR C 79 -10.54 60.01 -11.98
CA TYR C 79 -11.81 59.67 -11.36
C TYR C 79 -12.15 58.20 -11.61
N PHE C 80 -12.97 57.66 -10.72
CA PHE C 80 -13.29 56.23 -10.73
C PHE C 80 -14.39 55.97 -9.71
N SER C 81 -15.09 54.86 -9.89
CA SER C 81 -16.00 54.40 -8.84
C SER C 81 -15.17 53.89 -7.67
N TYR C 82 -15.68 54.14 -6.45
CA TYR C 82 -14.93 53.78 -5.27
C TYR C 82 -15.85 53.81 -4.05
N PRO C 83 -15.89 52.76 -3.24
CA PRO C 83 -16.83 52.73 -2.11
C PRO C 83 -16.28 53.52 -0.93
N LEU C 84 -17.13 54.42 -0.40
CA LEU C 84 -16.78 55.17 0.80
C LEU C 84 -16.27 54.29 1.93
N SER C 85 -16.73 53.04 1.99
CA SER C 85 -16.28 52.14 3.06
C SER C 85 -14.79 51.87 3.00
N MET C 86 -14.12 52.16 1.88
CA MET C 86 -12.69 51.92 1.77
C MET C 86 -11.88 53.22 1.86
N LYS C 87 -12.44 54.23 2.52
CA LYS C 87 -11.78 55.52 2.68
C LYS C 87 -10.37 55.37 3.23
N SER C 88 -10.18 54.50 4.22
CA SER C 88 -8.87 54.38 4.84
C SER C 88 -7.81 53.86 3.88
N ASP C 89 -8.22 53.18 2.81
CA ASP C 89 -7.27 52.67 1.83
C ASP C 89 -6.96 53.69 0.73
N LEU C 90 -7.63 54.84 0.72
CA LEU C 90 -7.39 55.87 -0.28
C LEU C 90 -6.88 57.11 0.46
N SER C 91 -5.57 57.17 0.60
CA SER C 91 -4.92 58.20 1.40
C SER C 91 -3.47 58.28 0.98
N VAL C 92 -2.89 59.48 1.03
CA VAL C 92 -1.46 59.62 0.77
C VAL C 92 -0.61 58.90 1.81
N SER C 93 -1.21 58.50 2.94
CA SER C 93 -0.56 57.74 3.99
C SER C 93 -0.85 56.24 3.93
N SER C 94 -1.75 55.82 3.06
CA SER C 94 -2.20 54.44 3.06
C SER C 94 -1.07 53.49 2.68
N ALA C 95 -1.22 52.23 3.11
CA ALA C 95 -0.31 51.17 2.71
C ALA C 95 -1.07 49.89 2.34
N GLY C 96 -2.31 50.02 1.87
CA GLY C 96 -3.10 48.85 1.56
C GLY C 96 -3.10 48.53 0.08
N PRO C 97 -4.02 47.65 -0.34
CA PRO C 97 -4.00 47.18 -1.74
C PRO C 97 -4.27 48.29 -2.76
N ILE C 98 -5.00 49.33 -2.39
CA ILE C 98 -5.31 50.36 -3.37
C ILE C 98 -4.06 51.11 -3.79
N SER C 99 -3.30 51.63 -2.82
CA SER C 99 -2.13 52.40 -3.21
C SER C 99 -0.98 51.50 -3.62
N GLN C 100 -0.98 50.25 -3.18
CA GLN C 100 0.10 49.36 -3.59
C GLN C 100 -0.12 48.84 -5.02
N PHE C 101 -1.36 48.57 -5.41
CA PHE C 101 -1.60 47.85 -6.66
C PHE C 101 -2.53 48.55 -7.65
N ASN C 102 -3.27 49.56 -7.23
CA ASN C 102 -4.34 50.13 -8.06
C ASN C 102 -4.09 51.57 -8.47
N TYR C 103 -3.86 52.45 -7.51
CA TYR C 103 -3.82 53.88 -7.83
C TYR C 103 -2.95 54.61 -6.81
N LYS C 104 -1.97 55.36 -7.31
CA LYS C 104 -1.03 56.07 -6.45
C LYS C 104 -0.75 57.45 -7.05
N GLN C 105 -0.87 58.49 -6.24
CA GLN C 105 -0.63 59.83 -6.70
C GLN C 105 0.82 60.22 -6.55
N SER C 106 1.19 61.29 -7.25
CA SER C 106 2.52 61.88 -7.11
C SER C 106 2.81 62.27 -5.67
N PHE C 107 4.05 62.02 -5.24
CA PHE C 107 4.49 62.51 -3.93
C PHE C 107 5.17 63.88 -4.03
N SER C 108 5.53 64.32 -5.22
CA SER C 108 6.25 65.60 -5.39
C SER C 108 5.32 66.75 -5.76
N ASN C 109 4.25 66.52 -6.53
CA ASN C 109 3.39 67.65 -6.86
C ASN C 109 2.27 67.75 -5.85
N PRO C 110 1.68 68.93 -5.67
CA PRO C 110 0.52 69.05 -4.80
C PRO C 110 -0.64 68.24 -5.35
N THR C 111 -1.37 67.58 -4.46
CA THR C 111 -2.47 66.71 -4.84
C THR C 111 -3.63 66.89 -3.87
N CYS C 112 -4.81 66.50 -4.32
CA CYS C 112 -5.97 66.36 -3.46
C CYS C 112 -6.62 65.02 -3.76
N LEU C 113 -7.33 64.47 -2.76
CA LEU C 113 -8.20 63.33 -2.90
C LEU C 113 -9.60 63.70 -2.43
N ILE C 114 -10.60 63.38 -3.27
CA ILE C 114 -11.99 63.71 -2.99
C ILE C 114 -12.81 62.42 -3.04
N LEU C 115 -13.53 62.13 -1.96
CA LEU C 115 -14.52 61.06 -1.93
C LEU C 115 -15.90 61.69 -1.98
N ALA C 116 -16.74 61.22 -2.91
CA ALA C 116 -18.03 61.85 -3.17
C ALA C 116 -19.10 60.82 -3.54
N THR C 117 -20.35 61.25 -3.46
CA THR C 117 -21.50 60.43 -3.83
C THR C 117 -22.31 61.14 -4.91
N VAL C 118 -22.76 60.36 -5.90
CA VAL C 118 -23.61 60.84 -6.98
C VAL C 118 -25.02 61.06 -6.45
N PRO C 119 -25.54 62.28 -6.44
CA PRO C 119 -26.92 62.51 -5.99
C PRO C 119 -27.93 62.04 -7.02
N HIS C 120 -29.14 61.74 -6.54
CA HIS C 120 -30.25 61.43 -7.43
C HIS C 120 -30.45 62.52 -8.46
N ASN C 121 -30.13 63.76 -8.08
CA ASN C 121 -30.05 64.89 -9.00
C ASN C 121 -29.30 64.54 -10.28
N LEU C 122 -28.16 63.86 -10.14
CA LEU C 122 -27.20 63.65 -11.23
C LEU C 122 -27.51 62.31 -11.89
N THR C 123 -28.14 62.37 -13.06
CA THR C 123 -28.68 61.15 -13.67
C THR C 123 -27.79 60.59 -14.77
N THR C 124 -26.87 61.38 -15.33
CA THR C 124 -26.08 60.90 -16.45
C THR C 124 -24.87 60.07 -16.05
N ILE C 125 -24.66 59.82 -14.76
CA ILE C 125 -23.60 58.92 -14.32
C ILE C 125 -24.27 57.60 -13.96
N THR C 126 -23.80 56.51 -14.57
CA THR C 126 -24.37 55.17 -14.47
C THR C 126 -23.51 54.29 -13.54
N LYS C 127 -24.18 53.35 -12.86
CA LYS C 127 -23.54 52.47 -11.89
C LYS C 127 -23.00 51.21 -12.55
N PRO C 128 -21.82 50.76 -12.16
CA PRO C 128 -21.40 49.39 -12.48
C PRO C 128 -22.12 48.41 -11.55
N LEU C 129 -21.91 47.12 -11.78
CA LEU C 129 -22.64 46.11 -11.01
C LEU C 129 -22.12 45.98 -9.58
N LYS C 130 -20.86 46.33 -9.35
CA LYS C 130 -20.26 46.32 -8.02
C LYS C 130 -18.97 47.15 -8.09
N TYR C 131 -18.36 47.38 -6.94
CA TYR C 131 -17.01 47.93 -6.91
C TYR C 131 -16.02 46.77 -7.01
N SER C 132 -14.90 47.01 -7.69
CA SER C 132 -13.86 46.01 -7.91
C SER C 132 -12.50 46.66 -7.71
N TYR C 133 -11.54 45.89 -7.17
CA TYR C 133 -10.17 46.36 -7.11
C TYR C 133 -9.22 45.17 -7.17
N ILE C 134 -7.97 45.44 -7.52
CA ILE C 134 -6.93 44.42 -7.56
C ILE C 134 -6.38 44.27 -6.15
N ASN C 135 -6.51 43.08 -5.56
CA ASN C 135 -5.97 42.95 -4.22
C ASN C 135 -4.50 42.55 -4.25
N LYS C 136 -4.02 42.05 -5.38
CA LYS C 136 -2.61 41.78 -5.53
C LYS C 136 -2.33 41.52 -7.01
N CYS C 137 -1.23 42.11 -7.50
CA CYS C 137 -0.68 41.88 -8.82
C CYS C 137 0.78 41.53 -8.63
N SER C 138 1.22 40.40 -9.18
CA SER C 138 2.59 39.96 -8.91
C SER C 138 3.14 39.17 -10.09
N ARG C 139 4.45 39.17 -10.20
CA ARG C 139 5.17 38.49 -11.27
C ARG C 139 5.96 37.35 -10.67
N LEU C 140 5.94 36.21 -11.33
CA LEU C 140 6.84 35.10 -11.02
C LEU C 140 7.84 35.05 -12.17
N LEU C 141 9.13 35.21 -11.86
CA LEU C 141 10.15 35.32 -12.90
C LEU C 141 10.40 33.96 -13.54
N SER C 142 11.20 33.97 -14.60
CA SER C 142 11.45 32.76 -15.37
C SER C 142 12.18 31.67 -14.60
N ASP C 143 12.73 31.95 -13.41
CA ASP C 143 13.29 30.87 -12.59
C ASP C 143 12.19 30.09 -11.86
N ASP C 144 10.94 30.49 -12.00
CA ASP C 144 9.77 29.91 -11.32
C ASP C 144 9.90 29.91 -9.80
N ARG C 145 10.72 30.78 -9.22
CA ARG C 145 10.84 30.82 -7.76
C ARG C 145 10.98 32.23 -7.19
N THR C 146 11.26 33.25 -7.98
CA THR C 146 11.36 34.62 -7.50
C THR C 146 10.08 35.39 -7.80
N GLU C 147 9.43 35.90 -6.76
CA GLU C 147 8.23 36.68 -6.91
C GLU C 147 8.56 38.17 -6.79
N VAL C 148 7.98 38.97 -7.67
CA VAL C 148 8.14 40.42 -7.64
C VAL C 148 6.75 41.05 -7.62
N PRO C 149 6.24 41.43 -6.45
CA PRO C 149 4.97 42.14 -6.40
C PRO C 149 5.03 43.40 -7.26
N GLN C 150 3.95 43.67 -7.98
CA GLN C 150 3.94 44.72 -9.01
C GLN C 150 3.33 45.98 -8.41
N LEU C 151 4.13 46.69 -7.61
CA LEU C 151 3.66 47.89 -6.96
C LEU C 151 3.45 48.96 -8.02
N VAL C 152 2.32 49.62 -7.98
CA VAL C 152 1.96 50.53 -9.06
C VAL C 152 2.75 51.82 -8.89
N ASN C 153 3.20 52.41 -10.00
CA ASN C 153 3.88 53.69 -9.95
C ASN C 153 2.85 54.80 -9.96
N ALA C 154 3.25 55.97 -9.44
CA ALA C 154 2.42 57.16 -9.52
C ALA C 154 2.14 57.49 -10.98
N ASN C 155 0.90 57.88 -11.24
CA ASN C 155 0.43 58.29 -12.57
C ASN C 155 0.44 57.16 -13.59
N GLN C 156 0.42 55.90 -13.15
CA GLN C 156 0.47 54.77 -14.06
C GLN C 156 -0.55 53.73 -13.62
N TYR C 157 -0.84 52.80 -14.50
CA TYR C 157 -1.74 51.70 -14.24
C TYR C 157 -0.97 50.46 -13.80
N SER C 158 -1.69 49.56 -13.16
CA SER C 158 -1.06 48.32 -12.71
C SER C 158 -0.62 47.54 -13.94
N PRO C 159 0.50 46.82 -13.88
CA PRO C 159 0.85 45.95 -15.01
C PRO C 159 -0.19 44.88 -15.27
N CYS C 160 -1.14 44.67 -14.36
CA CYS C 160 -2.16 43.64 -14.53
C CYS C 160 -3.46 44.15 -15.17
N VAL C 161 -3.56 45.44 -15.55
CA VAL C 161 -4.85 45.91 -16.09
C VAL C 161 -5.26 45.14 -17.34
N SER C 162 -4.30 44.61 -18.10
CA SER C 162 -4.65 43.88 -19.31
C SER C 162 -5.19 42.47 -19.05
N ILE C 163 -4.99 41.91 -17.85
CA ILE C 163 -5.53 40.58 -17.53
C ILE C 163 -6.69 40.63 -16.56
N VAL C 164 -7.04 41.79 -16.01
CA VAL C 164 -8.15 41.91 -15.07
C VAL C 164 -9.33 42.51 -15.82
N PRO C 165 -10.53 41.95 -15.70
CA PRO C 165 -11.70 42.50 -16.40
C PRO C 165 -12.13 43.85 -15.83
N SER C 166 -12.87 44.57 -16.68
CA SER C 166 -13.39 45.90 -16.35
C SER C 166 -14.09 45.92 -14.99
N THR C 167 -14.83 44.86 -14.66
CA THR C 167 -15.36 44.66 -13.31
C THR C 167 -15.12 43.20 -12.93
N VAL C 168 -14.58 42.98 -11.74
CA VAL C 168 -14.34 41.63 -11.25
C VAL C 168 -15.67 40.94 -10.99
N TRP C 169 -15.82 39.72 -11.50
CA TRP C 169 -17.11 39.04 -11.39
C TRP C 169 -17.38 38.55 -9.96
N GLU C 170 -16.44 37.81 -9.37
CA GLU C 170 -16.60 37.29 -8.02
C GLU C 170 -15.38 37.62 -7.16
N ASP C 171 -15.63 38.05 -5.93
CA ASP C 171 -14.57 38.23 -4.96
C ASP C 171 -13.64 37.04 -4.95
N GLY C 172 -12.35 37.29 -5.09
CA GLY C 172 -11.37 36.23 -5.05
C GLY C 172 -11.00 35.61 -6.38
N ASP C 173 -11.59 36.03 -7.49
CA ASP C 173 -11.22 35.49 -8.80
C ASP C 173 -9.74 35.74 -9.09
N TYR C 174 -9.13 34.79 -9.79
CA TYR C 174 -7.72 34.85 -10.19
C TYR C 174 -7.60 35.05 -11.70
N TYR C 175 -6.54 35.75 -12.07
CA TYR C 175 -6.20 35.99 -13.47
C TYR C 175 -4.74 35.69 -13.66
N ARG C 176 -4.43 34.91 -14.69
CA ARG C 176 -3.10 34.38 -14.85
C ARG C 176 -2.72 34.46 -16.31
N LYS C 177 -1.49 34.87 -16.57
CA LYS C 177 -0.98 34.98 -17.92
C LYS C 177 0.47 34.53 -17.94
N GLN C 178 0.77 33.60 -18.84
CA GLN C 178 2.15 33.21 -19.06
C GLN C 178 2.78 34.19 -20.03
N LEU C 179 3.94 34.73 -19.65
CA LEU C 179 4.64 35.68 -20.50
C LEU C 179 5.55 34.95 -21.47
N SER C 180 5.59 35.41 -22.71
CA SER C 180 6.56 34.92 -23.68
C SER C 180 7.97 35.27 -23.21
N PRO C 181 8.99 34.58 -23.74
CA PRO C 181 10.37 34.98 -23.40
C PRO C 181 10.71 36.40 -23.81
N LEU C 182 10.13 36.91 -24.90
CA LEU C 182 10.40 38.28 -25.29
C LEU C 182 9.89 39.27 -24.24
N GLU C 183 8.86 38.88 -23.49
CA GLU C 183 8.34 39.72 -22.42
C GLU C 183 8.96 39.42 -21.07
N GLY C 184 10.01 38.60 -21.02
CA GLY C 184 10.67 38.27 -19.78
C GLY C 184 10.44 36.86 -19.27
N GLY C 185 9.49 36.12 -19.83
CA GLY C 185 9.20 34.79 -19.35
C GLY C 185 8.51 34.85 -18.01
N GLY C 186 8.27 33.66 -17.44
CA GLY C 186 7.57 33.62 -16.15
C GLY C 186 6.08 33.91 -16.30
N TRP C 187 5.48 34.40 -15.22
CA TRP C 187 4.02 34.49 -15.11
C TRP C 187 3.63 35.82 -14.50
N LEU C 188 2.46 36.31 -14.90
CA LEU C 188 1.84 37.47 -14.29
C LEU C 188 0.48 37.05 -13.75
N VAL C 189 0.26 37.26 -12.45
CA VAL C 189 -0.98 36.82 -11.81
C VAL C 189 -1.55 37.95 -10.98
N ALA C 190 -2.86 38.11 -11.05
CA ALA C 190 -3.61 39.07 -10.25
C ALA C 190 -4.76 38.35 -9.57
N SER C 191 -5.21 38.91 -8.44
CA SER C 191 -6.42 38.48 -7.78
C SER C 191 -7.31 39.69 -7.55
N GLY C 192 -8.62 39.50 -7.71
CA GLY C 192 -9.58 40.58 -7.64
C GLY C 192 -10.47 40.46 -6.42
N SER C 193 -10.92 41.60 -5.93
CA SER C 193 -11.84 41.70 -4.79
C SER C 193 -13.02 42.58 -5.21
N THR C 194 -14.17 42.34 -4.59
CA THR C 194 -15.36 43.10 -4.92
C THR C 194 -15.99 43.64 -3.64
N VAL C 195 -16.67 44.76 -3.79
CA VAL C 195 -17.48 45.35 -2.75
C VAL C 195 -18.86 45.58 -3.35
N ALA C 196 -19.91 45.25 -2.60
CA ALA C 196 -21.27 45.33 -3.15
C ALA C 196 -21.61 46.78 -3.47
N MET C 197 -22.28 46.98 -4.61
CA MET C 197 -22.73 48.30 -4.99
C MET C 197 -23.61 48.89 -3.89
N THR C 198 -23.51 50.21 -3.76
CA THR C 198 -24.31 50.98 -2.82
C THR C 198 -25.49 51.58 -3.56
N GLU C 199 -26.51 52.00 -2.79
CA GLU C 199 -27.72 52.55 -3.39
C GLU C 199 -27.41 53.72 -4.30
N GLN C 200 -26.53 54.61 -3.86
CA GLN C 200 -26.01 55.67 -4.69
C GLN C 200 -24.54 55.41 -4.99
N LEU C 201 -24.15 55.64 -6.23
CA LEU C 201 -22.76 55.42 -6.62
C LEU C 201 -21.85 56.34 -5.82
N GLN C 202 -20.77 55.77 -5.30
CA GLN C 202 -19.71 56.49 -4.61
C GLN C 202 -18.48 56.50 -5.51
N MET C 203 -17.76 57.63 -5.51
CA MET C 203 -16.65 57.86 -6.44
C MET C 203 -15.44 58.42 -5.71
N GLY C 204 -14.29 58.28 -6.38
CA GLY C 204 -13.07 58.92 -5.94
C GLY C 204 -12.55 59.82 -7.06
N PHE C 205 -11.96 60.94 -6.65
CA PHE C 205 -11.34 61.90 -7.56
C PHE C 205 -9.94 62.21 -7.08
N GLY C 206 -8.98 62.19 -7.99
CA GLY C 206 -7.63 62.60 -7.66
C GLY C 206 -7.24 63.80 -8.49
N ILE C 207 -6.71 64.84 -7.86
CA ILE C 207 -6.29 66.05 -8.56
C ILE C 207 -4.80 66.21 -8.34
N THR C 208 -4.06 66.47 -9.41
CA THR C 208 -2.63 66.74 -9.36
C THR C 208 -2.37 68.02 -10.14
N VAL C 209 -1.67 68.97 -9.52
CA VAL C 209 -1.36 70.25 -10.16
C VAL C 209 0.14 70.42 -10.25
N GLN C 210 0.56 71.16 -11.26
CA GLN C 210 1.94 71.52 -11.50
C GLN C 210 2.00 73.02 -11.73
N TYR C 211 3.08 73.65 -11.24
CA TYR C 211 3.39 75.05 -11.52
C TYR C 211 4.55 75.10 -12.50
N GLY C 212 4.42 75.94 -13.52
CA GLY C 212 5.45 76.04 -14.55
C GLY C 212 6.22 77.35 -14.62
N THR C 215 4.51 77.92 -17.77
CA THR C 215 3.64 79.10 -17.72
C THR C 215 2.20 78.67 -17.37
N ASN C 216 1.56 79.41 -16.46
CA ASN C 216 0.40 78.92 -15.70
C ASN C 216 -0.91 79.39 -16.34
N SER C 217 -1.30 78.70 -17.42
CA SER C 217 -2.49 79.05 -18.18
C SER C 217 -3.74 78.28 -17.74
N VAL C 218 -3.71 77.56 -16.62
CA VAL C 218 -4.89 76.90 -16.09
C VAL C 218 -5.32 77.70 -14.86
N CYS C 219 -6.30 78.58 -15.05
CA CYS C 219 -6.73 79.55 -14.05
C CYS C 219 -8.22 79.45 -13.78
N PRO C 220 -8.66 79.92 -12.62
CA PRO C 220 -10.11 79.89 -12.33
C PRO C 220 -10.83 80.89 -13.22
N LYS C 221 -12.10 80.62 -13.44
CA LYS C 221 -12.94 81.55 -14.20
C LYS C 221 -13.37 82.73 -13.32
N GLN D 1 -4.24 -8.78 4.75
CA GLN D 1 -3.74 -9.71 3.75
C GLN D 1 -4.45 -9.55 2.41
N VAL D 2 -3.91 -10.25 1.41
CA VAL D 2 -4.56 -10.31 0.12
C VAL D 2 -5.94 -10.91 0.32
N GLN D 3 -6.92 -10.37 -0.39
CA GLN D 3 -8.30 -10.84 -0.30
C GLN D 3 -8.79 -11.20 -1.69
N LEU D 4 -9.65 -12.22 -1.74
CA LEU D 4 -10.33 -12.64 -2.95
C LEU D 4 -11.83 -12.38 -2.76
N VAL D 5 -12.44 -11.63 -3.67
CA VAL D 5 -13.85 -11.26 -3.57
C VAL D 5 -14.57 -11.85 -4.78
N GLN D 6 -15.52 -12.73 -4.51
CA GLN D 6 -16.25 -13.47 -5.54
C GLN D 6 -17.59 -12.80 -5.85
N SER D 7 -18.08 -13.03 -7.07
CA SER D 7 -19.43 -12.63 -7.47
C SER D 7 -20.48 -13.31 -6.58
N GLY D 8 -21.72 -12.79 -6.63
CA GLY D 8 -22.77 -13.24 -5.75
C GLY D 8 -23.47 -14.54 -6.19
N ALA D 9 -24.37 -14.99 -5.31
CA ALA D 9 -25.08 -16.24 -5.50
C ALA D 9 -25.82 -16.28 -6.83
N GLU D 10 -25.91 -17.47 -7.40
CA GLU D 10 -26.53 -17.69 -8.69
C GLU D 10 -27.54 -18.81 -8.58
N VAL D 11 -28.63 -18.68 -9.33
CA VAL D 11 -29.61 -19.73 -9.52
C VAL D 11 -29.67 -20.00 -11.01
N LYS D 12 -29.49 -21.27 -11.40
CA LYS D 12 -29.31 -21.64 -12.79
C LYS D 12 -30.19 -22.84 -13.15
N ARG D 13 -30.67 -22.86 -14.46
CA ARG D 13 -31.44 -24.03 -14.82
C ARG D 13 -30.52 -25.13 -15.36
N PRO D 14 -30.93 -26.40 -15.24
CA PRO D 14 -30.12 -27.48 -15.81
C PRO D 14 -29.86 -27.26 -17.29
N GLY D 15 -28.65 -27.63 -17.72
CA GLY D 15 -28.22 -27.44 -19.07
C GLY D 15 -27.57 -26.10 -19.35
N SER D 16 -27.77 -25.11 -18.50
CA SER D 16 -27.22 -23.77 -18.74
C SER D 16 -25.76 -23.69 -18.27
N SER D 17 -25.24 -22.47 -18.19
CA SER D 17 -23.86 -22.22 -17.81
C SER D 17 -23.82 -21.11 -16.76
N VAL D 18 -22.78 -21.14 -15.94
CA VAL D 18 -22.55 -20.11 -14.93
C VAL D 18 -21.10 -19.69 -15.02
N LYS D 19 -20.84 -18.40 -14.83
CA LYS D 19 -19.49 -17.87 -14.78
C LYS D 19 -19.35 -17.09 -13.48
N VAL D 20 -18.47 -17.55 -12.60
CA VAL D 20 -18.25 -16.96 -11.28
C VAL D 20 -16.93 -16.22 -11.33
N SER D 21 -16.87 -15.03 -10.73
CA SER D 21 -15.67 -14.22 -10.82
C SER D 21 -14.98 -14.13 -9.46
N CYS D 22 -13.71 -13.77 -9.51
CA CYS D 22 -12.89 -13.81 -8.30
C CYS D 22 -11.88 -12.69 -8.45
N LYS D 23 -12.09 -11.58 -7.74
CA LYS D 23 -11.23 -10.42 -7.90
C LYS D 23 -10.24 -10.37 -6.75
N THR D 24 -8.95 -10.27 -7.10
CA THR D 24 -7.90 -10.20 -6.08
C THR D 24 -7.53 -8.76 -5.79
N SER D 25 -7.33 -8.46 -4.51
CA SER D 25 -6.72 -7.19 -4.11
C SER D 25 -5.26 -7.10 -4.60
N GLY D 26 -4.67 -5.91 -4.44
CA GLY D 26 -3.28 -5.69 -4.79
C GLY D 26 -2.97 -5.43 -6.24
N GLY D 27 -3.99 -5.31 -7.09
CA GLY D 27 -3.76 -4.95 -8.47
C GLY D 27 -2.95 -5.93 -9.31
N THR D 28 -2.71 -7.13 -8.80
CA THR D 28 -2.01 -8.12 -9.61
C THR D 28 -2.30 -9.51 -9.07
N PHE D 29 -2.19 -10.51 -9.95
CA PHE D 29 -2.13 -11.89 -9.49
C PHE D 29 -0.78 -12.24 -8.87
N ASN D 30 0.30 -11.57 -9.32
CA ASN D 30 1.66 -11.83 -8.86
C ASN D 30 2.09 -13.28 -9.13
N ASN D 31 1.56 -13.84 -10.22
CA ASN D 31 1.84 -15.22 -10.63
C ASN D 31 1.64 -16.23 -9.52
N ASN D 32 0.70 -15.98 -8.62
CA ASN D 32 0.22 -17.01 -7.72
C ASN D 32 -0.99 -17.66 -8.35
N ALA D 33 -0.92 -18.97 -8.53
CA ALA D 33 -2.02 -19.68 -9.18
C ALA D 33 -3.32 -19.50 -8.43
N ILE D 34 -4.40 -19.36 -9.19
CA ILE D 34 -5.75 -19.30 -8.64
C ILE D 34 -6.40 -20.64 -8.88
N ASN D 35 -6.90 -21.26 -7.81
CA ASN D 35 -7.58 -22.54 -7.83
C ASN D 35 -9.08 -22.35 -7.66
N TRP D 36 -9.84 -23.31 -8.16
CA TRP D 36 -11.28 -23.35 -7.93
C TRP D 36 -11.64 -24.66 -7.23
N VAL D 37 -12.33 -24.53 -6.11
CA VAL D 37 -12.65 -25.63 -5.21
C VAL D 37 -14.12 -25.55 -4.91
N ARG D 38 -14.83 -26.66 -5.02
CA ARG D 38 -16.26 -26.60 -4.74
C ARG D 38 -16.62 -27.55 -3.61
N GLN D 39 -17.77 -27.29 -3.00
CA GLN D 39 -18.24 -28.03 -1.84
C GLN D 39 -19.75 -28.18 -1.95
N ALA D 40 -20.21 -29.39 -2.24
CA ALA D 40 -21.64 -29.67 -2.34
C ALA D 40 -22.26 -29.75 -0.95
N PRO D 41 -23.56 -29.52 -0.82
CA PRO D 41 -24.17 -29.44 0.52
C PRO D 41 -23.87 -30.68 1.35
N GLY D 42 -23.36 -30.45 2.56
CA GLY D 42 -23.00 -31.53 3.46
C GLY D 42 -21.79 -32.35 3.05
N GLN D 43 -21.08 -31.96 2.01
CA GLN D 43 -20.01 -32.76 1.46
C GLN D 43 -18.66 -32.12 1.77
N GLY D 44 -17.61 -32.75 1.25
CA GLY D 44 -16.25 -32.28 1.41
C GLY D 44 -15.84 -31.35 0.28
N LEU D 45 -14.53 -31.28 0.05
CA LEU D 45 -13.95 -30.33 -0.88
C LEU D 45 -13.40 -31.05 -2.09
N GLU D 46 -13.61 -30.45 -3.26
CA GLU D 46 -13.17 -31.01 -4.52
C GLU D 46 -12.46 -29.93 -5.32
N TRP D 47 -11.22 -30.21 -5.73
CA TRP D 47 -10.47 -29.29 -6.58
C TRP D 47 -10.91 -29.48 -8.02
N MET D 48 -11.33 -28.39 -8.66
CA MET D 48 -11.75 -28.44 -10.06
C MET D 48 -10.63 -28.15 -11.03
N GLY D 49 -9.67 -27.32 -10.62
CA GLY D 49 -8.61 -26.91 -11.50
C GLY D 49 -8.08 -25.56 -11.06
N GLY D 50 -7.22 -25.00 -11.89
CA GLY D 50 -6.63 -23.71 -11.56
C GLY D 50 -6.02 -23.14 -12.82
N ILE D 51 -5.43 -21.95 -12.68
CA ILE D 51 -4.73 -21.30 -13.78
C ILE D 51 -3.46 -20.64 -13.26
N ILE D 52 -2.39 -20.69 -14.05
CA ILE D 52 -1.13 -20.02 -13.71
C ILE D 52 -1.11 -18.70 -14.47
N PRO D 53 -1.13 -17.55 -13.78
CA PRO D 53 -1.32 -16.27 -14.49
C PRO D 53 -0.25 -15.94 -15.52
N PHE D 54 1.03 -16.20 -15.23
CA PHE D 54 2.07 -15.79 -16.17
C PHE D 54 1.90 -16.48 -17.52
N PHE D 55 1.50 -17.75 -17.52
CA PHE D 55 1.36 -18.51 -18.75
C PHE D 55 -0.04 -18.47 -19.32
N GLY D 56 -1.05 -18.09 -18.52
CA GLY D 56 -2.42 -18.16 -18.99
C GLY D 56 -2.86 -19.56 -19.33
N ILE D 57 -2.22 -20.56 -18.72
CA ILE D 57 -2.50 -21.96 -18.99
C ILE D 57 -3.19 -22.53 -17.77
N ALA D 58 -4.34 -23.16 -17.97
CA ALA D 58 -5.11 -23.77 -16.90
C ALA D 58 -4.91 -25.27 -16.89
N LYS D 59 -5.16 -25.86 -15.73
CA LYS D 59 -5.10 -27.30 -15.55
C LYS D 59 -6.38 -27.73 -14.86
N TYR D 60 -6.93 -28.89 -15.25
CA TYR D 60 -8.23 -29.30 -14.77
C TYR D 60 -8.21 -30.73 -14.25
N ALA D 61 -9.00 -30.99 -13.21
CA ALA D 61 -9.28 -32.36 -12.83
C ALA D 61 -10.02 -33.06 -13.96
N GLN D 62 -9.66 -34.33 -14.18
CA GLN D 62 -10.20 -35.07 -15.33
C GLN D 62 -11.72 -35.10 -15.32
N LYS D 63 -12.33 -35.19 -14.14
CA LYS D 63 -13.79 -35.26 -14.09
C LYS D 63 -14.47 -33.96 -14.56
N PHE D 64 -13.75 -32.84 -14.64
CA PHE D 64 -14.32 -31.60 -15.13
C PHE D 64 -13.76 -31.16 -16.48
N GLN D 65 -12.72 -31.85 -16.98
CA GLN D 65 -12.09 -31.46 -18.23
C GLN D 65 -13.11 -31.33 -19.36
N GLY D 66 -13.05 -30.21 -20.08
CA GLY D 66 -13.94 -29.90 -21.19
C GLY D 66 -15.20 -29.15 -20.81
N ARG D 67 -15.66 -29.29 -19.57
CA ARG D 67 -16.90 -28.68 -19.09
C ARG D 67 -16.63 -27.44 -18.25
N VAL D 68 -15.43 -27.26 -17.76
CA VAL D 68 -15.08 -26.10 -16.96
C VAL D 68 -14.02 -25.34 -17.73
N THR D 69 -14.09 -24.01 -17.66
CA THR D 69 -13.07 -23.13 -18.21
C THR D 69 -12.67 -22.15 -17.13
N ILE D 70 -11.36 -22.07 -16.85
CA ILE D 70 -10.82 -21.14 -15.87
C ILE D 70 -9.92 -20.16 -16.61
N THR D 71 -10.17 -18.87 -16.40
CA THR D 71 -9.43 -17.82 -17.08
C THR D 71 -9.05 -16.79 -16.04
N ALA D 72 -8.15 -15.89 -16.44
CA ALA D 72 -7.69 -14.84 -15.54
C ALA D 72 -7.30 -13.64 -16.38
N ASP D 73 -7.61 -12.46 -15.88
CA ASP D 73 -7.37 -11.21 -16.60
C ASP D 73 -6.54 -10.31 -15.69
N GLU D 74 -5.24 -10.23 -15.98
CA GLU D 74 -4.36 -9.41 -15.15
C GLU D 74 -4.76 -7.93 -15.18
N SER D 75 -5.25 -7.46 -16.33
CA SER D 75 -5.60 -6.03 -16.44
C SER D 75 -6.72 -5.65 -15.47
N THR D 76 -7.60 -6.58 -15.13
CA THR D 76 -8.67 -6.33 -14.17
C THR D 76 -8.48 -7.07 -12.85
N SER D 77 -7.33 -7.73 -12.67
CA SER D 77 -7.06 -8.55 -11.48
C SER D 77 -8.23 -9.47 -11.13
N THR D 78 -8.87 -10.06 -12.16
CA THR D 78 -10.05 -10.90 -11.92
C THR D 78 -9.89 -12.25 -12.60
N ALA D 79 -10.17 -13.32 -11.87
CA ALA D 79 -10.17 -14.68 -12.40
C ALA D 79 -11.60 -15.18 -12.48
N TYR D 80 -11.82 -16.19 -13.33
CA TYR D 80 -13.17 -16.65 -13.62
C TYR D 80 -13.21 -18.17 -13.71
N MET D 81 -14.33 -18.74 -13.25
CA MET D 81 -14.65 -20.14 -13.47
C MET D 81 -15.98 -20.19 -14.19
N GLU D 82 -16.01 -20.80 -15.37
CA GLU D 82 -17.23 -20.99 -16.13
C GLU D 82 -17.53 -22.48 -16.22
N LEU D 83 -18.68 -22.89 -15.70
CA LEU D 83 -19.07 -24.30 -15.71
C LEU D 83 -20.31 -24.43 -16.56
N SER D 84 -20.30 -25.37 -17.50
CA SER D 84 -21.37 -25.50 -18.50
C SER D 84 -22.09 -26.84 -18.34
N SER D 85 -23.13 -27.06 -19.15
CA SER D 85 -24.07 -28.17 -18.99
C SER D 85 -24.39 -28.47 -17.52
N LEU D 86 -24.91 -27.46 -16.84
CA LEU D 86 -25.13 -27.58 -15.41
C LEU D 86 -26.21 -28.62 -15.13
N ARG D 87 -25.98 -29.41 -14.08
CA ARG D 87 -26.92 -30.40 -13.58
C ARG D 87 -27.12 -30.19 -12.09
N SER D 88 -28.18 -30.80 -11.55
CA SER D 88 -28.49 -30.58 -10.14
C SER D 88 -27.33 -30.96 -9.23
N GLU D 89 -26.53 -31.95 -9.63
CA GLU D 89 -25.35 -32.34 -8.86
C GLU D 89 -24.24 -31.29 -8.86
N ASP D 90 -24.35 -30.22 -9.66
CA ASP D 90 -23.39 -29.13 -9.57
C ASP D 90 -23.79 -28.06 -8.56
N THR D 91 -24.93 -28.22 -7.88
CA THR D 91 -25.27 -27.31 -6.79
C THR D 91 -24.19 -27.39 -5.71
N ALA D 92 -23.59 -26.25 -5.39
CA ALA D 92 -22.46 -26.25 -4.47
C ALA D 92 -22.09 -24.82 -4.14
N VAL D 93 -21.24 -24.70 -3.13
CA VAL D 93 -20.47 -23.48 -2.93
C VAL D 93 -19.17 -23.62 -3.70
N TYR D 94 -18.85 -22.61 -4.49
CA TYR D 94 -17.64 -22.57 -5.31
C TYR D 94 -16.69 -21.54 -4.71
N TYR D 95 -15.48 -21.98 -4.36
CA TYR D 95 -14.43 -21.12 -3.82
C TYR D 95 -13.32 -20.96 -4.84
N CYS D 96 -12.85 -19.72 -5.01
CA CYS D 96 -11.52 -19.49 -5.58
C CYS D 96 -10.54 -19.42 -4.43
N ALA D 97 -9.32 -19.93 -4.66
CA ALA D 97 -8.31 -19.87 -3.62
C ALA D 97 -6.93 -19.76 -4.26
N ARG D 98 -6.08 -18.96 -3.62
CA ARG D 98 -4.73 -18.69 -4.10
C ARG D 98 -3.74 -19.66 -3.48
N ASP D 99 -2.82 -20.17 -4.30
CA ASP D 99 -1.64 -20.88 -3.80
C ASP D 99 -0.95 -20.08 -2.71
N LEU D 100 -0.50 -20.76 -1.69
CA LEU D 100 0.52 -20.21 -0.80
C LEU D 100 1.74 -19.81 -1.62
N PRO D 101 2.14 -18.53 -1.63
CA PRO D 101 3.33 -18.13 -2.40
C PRO D 101 4.62 -18.50 -1.70
N ARG D 102 5.63 -18.82 -2.50
CA ARG D 102 6.94 -19.20 -1.99
C ARG D 102 8.01 -18.40 -2.73
N GLU D 103 9.24 -18.50 -2.24
CA GLU D 103 10.35 -17.79 -2.85
C GLU D 103 10.48 -18.12 -4.33
N SER D 104 10.76 -17.09 -5.13
CA SER D 104 10.78 -17.25 -6.58
C SER D 104 11.95 -18.13 -7.00
N SER D 105 11.70 -18.98 -7.99
CA SER D 105 12.71 -19.87 -8.56
C SER D 105 13.63 -19.16 -9.55
N GLY D 109 14.52 -22.87 -4.80
CA GLY D 109 14.99 -23.79 -5.82
C GLY D 109 15.12 -23.16 -7.19
N SER D 110 15.25 -24.00 -8.21
CA SER D 110 15.29 -23.56 -9.60
C SER D 110 14.01 -23.88 -10.37
N TYR D 111 13.08 -24.64 -9.78
CA TYR D 111 11.74 -24.79 -10.34
C TYR D 111 10.71 -24.50 -9.26
N TYR D 112 9.48 -24.26 -9.70
CA TYR D 112 8.44 -23.73 -8.83
C TYR D 112 7.16 -24.50 -9.11
N THR D 113 6.60 -25.13 -8.08
CA THR D 113 5.42 -25.97 -8.26
C THR D 113 4.17 -25.14 -8.02
N HIS D 114 3.27 -25.14 -9.01
CA HIS D 114 1.97 -24.49 -8.95
C HIS D 114 0.89 -25.49 -8.59
N TYR D 115 -0.20 -24.97 -8.00
CA TYR D 115 -1.30 -25.75 -7.46
C TYR D 115 -0.79 -26.41 -6.20
N TYR D 116 -1.00 -25.73 -5.08
CA TYR D 116 -0.25 -25.98 -3.86
C TYR D 116 -1.21 -26.07 -2.67
N ALA D 117 -0.68 -26.05 -1.45
CA ALA D 117 -1.51 -25.58 -0.35
C ALA D 117 -1.99 -24.17 -0.68
N MET D 118 -3.19 -23.84 -0.22
CA MET D 118 -3.90 -22.62 -0.60
C MET D 118 -4.16 -21.82 0.67
N ASP D 119 -3.58 -20.63 0.78
CA ASP D 119 -3.68 -19.90 2.04
C ASP D 119 -4.67 -18.74 2.02
N VAL D 120 -5.11 -18.27 0.87
CA VAL D 120 -6.07 -17.17 0.79
C VAL D 120 -7.29 -17.69 0.03
N TRP D 121 -8.46 -17.54 0.62
CA TRP D 121 -9.68 -18.11 0.07
C TRP D 121 -10.70 -17.01 -0.17
N GLY D 122 -11.43 -17.10 -1.27
CA GLY D 122 -12.59 -16.25 -1.44
C GLY D 122 -13.67 -16.59 -0.43
N GLN D 123 -14.70 -15.75 -0.39
CA GLN D 123 -15.81 -15.98 0.54
C GLN D 123 -16.78 -17.05 0.05
N GLY D 124 -16.63 -17.54 -1.17
CA GLY D 124 -17.53 -18.57 -1.68
C GLY D 124 -18.69 -17.97 -2.46
N THR D 125 -19.13 -18.70 -3.49
CA THR D 125 -20.31 -18.35 -4.28
C THR D 125 -21.23 -19.55 -4.34
N THR D 126 -22.45 -19.40 -3.83
CA THR D 126 -23.44 -20.46 -3.93
C THR D 126 -24.04 -20.48 -5.33
N VAL D 127 -24.01 -21.65 -5.95
CA VAL D 127 -24.64 -21.88 -7.24
C VAL D 127 -25.68 -22.96 -7.03
N THR D 128 -26.95 -22.63 -7.26
CA THR D 128 -28.04 -23.58 -7.15
C THR D 128 -28.53 -23.88 -8.54
N VAL D 129 -28.48 -25.15 -8.93
CA VAL D 129 -28.93 -25.60 -10.25
C VAL D 129 -30.20 -26.40 -10.06
N SER D 130 -31.31 -25.92 -10.62
CA SER D 130 -32.60 -26.58 -10.46
C SER D 130 -33.55 -26.15 -11.55
N SER D 131 -34.57 -27.00 -11.77
CA SER D 131 -35.70 -26.68 -12.62
C SER D 131 -36.78 -25.87 -11.89
N ALA D 132 -36.67 -25.76 -10.56
CA ALA D 132 -37.70 -25.06 -9.79
C ALA D 132 -37.60 -23.56 -10.01
N SER D 133 -38.73 -22.89 -9.88
CA SER D 133 -38.77 -21.44 -9.88
C SER D 133 -39.05 -20.92 -8.46
N THR D 134 -38.84 -19.61 -8.27
CA THR D 134 -39.09 -18.98 -6.98
C THR D 134 -40.51 -19.25 -6.50
N LYS D 135 -40.65 -19.64 -5.22
CA LYS D 135 -41.94 -19.99 -4.67
C LYS D 135 -41.89 -19.95 -3.14
N GLY D 136 -42.93 -19.37 -2.52
CA GLY D 136 -43.04 -19.30 -1.08
C GLY D 136 -43.59 -20.57 -0.46
N PRO D 137 -43.28 -20.79 0.81
CA PRO D 137 -43.67 -22.03 1.48
C PRO D 137 -45.09 -22.04 2.00
N SER D 138 -45.68 -23.24 2.03
CA SER D 138 -46.83 -23.53 2.87
C SER D 138 -46.36 -23.86 4.29
N VAL D 139 -47.17 -23.50 5.28
CA VAL D 139 -46.83 -23.67 6.69
C VAL D 139 -47.94 -24.47 7.35
N PHE D 140 -47.60 -25.66 7.85
CA PHE D 140 -48.57 -26.52 8.50
C PHE D 140 -48.21 -26.72 9.96
N PRO D 141 -49.21 -26.88 10.83
CA PRO D 141 -48.93 -27.10 12.26
C PRO D 141 -48.53 -28.54 12.56
N LEU D 142 -47.56 -28.68 13.46
CA LEU D 142 -47.24 -29.97 14.09
C LEU D 142 -47.83 -29.97 15.48
N ALA D 143 -49.05 -30.44 15.59
CA ALA D 143 -49.83 -30.29 16.81
C ALA D 143 -49.35 -31.25 17.89
N PRO D 144 -49.32 -30.83 19.16
CA PRO D 144 -48.84 -31.70 20.25
C PRO D 144 -49.74 -32.91 20.48
N LYS D 147 -52.34 -38.95 23.19
CA LYS D 147 -51.53 -37.82 23.62
C LYS D 147 -50.06 -38.11 23.38
N SER D 148 -49.39 -37.26 22.60
CA SER D 148 -47.96 -37.44 22.33
C SER D 148 -47.16 -36.55 23.29
N THR D 149 -46.71 -37.15 24.39
CA THR D 149 -45.95 -36.43 25.41
C THR D 149 -44.70 -37.22 25.81
N SER D 150 -43.99 -36.72 26.83
CA SER D 150 -42.80 -37.39 27.35
C SER D 150 -42.54 -36.80 28.73
N GLY D 151 -42.81 -37.58 29.78
CA GLY D 151 -42.79 -37.01 31.12
C GLY D 151 -43.83 -35.90 31.23
N GLY D 152 -43.38 -34.72 31.64
CA GLY D 152 -44.24 -33.56 31.65
C GLY D 152 -44.13 -32.69 30.41
N THR D 153 -43.35 -33.10 29.42
CA THR D 153 -43.04 -32.28 28.27
C THR D 153 -43.88 -32.66 27.05
N ALA D 154 -44.40 -31.65 26.36
CA ALA D 154 -45.03 -31.81 25.06
C ALA D 154 -44.15 -31.17 23.99
N ALA D 155 -44.27 -31.66 22.76
CA ALA D 155 -43.57 -31.06 21.63
C ALA D 155 -44.59 -30.62 20.59
N LEU D 156 -44.30 -29.49 19.95
CA LEU D 156 -45.13 -28.94 18.89
C LEU D 156 -44.21 -28.26 17.89
N GLY D 157 -44.74 -27.89 16.73
CA GLY D 157 -43.88 -27.24 15.77
C GLY D 157 -44.63 -26.82 14.52
N CYS D 158 -43.83 -26.44 13.51
CA CYS D 158 -44.34 -26.01 12.23
C CYS D 158 -43.55 -26.66 11.11
N LEU D 159 -44.27 -27.18 10.12
CA LEU D 159 -43.67 -27.76 8.93
C LEU D 159 -43.70 -26.70 7.82
N VAL D 160 -42.52 -26.30 7.35
CA VAL D 160 -42.36 -25.22 6.37
C VAL D 160 -41.95 -25.86 5.05
N LYS D 161 -42.93 -26.05 4.17
CA LYS D 161 -42.87 -27.00 3.08
C LYS D 161 -42.97 -26.33 1.72
N ASP D 162 -42.15 -26.81 0.77
CA ASP D 162 -42.28 -26.51 -0.65
C ASP D 162 -41.93 -25.08 -0.98
N TYR D 163 -40.68 -24.67 -0.74
CA TYR D 163 -40.23 -23.33 -1.08
C TYR D 163 -38.95 -23.41 -1.90
N PHE D 164 -38.65 -22.29 -2.58
CA PHE D 164 -37.46 -22.19 -3.42
C PHE D 164 -37.19 -20.72 -3.71
N PRO D 165 -35.93 -20.27 -3.66
CA PRO D 165 -34.77 -21.04 -3.21
C PRO D 165 -34.52 -20.83 -1.72
N GLU D 166 -33.38 -21.35 -1.24
CA GLU D 166 -32.92 -21.05 0.11
C GLU D 166 -32.57 -19.56 0.23
N PRO D 167 -32.69 -18.98 1.45
CA PRO D 167 -33.14 -19.64 2.68
C PRO D 167 -34.48 -19.14 3.19
N VAL D 168 -35.02 -19.86 4.18
CA VAL D 168 -36.14 -19.41 4.99
C VAL D 168 -35.64 -19.28 6.42
N THR D 169 -36.22 -18.32 7.16
CA THR D 169 -35.95 -18.16 8.58
C THR D 169 -37.24 -18.33 9.37
N VAL D 170 -37.10 -18.88 10.57
CA VAL D 170 -38.25 -19.16 11.43
C VAL D 170 -37.99 -18.57 12.81
N SER D 171 -38.98 -17.86 13.34
CA SER D 171 -38.99 -17.44 14.73
C SER D 171 -40.26 -18.00 15.39
N TRP D 172 -40.24 -18.03 16.71
CA TRP D 172 -41.37 -18.52 17.49
C TRP D 172 -41.84 -17.43 18.45
N ASN D 173 -43.16 -17.19 18.47
CA ASN D 173 -43.79 -16.20 19.35
C ASN D 173 -43.04 -14.88 19.30
N SER D 174 -42.72 -14.45 18.07
CA SER D 174 -42.10 -13.16 17.77
C SER D 174 -40.67 -13.06 18.28
N GLY D 175 -40.05 -14.19 18.63
CA GLY D 175 -38.75 -14.19 19.26
C GLY D 175 -38.78 -14.33 20.77
N ALA D 176 -39.96 -14.27 21.38
CA ALA D 176 -40.07 -14.41 22.83
C ALA D 176 -39.86 -15.85 23.31
N LEU D 177 -39.99 -16.82 22.42
CA LEU D 177 -39.83 -18.24 22.75
C LEU D 177 -38.54 -18.71 22.09
N THR D 178 -37.55 -19.08 22.90
CA THR D 178 -36.26 -19.42 22.31
C THR D 178 -35.60 -20.71 22.79
N SER D 179 -35.65 -21.10 24.07
CA SER D 179 -34.90 -22.31 24.41
C SER D 179 -35.78 -23.50 24.15
N GLY D 180 -35.14 -24.58 23.75
CA GLY D 180 -35.83 -25.76 23.35
C GLY D 180 -36.43 -25.67 21.97
N VAL D 181 -36.13 -24.61 21.22
CA VAL D 181 -36.51 -24.51 19.81
C VAL D 181 -35.42 -25.16 18.99
N HIS D 182 -35.81 -26.06 18.09
CA HIS D 182 -34.88 -26.65 17.12
C HIS D 182 -35.42 -26.41 15.73
N THR D 183 -34.78 -25.50 14.99
CA THR D 183 -35.12 -25.26 13.59
C THR D 183 -34.14 -26.02 12.71
N PHE D 184 -34.65 -26.96 11.96
CA PHE D 184 -33.78 -27.88 11.28
C PHE D 184 -33.27 -27.30 9.96
N PRO D 185 -32.07 -27.72 9.52
CA PRO D 185 -31.64 -27.38 8.17
C PRO D 185 -32.62 -27.95 7.14
N ALA D 186 -32.78 -27.21 6.05
CA ALA D 186 -33.69 -27.59 4.98
C ALA D 186 -33.20 -28.85 4.29
N VAL D 187 -34.14 -29.64 3.80
CA VAL D 187 -33.83 -30.75 2.92
C VAL D 187 -34.31 -30.39 1.52
N LEU D 188 -33.60 -30.91 0.51
CA LEU D 188 -34.02 -30.74 -0.88
C LEU D 188 -34.95 -31.89 -1.25
N GLN D 189 -36.18 -31.54 -1.59
CA GLN D 189 -37.16 -32.57 -1.93
C GLN D 189 -37.05 -32.97 -3.40
N SER D 190 -37.61 -34.13 -3.71
CA SER D 190 -37.56 -34.64 -5.07
C SER D 190 -38.20 -33.70 -6.07
N SER D 191 -39.21 -32.94 -5.64
CA SER D 191 -39.84 -31.93 -6.48
C SER D 191 -38.89 -30.81 -6.85
N GLY D 192 -37.71 -30.74 -6.24
CA GLY D 192 -36.82 -29.61 -6.40
C GLY D 192 -37.10 -28.45 -5.48
N LEU D 193 -38.11 -28.55 -4.61
CA LEU D 193 -38.39 -27.51 -3.63
C LEU D 193 -37.85 -27.90 -2.27
N TYR D 194 -37.55 -26.89 -1.46
CA TYR D 194 -37.00 -27.13 -0.13
C TYR D 194 -38.13 -27.26 0.89
N SER D 195 -37.80 -27.89 2.01
CA SER D 195 -38.74 -28.02 3.12
C SER D 195 -37.95 -28.14 4.42
N LEU D 196 -38.50 -27.58 5.50
CA LEU D 196 -37.92 -27.77 6.82
C LEU D 196 -39.00 -27.72 7.88
N SER D 197 -38.67 -28.23 9.06
CA SER D 197 -39.51 -28.14 10.23
C SER D 197 -38.81 -27.34 11.33
N SER D 198 -39.62 -26.70 12.16
CA SER D 198 -39.16 -26.11 13.40
C SER D 198 -40.06 -26.62 14.52
N VAL D 199 -39.44 -27.08 15.60
CA VAL D 199 -40.13 -27.70 16.72
C VAL D 199 -39.70 -27.00 17.98
N VAL D 200 -40.52 -27.15 19.03
CA VAL D 200 -40.20 -26.66 20.36
C VAL D 200 -40.86 -27.59 21.37
N THR D 201 -40.19 -27.77 22.51
CA THR D 201 -40.74 -28.51 23.63
C THR D 201 -41.22 -27.56 24.72
N VAL D 202 -42.38 -27.87 25.29
CA VAL D 202 -43.04 -27.04 26.31
C VAL D 202 -43.69 -27.97 27.33
N PRO D 203 -43.97 -27.45 28.52
CA PRO D 203 -44.73 -28.23 29.51
C PRO D 203 -46.16 -28.50 29.05
N SER D 204 -46.63 -29.73 29.33
CA SER D 204 -47.98 -30.12 28.91
C SER D 204 -49.05 -29.24 29.54
N SER D 205 -48.83 -28.78 30.77
CA SER D 205 -49.78 -27.87 31.40
C SER D 205 -49.92 -26.57 30.61
N SER D 206 -48.88 -26.18 29.88
CA SER D 206 -48.88 -24.92 29.14
C SER D 206 -49.79 -24.94 27.90
N THR D 209 -53.07 -23.72 27.66
CA THR D 209 -53.30 -22.41 28.23
C THR D 209 -52.52 -21.32 27.48
N GLN D 210 -51.31 -21.66 27.04
CA GLN D 210 -50.38 -20.73 26.41
C GLN D 210 -50.42 -20.89 24.89
N THR D 211 -50.48 -19.76 24.18
CA THR D 211 -50.53 -19.76 22.72
C THR D 211 -49.13 -19.83 22.10
N TYR D 212 -49.00 -20.63 21.05
CA TYR D 212 -47.74 -20.82 20.34
C TYR D 212 -47.92 -20.54 18.85
N ILE D 213 -47.08 -19.66 18.30
CA ILE D 213 -47.15 -19.27 16.90
C ILE D 213 -45.75 -19.29 16.30
N CYS D 214 -45.59 -19.97 15.16
CA CYS D 214 -44.36 -19.93 14.38
C CYS D 214 -44.39 -18.78 13.37
N ASN D 215 -43.32 -17.97 13.36
CA ASN D 215 -43.15 -16.89 12.39
C ASN D 215 -42.16 -17.34 11.32
N VAL D 216 -42.64 -17.48 10.08
CA VAL D 216 -41.85 -18.01 8.97
C VAL D 216 -41.68 -16.91 7.91
N ASN D 217 -40.44 -16.74 7.45
CA ASN D 217 -40.11 -15.66 6.53
C ASN D 217 -39.24 -16.19 5.40
N HIS D 218 -39.69 -15.97 4.16
CA HIS D 218 -38.97 -16.35 2.93
C HIS D 218 -38.74 -15.09 2.09
N LYS D 219 -37.55 -14.50 2.19
CA LYS D 219 -37.30 -13.25 1.46
C LYS D 219 -37.37 -13.41 -0.07
N PRO D 220 -36.75 -14.42 -0.70
CA PRO D 220 -36.80 -14.52 -2.17
C PRO D 220 -38.20 -14.46 -2.77
N SER D 221 -39.23 -14.89 -2.05
CA SER D 221 -40.60 -14.81 -2.54
C SER D 221 -41.39 -13.70 -1.85
N ASN D 222 -40.73 -12.90 -1.01
CA ASN D 222 -41.39 -11.88 -0.19
C ASN D 222 -42.62 -12.46 0.51
N THR D 223 -42.45 -13.61 1.16
CA THR D 223 -43.51 -14.30 1.87
C THR D 223 -43.25 -14.28 3.38
N LYS D 224 -44.28 -13.93 4.15
CA LYS D 224 -44.20 -13.95 5.61
C LYS D 224 -45.48 -14.55 6.15
N VAL D 225 -45.37 -15.58 7.00
CA VAL D 225 -46.51 -16.33 7.49
C VAL D 225 -46.36 -16.56 8.99
N ASP D 226 -47.44 -16.34 9.74
CA ASP D 226 -47.55 -16.73 11.14
C ASP D 226 -48.63 -17.80 11.28
N LYS D 227 -48.26 -18.96 11.81
CA LYS D 227 -49.20 -20.07 11.98
C LYS D 227 -49.31 -20.43 13.46
N LYS D 228 -50.52 -20.37 14.00
CA LYS D 228 -50.77 -20.79 15.38
C LYS D 228 -50.92 -22.30 15.45
N VAL D 229 -50.14 -22.93 16.34
CA VAL D 229 -50.15 -24.37 16.53
C VAL D 229 -50.91 -24.66 17.82
N GLU D 230 -51.99 -25.42 17.71
CA GLU D 230 -52.86 -25.75 18.82
C GLU D 230 -53.02 -27.26 18.97
N PRO D 231 -53.45 -27.75 20.13
CA PRO D 231 -53.70 -29.19 20.29
C PRO D 231 -54.96 -29.64 19.55
N LYS D 232 -54.96 -30.90 19.14
CA LYS D 232 -56.09 -31.45 18.40
C LYS D 232 -57.27 -31.75 19.32
N GLU E 1 -6.12 -40.99 -9.34
CA GLU E 1 -6.07 -39.91 -8.36
C GLU E 1 -5.64 -40.44 -7.00
N ILE E 2 -4.88 -39.66 -6.25
CA ILE E 2 -4.53 -40.08 -4.90
C ILE E 2 -5.77 -39.91 -4.02
N VAL E 3 -6.21 -41.00 -3.42
CA VAL E 3 -7.35 -41.01 -2.54
C VAL E 3 -6.85 -40.82 -1.10
N LEU E 4 -7.41 -39.83 -0.41
CA LEU E 4 -7.05 -39.53 0.97
C LEU E 4 -8.18 -39.95 1.89
N THR E 5 -7.86 -40.77 2.89
CA THR E 5 -8.85 -41.28 3.82
C THR E 5 -8.50 -40.77 5.21
N GLN E 6 -9.40 -40.01 5.80
CA GLN E 6 -9.20 -39.47 7.13
C GLN E 6 -9.91 -40.31 8.18
N SER E 7 -9.29 -40.41 9.35
CA SER E 7 -9.91 -41.15 10.46
C SER E 7 -9.47 -40.50 11.75
N PRO E 8 -10.31 -40.55 12.80
CA PRO E 8 -11.67 -41.07 12.69
C PRO E 8 -12.57 -40.09 11.96
N ALA E 9 -13.80 -40.52 11.64
CA ALA E 9 -14.76 -39.60 11.03
C ALA E 9 -15.16 -38.51 12.01
N THR E 10 -15.31 -38.88 13.28
CA THR E 10 -15.66 -37.93 14.33
C THR E 10 -14.74 -38.18 15.51
N LEU E 11 -14.10 -37.11 15.99
CA LEU E 11 -13.29 -37.13 17.20
C LEU E 11 -14.11 -36.42 18.29
N SER E 12 -14.32 -37.10 19.41
CA SER E 12 -15.20 -36.58 20.45
C SER E 12 -14.37 -36.31 21.71
N LEU E 13 -14.26 -35.05 22.09
CA LEU E 13 -13.26 -34.61 23.06
C LEU E 13 -13.73 -33.35 23.78
N SER E 14 -13.00 -33.00 24.87
CA SER E 14 -13.23 -31.87 25.74
C SER E 14 -12.12 -30.83 25.60
N PRO E 15 -12.41 -29.56 25.86
CA PRO E 15 -11.35 -28.54 25.85
C PRO E 15 -10.22 -28.91 26.80
N GLY E 16 -9.00 -28.71 26.33
CA GLY E 16 -7.81 -29.05 27.07
C GLY E 16 -7.21 -30.39 26.71
N GLU E 17 -7.96 -31.25 26.01
CA GLU E 17 -7.45 -32.56 25.65
C GLU E 17 -6.62 -32.51 24.36
N ARG E 18 -5.90 -33.60 24.11
CA ARG E 18 -5.09 -33.72 22.91
C ARG E 18 -5.90 -34.37 21.79
N ALA E 19 -5.81 -33.81 20.58
CA ALA E 19 -6.49 -34.33 19.41
C ALA E 19 -5.47 -34.81 18.38
N THR E 20 -5.64 -36.04 17.91
CA THR E 20 -4.76 -36.65 16.92
C THR E 20 -5.61 -37.07 15.72
N LEU E 21 -5.34 -36.45 14.57
CA LEU E 21 -6.12 -36.67 13.35
C LEU E 21 -5.24 -37.34 12.31
N SER E 22 -5.77 -38.36 11.65
CA SER E 22 -4.98 -39.13 10.71
C SER E 22 -5.45 -38.94 9.28
N CYS E 23 -4.50 -39.04 8.36
CA CYS E 23 -4.77 -38.95 6.94
C CYS E 23 -3.92 -39.99 6.23
N GLY E 24 -4.56 -40.93 5.54
CA GLY E 24 -3.86 -41.96 4.80
C GLY E 24 -4.05 -41.77 3.31
N ALA E 25 -2.97 -41.97 2.55
CA ALA E 25 -3.00 -41.81 1.10
C ALA E 25 -2.93 -43.17 0.42
N SER E 26 -3.63 -43.28 -0.72
CA SER E 26 -3.66 -44.53 -1.47
C SER E 26 -2.32 -44.81 -2.15
N GLN E 27 -1.50 -43.78 -2.33
CA GLN E 27 -0.14 -43.93 -2.83
C GLN E 27 0.67 -42.77 -2.29
N SER E 28 2.00 -42.89 -2.38
CA SER E 28 2.89 -41.95 -1.71
C SER E 28 2.71 -40.54 -2.25
N VAL E 29 2.74 -39.57 -1.35
CA VAL E 29 2.55 -38.16 -1.67
C VAL E 29 3.91 -37.51 -1.89
N SER E 30 4.19 -37.06 -3.11
CA SER E 30 5.53 -36.58 -3.45
C SER E 30 5.87 -35.36 -2.61
N SER E 31 7.14 -35.28 -2.21
CA SER E 31 7.73 -34.14 -1.50
C SER E 31 7.00 -33.80 -0.20
N SER E 32 6.25 -34.74 0.36
CA SER E 32 5.42 -34.48 1.55
C SER E 32 4.46 -33.29 1.33
N TYR E 33 3.97 -33.16 0.10
CA TYR E 33 3.07 -32.07 -0.29
C TYR E 33 1.66 -32.33 0.24
N LEU E 34 1.51 -32.15 1.55
CA LEU E 34 0.25 -32.42 2.23
C LEU E 34 -0.10 -31.26 3.15
N ALA E 35 -1.33 -30.78 3.05
CA ALA E 35 -1.81 -29.65 3.83
C ALA E 35 -3.01 -30.05 4.68
N TRP E 36 -3.24 -29.29 5.75
CA TRP E 36 -4.38 -29.44 6.65
C TRP E 36 -5.11 -28.11 6.77
N TYR E 37 -6.44 -28.17 6.81
CA TYR E 37 -7.32 -27.00 6.90
C TYR E 37 -8.34 -27.19 8.01
N GLN E 38 -8.78 -26.10 8.62
CA GLN E 38 -9.97 -26.15 9.45
C GLN E 38 -11.12 -25.42 8.75
N GLN E 39 -12.34 -25.90 8.96
CA GLN E 39 -13.50 -25.20 8.40
C GLN E 39 -14.63 -25.18 9.42
N LYS E 40 -15.14 -24.00 9.67
CA LYS E 40 -16.30 -23.83 10.53
C LYS E 40 -17.54 -23.56 9.69
N PRO E 41 -18.74 -23.85 10.21
CA PRO E 41 -19.95 -23.70 9.39
C PRO E 41 -20.07 -22.31 8.77
N GLY E 42 -20.32 -22.30 7.47
CA GLY E 42 -20.53 -21.08 6.74
C GLY E 42 -19.28 -20.39 6.23
N LEU E 43 -18.10 -20.90 6.56
CA LEU E 43 -16.86 -20.21 6.27
C LEU E 43 -15.98 -21.02 5.32
N ALA E 44 -15.08 -20.31 4.64
CA ALA E 44 -14.10 -20.94 3.79
C ALA E 44 -13.07 -21.69 4.65
N PRO E 45 -12.44 -22.73 4.11
CA PRO E 45 -11.37 -23.39 4.85
C PRO E 45 -10.25 -22.42 5.18
N ARG E 46 -9.50 -22.76 6.23
CA ARG E 46 -8.39 -21.96 6.74
C ARG E 46 -7.18 -22.87 6.83
N LEU E 47 -6.09 -22.48 6.15
CA LEU E 47 -4.90 -23.32 6.09
C LEU E 47 -4.20 -23.34 7.44
N LEU E 48 -3.93 -24.53 7.95
CA LEU E 48 -3.21 -24.70 9.20
C LEU E 48 -1.77 -25.14 9.00
N ILE E 49 -1.56 -26.18 8.19
CA ILE E 49 -0.27 -26.83 8.01
C ILE E 49 -0.07 -27.03 6.52
N TYR E 50 1.14 -26.82 6.03
CA TYR E 50 1.47 -27.16 4.66
C TYR E 50 2.80 -27.90 4.67
N ASP E 51 3.11 -28.54 3.54
CA ASP E 51 4.30 -29.38 3.42
C ASP E 51 4.39 -30.36 4.58
N ALA E 52 3.24 -30.91 4.99
CA ALA E 52 3.13 -31.91 6.03
C ALA E 52 3.41 -31.37 7.43
N SER E 53 4.42 -30.51 7.59
CA SER E 53 4.81 -30.15 8.95
C SER E 53 5.06 -28.65 9.16
N SER E 54 4.85 -27.80 8.17
CA SER E 54 5.12 -26.39 8.39
C SER E 54 3.83 -25.69 8.80
N ARG E 55 3.93 -24.91 9.87
CA ARG E 55 2.79 -24.18 10.38
C ARG E 55 2.59 -22.96 9.50
N ALA E 56 1.36 -22.74 9.03
CA ALA E 56 1.08 -21.51 8.28
C ALA E 56 1.21 -20.29 9.20
N THR E 57 1.45 -19.12 8.59
N THR E 57 1.41 -19.13 8.58
CA THR E 57 1.67 -17.92 9.39
CA THR E 57 1.61 -17.89 9.33
C THR E 57 0.40 -17.54 10.14
C THR E 57 0.37 -17.53 10.13
N GLY E 58 0.59 -17.07 11.37
CA GLY E 58 -0.50 -16.68 12.23
C GLY E 58 -1.23 -17.81 12.91
N ILE E 59 -0.90 -19.05 12.59
CA ILE E 59 -1.57 -20.20 13.20
C ILE E 59 -0.91 -20.45 14.55
N PRO E 60 -1.68 -20.59 15.62
CA PRO E 60 -1.08 -20.75 16.96
C PRO E 60 -0.33 -22.07 17.06
N ASP E 61 0.57 -22.12 18.05
CA ASP E 61 1.53 -23.20 18.22
C ASP E 61 0.91 -24.55 18.60
N ARG E 62 -0.32 -24.59 19.12
CA ARG E 62 -0.87 -25.89 19.48
C ARG E 62 -1.13 -26.78 18.27
N PHE E 63 -1.16 -26.23 17.04
CA PHE E 63 -1.32 -27.04 15.83
C PHE E 63 0.03 -27.50 15.32
N SER E 64 0.18 -28.80 15.07
CA SER E 64 1.37 -29.32 14.43
C SER E 64 1.00 -30.47 13.51
N GLY E 65 1.87 -30.70 12.54
CA GLY E 65 1.69 -31.80 11.61
C GLY E 65 2.96 -32.61 11.47
N SER E 66 2.79 -33.88 11.11
CA SER E 66 3.89 -34.81 10.91
C SER E 66 3.50 -35.85 9.88
N GLY E 67 4.49 -36.58 9.38
CA GLY E 67 4.27 -37.73 8.53
C GLY E 67 4.93 -37.55 7.18
N SER E 68 4.84 -38.61 6.38
CA SER E 68 5.48 -38.70 5.08
C SER E 68 4.91 -39.90 4.36
N GLY E 69 5.20 -39.99 3.07
CA GLY E 69 4.82 -41.14 2.28
C GLY E 69 3.32 -41.23 2.10
N THR E 70 2.68 -42.07 2.91
CA THR E 70 1.24 -42.30 2.84
C THR E 70 0.55 -42.11 4.18
N ASP E 71 1.27 -41.70 5.22
CA ASP E 71 0.66 -41.55 6.54
C ASP E 71 1.03 -40.19 7.11
N PHE E 72 0.00 -39.42 7.46
CA PHE E 72 0.16 -38.05 7.91
C PHE E 72 -0.73 -37.83 9.11
N THR E 73 -0.32 -36.88 9.96
CA THR E 73 -1.01 -36.68 11.23
C THR E 73 -1.07 -35.20 11.57
N LEU E 74 -2.25 -34.75 11.97
CA LEU E 74 -2.42 -33.42 12.52
C LEU E 74 -2.64 -33.57 14.01
N THR E 75 -1.93 -32.76 14.80
CA THR E 75 -2.04 -32.81 16.26
C THR E 75 -2.44 -31.45 16.77
N ILE E 76 -3.42 -31.42 17.66
CA ILE E 76 -3.75 -30.24 18.44
C ILE E 76 -3.40 -30.58 19.88
N SER E 77 -2.32 -29.98 20.39
CA SER E 77 -1.79 -30.44 21.67
C SER E 77 -2.80 -30.25 22.79
N ARG E 78 -3.49 -29.11 22.80
CA ARG E 78 -4.46 -28.78 23.85
C ARG E 78 -5.62 -28.03 23.23
N LEU E 79 -6.78 -28.69 23.13
CA LEU E 79 -7.92 -28.09 22.45
C LEU E 79 -8.39 -26.84 23.16
N GLU E 80 -8.63 -25.79 22.40
CA GLU E 80 -9.32 -24.60 22.84
C GLU E 80 -10.77 -24.66 22.39
N PRO E 81 -11.67 -23.87 22.99
CA PRO E 81 -13.06 -23.89 22.54
C PRO E 81 -13.24 -23.59 21.06
N GLU E 82 -12.42 -22.71 20.49
CA GLU E 82 -12.58 -22.37 19.09
C GLU E 82 -12.02 -23.43 18.14
N ASP E 83 -11.47 -24.54 18.65
CA ASP E 83 -10.92 -25.57 17.78
C ASP E 83 -11.94 -26.62 17.38
N PHE E 84 -13.15 -26.59 17.92
CA PHE E 84 -14.14 -27.57 17.52
C PHE E 84 -14.70 -27.18 16.16
N ALA E 85 -14.51 -28.06 15.18
CA ALA E 85 -14.70 -27.75 13.78
C ALA E 85 -14.41 -28.99 12.94
N VAL E 86 -14.49 -28.87 11.62
CA VAL E 86 -14.09 -29.94 10.70
C VAL E 86 -12.69 -29.65 10.18
N TYR E 87 -11.87 -30.71 10.03
CA TYR E 87 -10.50 -30.60 9.53
C TYR E 87 -10.34 -31.47 8.30
N TYR E 88 -9.72 -30.93 7.26
CA TYR E 88 -9.48 -31.63 6.00
C TYR E 88 -7.98 -31.73 5.72
N CYS E 89 -7.52 -32.90 5.27
CA CYS E 89 -6.21 -32.96 4.62
C CYS E 89 -6.33 -32.77 3.11
N GLN E 90 -5.26 -32.29 2.50
CA GLN E 90 -5.22 -32.11 1.06
C GLN E 90 -3.82 -32.46 0.53
N GLN E 91 -3.75 -33.22 -0.56
CA GLN E 91 -2.46 -33.49 -1.18
C GLN E 91 -2.32 -32.71 -2.49
N TYR E 92 -1.10 -32.23 -2.72
CA TYR E 92 -0.78 -31.54 -3.96
C TYR E 92 0.52 -32.09 -4.54
N GLY E 93 0.94 -33.28 -4.10
CA GLY E 93 2.09 -33.92 -4.71
C GLY E 93 1.79 -34.41 -6.13
N SER E 94 0.54 -34.75 -6.40
CA SER E 94 0.15 -35.19 -7.73
C SER E 94 -1.17 -34.55 -8.11
N SER E 95 -1.36 -34.33 -9.42
CA SER E 95 -2.58 -33.87 -10.06
C SER E 95 -3.49 -35.04 -10.38
N PRO E 96 -4.81 -34.89 -10.16
CA PRO E 96 -5.43 -33.70 -9.54
C PRO E 96 -5.19 -33.58 -8.05
N LEU E 97 -5.21 -32.35 -7.55
CA LEU E 97 -5.24 -32.13 -6.12
C LEU E 97 -6.48 -32.80 -5.54
N THR E 98 -6.34 -33.41 -4.37
CA THR E 98 -7.45 -34.12 -3.75
C THR E 98 -7.49 -33.79 -2.26
N PHE E 99 -8.68 -33.92 -1.68
CA PHE E 99 -8.90 -33.71 -0.25
C PHE E 99 -9.39 -34.98 0.40
N GLY E 100 -9.08 -35.15 1.67
CA GLY E 100 -9.74 -36.18 2.47
C GLY E 100 -11.20 -35.82 2.73
N GLY E 101 -11.95 -36.81 3.24
CA GLY E 101 -13.37 -36.60 3.53
C GLY E 101 -13.68 -35.80 4.78
N GLY E 102 -12.67 -35.47 5.58
CA GLY E 102 -12.87 -34.60 6.73
C GLY E 102 -12.99 -35.37 8.03
N THR E 103 -12.54 -34.74 9.12
CA THR E 103 -12.76 -35.21 10.48
C THR E 103 -13.43 -34.12 11.29
N LYS E 104 -14.56 -34.44 11.92
CA LYS E 104 -15.24 -33.50 12.80
C LYS E 104 -14.71 -33.68 14.22
N VAL E 105 -14.36 -32.56 14.86
CA VAL E 105 -13.96 -32.53 16.26
C VAL E 105 -15.11 -31.89 17.02
N GLU E 106 -15.80 -32.70 17.82
CA GLU E 106 -17.01 -32.28 18.53
C GLU E 106 -16.81 -32.37 20.05
N ILE E 107 -17.68 -31.66 20.77
CA ILE E 107 -17.64 -31.63 22.22
C ILE E 107 -18.14 -32.96 22.77
N LYS E 108 -17.32 -33.60 23.60
CA LYS E 108 -17.70 -34.84 24.26
C LYS E 108 -18.65 -34.56 25.42
N ARG E 109 -19.68 -35.40 25.54
CA ARG E 109 -20.58 -35.36 26.69
C ARG E 109 -21.06 -36.78 26.99
N THR E 110 -21.86 -36.89 28.04
CA THR E 110 -22.40 -38.19 28.45
C THR E 110 -23.53 -38.61 27.51
N VAL E 111 -23.72 -39.93 27.41
CA VAL E 111 -24.81 -40.48 26.60
C VAL E 111 -26.16 -39.95 27.06
N ALA E 112 -27.00 -39.57 26.10
CA ALA E 112 -28.33 -39.03 26.38
C ALA E 112 -29.31 -39.59 25.35
N ALA E 113 -30.32 -40.30 25.83
CA ALA E 113 -31.32 -40.84 24.94
C ALA E 113 -32.23 -39.73 24.41
N PRO E 114 -32.73 -39.89 23.19
CA PRO E 114 -33.72 -38.93 22.69
C PRO E 114 -35.07 -39.17 23.34
N SER E 115 -35.79 -38.08 23.58
CA SER E 115 -37.25 -38.16 23.69
C SER E 115 -37.84 -38.17 22.27
N VAL E 116 -38.77 -39.07 22.02
CA VAL E 116 -39.31 -39.30 20.68
C VAL E 116 -40.77 -38.87 20.61
N PHE E 117 -41.10 -38.18 19.52
CA PHE E 117 -42.43 -37.65 19.26
C PHE E 117 -42.79 -37.90 17.81
N ILE E 118 -44.05 -38.23 17.55
CA ILE E 118 -44.57 -38.41 16.20
C ILE E 118 -45.75 -37.47 16.00
N PHE E 119 -45.80 -36.83 14.82
CA PHE E 119 -46.89 -35.91 14.46
C PHE E 119 -47.60 -36.43 13.23
N PRO E 120 -48.89 -36.71 13.29
CA PRO E 120 -49.64 -37.05 12.08
C PRO E 120 -49.74 -35.86 11.15
N PRO E 121 -50.15 -36.06 9.90
CA PRO E 121 -50.37 -34.90 9.02
C PRO E 121 -51.51 -34.04 9.53
N SER E 122 -51.31 -32.73 9.46
CA SER E 122 -52.36 -31.75 9.73
C SER E 122 -53.54 -31.89 8.75
N ASP E 123 -54.73 -31.58 9.26
CA ASP E 123 -55.92 -31.54 8.40
C ASP E 123 -55.74 -30.54 7.26
N GLU E 124 -55.09 -29.41 7.53
CA GLU E 124 -54.89 -28.41 6.49
C GLU E 124 -54.05 -28.96 5.33
N GLN E 125 -53.00 -29.73 5.63
CA GLN E 125 -52.20 -30.34 4.56
C GLN E 125 -52.99 -31.43 3.85
N LEU E 126 -53.75 -32.24 4.60
CA LEU E 126 -54.54 -33.31 4.00
C LEU E 126 -55.51 -32.75 2.96
N LYS E 127 -56.01 -31.53 3.17
CA LYS E 127 -56.94 -30.96 2.19
C LYS E 127 -56.25 -30.69 0.86
N SER E 128 -54.96 -30.42 0.87
CA SER E 128 -54.23 -30.20 -0.37
C SER E 128 -53.82 -31.48 -1.10
N GLY E 129 -54.05 -32.66 -0.53
CA GLY E 129 -53.80 -33.90 -1.23
C GLY E 129 -52.50 -34.63 -0.89
N THR E 130 -51.74 -34.16 0.11
CA THR E 130 -50.49 -34.80 0.52
C THR E 130 -50.48 -34.98 2.04
N ALA E 131 -49.69 -35.97 2.50
CA ALA E 131 -49.57 -36.29 3.93
C ALA E 131 -48.11 -36.41 4.30
N SER E 132 -47.63 -35.52 5.17
CA SER E 132 -46.31 -35.63 5.76
C SER E 132 -46.45 -36.07 7.22
N VAL E 133 -45.69 -37.09 7.60
CA VAL E 133 -45.64 -37.60 8.98
C VAL E 133 -44.24 -37.33 9.48
N VAL E 134 -44.12 -36.70 10.65
CA VAL E 134 -42.85 -36.24 11.18
C VAL E 134 -42.53 -37.01 12.45
N CYS E 135 -41.31 -37.53 12.52
CA CYS E 135 -40.79 -38.17 13.72
C CYS E 135 -39.66 -37.30 14.24
N LEU E 136 -39.72 -36.95 15.52
CA LEU E 136 -38.77 -36.02 16.12
C LEU E 136 -37.97 -36.75 17.19
N LEU E 137 -36.65 -36.63 17.12
CA LEU E 137 -35.75 -37.12 18.16
C LEU E 137 -35.11 -35.89 18.80
N ASN E 138 -35.41 -35.64 20.06
CA ASN E 138 -35.04 -34.39 20.72
C ASN E 138 -33.87 -34.60 21.67
N ASN E 139 -32.79 -33.83 21.47
CA ASN E 139 -31.71 -33.63 22.44
C ASN E 139 -31.09 -34.95 22.90
N PHE E 140 -30.34 -35.57 21.98
CA PHE E 140 -29.65 -36.82 22.26
C PHE E 140 -28.16 -36.70 22.01
N TYR E 141 -27.41 -37.70 22.49
CA TYR E 141 -25.98 -37.84 22.29
C TYR E 141 -25.59 -39.29 22.57
N PRO E 142 -24.74 -39.91 21.73
CA PRO E 142 -24.06 -39.34 20.57
C PRO E 142 -24.98 -39.22 19.35
N ARG E 143 -24.41 -38.79 18.24
CA ARG E 143 -25.20 -38.43 17.08
C ARG E 143 -25.72 -39.64 16.31
N GLU E 144 -25.13 -40.81 16.48
CA GLU E 144 -25.57 -42.00 15.77
C GLU E 144 -26.98 -42.39 16.22
N ALA E 145 -27.89 -42.52 15.25
CA ALA E 145 -29.26 -42.90 15.54
C ALA E 145 -29.87 -43.52 14.29
N LYS E 146 -30.80 -44.43 14.50
CA LYS E 146 -31.52 -45.08 13.40
C LYS E 146 -33.01 -44.86 13.55
N VAL E 147 -33.64 -44.34 12.50
CA VAL E 147 -35.07 -44.11 12.47
C VAL E 147 -35.65 -44.90 11.32
N GLN E 148 -36.57 -45.82 11.63
CA GLN E 148 -37.23 -46.62 10.60
C GLN E 148 -38.73 -46.36 10.64
N TRP E 149 -39.31 -46.11 9.48
CA TRP E 149 -40.74 -45.91 9.33
C TRP E 149 -41.39 -47.23 8.98
N LYS E 150 -42.48 -47.56 9.66
CA LYS E 150 -43.29 -48.73 9.37
C LYS E 150 -44.75 -48.32 9.22
N VAL E 151 -45.38 -48.79 8.15
CA VAL E 151 -46.76 -48.46 7.83
C VAL E 151 -47.53 -49.77 7.78
N ASP E 152 -48.45 -49.96 8.72
CA ASP E 152 -49.12 -51.24 8.94
C ASP E 152 -48.11 -52.38 9.03
N ASN E 153 -47.02 -52.14 9.76
CA ASN E 153 -45.90 -53.05 10.07
C ASN E 153 -44.94 -53.21 8.89
N ALA E 154 -45.23 -52.62 7.73
CA ALA E 154 -44.37 -52.73 6.56
C ALA E 154 -43.30 -51.65 6.62
N LEU E 155 -42.04 -52.05 6.62
CA LEU E 155 -40.95 -51.09 6.68
C LEU E 155 -40.91 -50.26 5.40
N GLN E 156 -40.76 -48.96 5.55
CA GLN E 156 -40.74 -48.05 4.42
C GLN E 156 -39.31 -47.79 3.97
N SER E 157 -39.16 -47.58 2.67
CA SER E 157 -37.86 -47.23 2.09
C SER E 157 -38.07 -46.21 0.99
N GLY E 158 -37.26 -45.14 1.00
CA GLY E 158 -37.23 -44.18 -0.08
C GLY E 158 -38.24 -43.06 -0.03
N ASN E 159 -39.15 -43.06 0.94
CA ASN E 159 -40.19 -42.04 1.04
C ASN E 159 -40.05 -41.22 2.31
N SER E 160 -38.82 -41.11 2.84
CA SER E 160 -38.54 -40.33 4.03
C SER E 160 -37.22 -39.59 3.88
N GLN E 161 -37.11 -38.46 4.58
CA GLN E 161 -35.92 -37.62 4.58
C GLN E 161 -35.61 -37.18 6.01
N GLU E 162 -34.33 -37.11 6.34
CA GLU E 162 -33.89 -36.75 7.68
C GLU E 162 -33.16 -35.42 7.67
N SER E 163 -33.23 -34.73 8.79
CA SER E 163 -32.48 -33.50 8.99
C SER E 163 -31.95 -33.50 10.42
N VAL E 164 -30.73 -32.99 10.62
CA VAL E 164 -30.05 -33.03 11.91
C VAL E 164 -29.52 -31.66 12.26
N THR E 165 -29.69 -31.26 13.52
CA THR E 165 -29.17 -29.98 13.97
C THR E 165 -27.66 -30.06 14.24
N GLU E 166 -27.03 -28.89 14.35
CA GLU E 166 -25.67 -28.79 14.87
C GLU E 166 -25.65 -29.01 16.39
N GLN E 167 -24.51 -29.45 16.90
CA GLN E 167 -24.36 -29.67 18.33
C GLN E 167 -24.80 -28.44 19.11
N ASP E 168 -25.70 -28.63 20.06
CA ASP E 168 -26.27 -27.52 20.80
C ASP E 168 -25.20 -26.85 21.67
N SER E 169 -25.23 -25.52 21.69
CA SER E 169 -24.20 -24.75 22.38
C SER E 169 -24.25 -24.95 23.89
N LYS E 170 -25.41 -25.30 24.44
CA LYS E 170 -25.54 -25.40 25.89
C LYS E 170 -25.43 -26.82 26.42
N ASP E 171 -26.07 -27.81 25.80
CA ASP E 171 -25.98 -29.18 26.29
C ASP E 171 -25.20 -30.13 25.39
N SER E 172 -24.72 -29.65 24.23
CA SER E 172 -23.92 -30.47 23.32
C SER E 172 -24.67 -31.71 22.83
N THR E 173 -26.00 -31.62 22.79
CA THR E 173 -26.80 -32.70 22.24
C THR E 173 -27.15 -32.36 20.79
N TYR E 174 -27.63 -33.38 20.08
CA TYR E 174 -28.18 -33.25 18.74
C TYR E 174 -29.68 -33.54 18.80
N SER E 175 -30.41 -33.00 17.82
CA SER E 175 -31.79 -33.37 17.57
C SER E 175 -31.98 -33.63 16.08
N LEU E 176 -32.99 -34.44 15.76
CA LEU E 176 -33.17 -34.97 14.42
C LEU E 176 -34.66 -35.06 14.09
N SER E 177 -35.00 -34.69 12.87
CA SER E 177 -36.33 -34.91 12.32
C SER E 177 -36.25 -35.94 11.21
N SER E 178 -37.28 -36.78 11.10
CA SER E 178 -37.42 -37.60 9.92
C SER E 178 -38.85 -37.44 9.44
N THR E 179 -39.01 -37.21 8.14
CA THR E 179 -40.30 -36.86 7.57
C THR E 179 -40.67 -37.88 6.50
N LEU E 180 -41.76 -38.57 6.72
CA LEU E 180 -42.33 -39.48 5.72
C LEU E 180 -43.38 -38.71 4.94
N THR E 181 -43.26 -38.69 3.61
CA THR E 181 -44.20 -37.96 2.76
C THR E 181 -44.89 -38.96 1.83
N LEU E 182 -46.23 -38.99 1.88
CA LEU E 182 -47.08 -39.79 1.02
C LEU E 182 -48.16 -38.90 0.39
N SER E 183 -48.73 -39.37 -0.72
CA SER E 183 -50.00 -38.82 -1.17
C SER E 183 -51.07 -39.03 -0.11
N LYS E 184 -52.01 -38.09 -0.02
CA LYS E 184 -53.19 -38.33 0.81
C LYS E 184 -53.86 -39.64 0.40
N ALA E 185 -53.95 -39.87 -0.93
CA ALA E 185 -54.57 -41.10 -1.42
C ALA E 185 -53.89 -42.35 -0.86
N ASP E 186 -52.55 -42.35 -0.85
CA ASP E 186 -51.83 -43.50 -0.28
C ASP E 186 -51.96 -43.53 1.23
N TYR E 187 -51.91 -42.36 1.86
CA TYR E 187 -52.03 -42.26 3.32
C TYR E 187 -53.30 -42.95 3.81
N GLU E 188 -54.43 -42.73 3.14
CA GLU E 188 -55.71 -43.27 3.61
C GLU E 188 -55.89 -44.75 3.33
N LYS E 189 -54.94 -45.40 2.66
CA LYS E 189 -55.02 -46.84 2.49
C LYS E 189 -54.53 -47.63 3.70
N HIS E 190 -53.91 -46.98 4.68
CA HIS E 190 -53.28 -47.70 5.78
C HIS E 190 -53.72 -47.12 7.13
N LYS E 191 -53.47 -47.89 8.19
CA LYS E 191 -53.99 -47.56 9.51
C LYS E 191 -52.91 -47.12 10.50
N VAL E 192 -51.90 -47.95 10.75
CA VAL E 192 -50.92 -47.69 11.81
C VAL E 192 -49.67 -47.09 11.18
N TYR E 193 -49.29 -45.91 11.65
CA TYR E 193 -48.08 -45.22 11.21
C TYR E 193 -47.10 -45.16 12.37
N ALA E 194 -45.88 -45.67 12.17
CA ALA E 194 -44.94 -45.86 13.27
C ALA E 194 -43.53 -45.46 12.86
N CYS E 195 -42.84 -44.73 13.73
CA CYS E 195 -41.41 -44.51 13.57
C CYS E 195 -40.68 -45.22 14.71
N GLU E 196 -39.68 -46.01 14.35
CA GLU E 196 -38.93 -46.86 15.27
C GLU E 196 -37.53 -46.30 15.43
N VAL E 197 -37.12 -46.04 16.67
CA VAL E 197 -35.88 -45.33 16.96
C VAL E 197 -34.93 -46.27 17.68
N THR E 198 -33.70 -46.37 17.18
CA THR E 198 -32.63 -47.08 17.85
C THR E 198 -31.53 -46.08 18.18
N HIS E 199 -31.06 -46.12 19.42
CA HIS E 199 -30.01 -45.24 19.90
C HIS E 199 -29.30 -45.91 21.06
N GLN E 200 -28.04 -45.52 21.26
CA GLN E 200 -27.20 -46.11 22.29
C GLN E 200 -27.80 -45.93 23.69
N GLY E 201 -28.40 -44.77 23.96
CA GLY E 201 -28.99 -44.49 25.25
C GLY E 201 -30.32 -45.16 25.51
N LEU E 202 -30.76 -46.08 24.66
CA LEU E 202 -32.05 -46.75 24.79
C LEU E 202 -31.82 -48.25 24.95
N SER E 203 -32.38 -48.83 26.01
CA SER E 203 -32.29 -50.28 26.21
C SER E 203 -32.81 -51.05 25.00
N SER E 204 -33.98 -50.69 24.52
CA SER E 204 -34.63 -51.35 23.39
C SER E 204 -35.10 -50.29 22.43
N PRO E 205 -35.35 -50.64 21.17
CA PRO E 205 -35.87 -49.64 20.23
C PRO E 205 -37.19 -49.09 20.73
N VAL E 206 -37.33 -47.78 20.67
CA VAL E 206 -38.56 -47.11 21.06
C VAL E 206 -39.42 -46.90 19.82
N THR E 207 -40.70 -47.25 19.92
CA THR E 207 -41.63 -47.05 18.84
C THR E 207 -42.68 -46.05 19.27
N LYS E 208 -42.89 -45.03 18.44
CA LYS E 208 -44.00 -44.11 18.58
C LYS E 208 -44.92 -44.31 17.38
N SER E 209 -46.22 -44.44 17.65
CA SER E 209 -47.17 -44.82 16.61
C SER E 209 -48.45 -44.03 16.79
N PHE E 210 -49.24 -44.01 15.72
CA PHE E 210 -50.63 -43.62 15.81
C PHE E 210 -51.42 -44.40 14.77
N ASN E 211 -52.73 -44.41 14.97
CA ASN E 211 -53.68 -44.98 14.02
C ASN E 211 -54.35 -43.81 13.31
N ARG E 212 -54.34 -43.85 11.97
CA ARG E 212 -54.87 -42.73 11.20
C ARG E 212 -56.31 -42.41 11.63
N GLY E 213 -56.53 -41.17 12.06
CA GLY E 213 -57.83 -40.75 12.55
C GLY E 213 -58.02 -40.92 14.05
N VAL F 15 47.48 -3.06 -36.85
CA VAL F 15 46.03 -3.25 -36.97
C VAL F 15 45.32 -2.59 -35.81
N GLU F 16 44.40 -1.68 -36.10
CA GLU F 16 43.67 -0.98 -35.05
C GLU F 16 42.38 -1.74 -34.71
N CYS F 17 42.02 -1.74 -33.42
CA CYS F 17 40.78 -2.36 -32.99
C CYS F 17 39.61 -1.56 -33.53
N ASP F 18 38.72 -2.22 -34.26
CA ASP F 18 37.68 -1.55 -35.00
C ASP F 18 36.44 -1.43 -34.11
N PHE F 19 36.27 -0.26 -33.50
CA PHE F 19 35.10 0.06 -32.68
C PHE F 19 33.98 0.68 -33.50
N SER F 20 34.20 0.93 -34.80
CA SER F 20 33.28 1.72 -35.61
C SER F 20 31.92 1.09 -35.88
N PRO F 21 31.77 -0.25 -35.95
CA PRO F 21 30.40 -0.80 -36.12
C PRO F 21 29.43 -0.29 -35.08
N LEU F 22 29.94 0.04 -33.91
CA LEU F 22 29.13 0.64 -32.86
C LEU F 22 28.49 1.94 -33.31
N LEU F 23 29.19 2.72 -34.14
CA LEU F 23 28.80 4.09 -34.43
C LEU F 23 27.82 4.24 -35.58
N SER F 24 27.48 3.17 -36.28
CA SER F 24 26.58 3.24 -37.43
C SER F 24 25.40 2.31 -37.20
N GLY F 25 24.20 2.88 -37.21
CA GLY F 25 22.97 2.11 -37.12
C GLY F 25 22.29 2.29 -35.78
N THR F 26 21.27 1.47 -35.57
CA THR F 26 20.46 1.50 -34.35
C THR F 26 20.99 0.51 -33.35
N PRO F 27 21.42 0.92 -32.16
CA PRO F 27 21.88 -0.04 -31.15
C PRO F 27 20.74 -0.96 -30.73
N PRO F 28 20.99 -2.26 -30.67
CA PRO F 28 19.93 -3.19 -30.28
C PRO F 28 19.49 -2.96 -28.85
N GLN F 29 18.36 -3.58 -28.49
CA GLN F 29 17.94 -3.57 -27.11
C GLN F 29 18.84 -4.51 -26.30
N VAL F 30 18.73 -4.40 -24.98
CA VAL F 30 19.70 -5.04 -24.10
C VAL F 30 19.68 -6.55 -24.27
N TYR F 31 18.49 -7.15 -24.46
CA TYR F 31 18.43 -8.60 -24.64
C TYR F 31 18.99 -9.05 -25.99
N ASN F 32 19.28 -8.14 -26.92
CA ASN F 32 19.96 -8.46 -28.16
C ASN F 32 21.33 -7.79 -28.23
N PHE F 33 22.01 -7.70 -27.08
CA PHE F 33 23.26 -6.94 -27.00
C PHE F 33 24.24 -7.38 -28.08
N LYS F 34 24.89 -6.41 -28.71
CA LYS F 34 25.82 -6.71 -29.79
C LYS F 34 27.23 -6.80 -29.21
N ARG F 35 27.91 -7.91 -29.53
CA ARG F 35 29.20 -8.24 -28.96
C ARG F 35 30.30 -8.11 -30.01
N LEU F 36 31.33 -7.35 -29.69
CA LEU F 36 32.55 -7.27 -30.49
C LEU F 36 33.72 -7.82 -29.69
N VAL F 37 34.49 -8.70 -30.33
CA VAL F 37 35.61 -9.38 -29.71
C VAL F 37 36.89 -8.92 -30.38
N PHE F 38 37.94 -8.69 -29.58
CA PHE F 38 39.20 -8.18 -30.06
C PHE F 38 40.32 -9.06 -29.50
N THR F 39 41.31 -9.36 -30.35
CA THR F 39 42.34 -10.34 -29.99
C THR F 39 43.77 -9.93 -30.29
N ASN F 40 44.01 -9.24 -31.41
CA ASN F 40 45.37 -8.89 -31.85
C ASN F 40 45.32 -7.52 -32.54
N CYS F 41 45.16 -6.47 -31.76
CA CYS F 41 44.99 -5.14 -32.32
C CYS F 41 45.34 -4.10 -31.27
N ASN F 42 45.34 -2.84 -31.71
CA ASN F 42 45.63 -1.70 -30.86
C ASN F 42 44.40 -0.81 -30.78
N TYR F 43 44.11 -0.30 -29.59
CA TYR F 43 42.87 0.40 -29.34
C TYR F 43 43.15 1.79 -28.78
N ASN F 44 42.16 2.67 -28.93
CA ASN F 44 42.13 3.97 -28.24
C ASN F 44 40.73 4.11 -27.68
N LEU F 45 40.52 3.61 -26.47
CA LEU F 45 39.19 3.64 -25.88
C LEU F 45 38.78 5.05 -25.48
N THR F 46 39.74 5.89 -25.08
CA THR F 46 39.38 7.24 -24.65
C THR F 46 38.93 8.11 -25.83
N LYS F 47 39.40 7.79 -27.04
CA LYS F 47 38.88 8.47 -28.23
C LYS F 47 37.43 8.08 -28.48
N LEU F 48 37.12 6.78 -28.36
CA LEU F 48 35.75 6.33 -28.50
C LEU F 48 34.85 7.00 -27.48
N LEU F 49 35.29 7.07 -26.23
CA LEU F 49 34.46 7.67 -25.19
C LEU F 49 34.37 9.18 -25.33
N SER F 50 35.30 9.81 -26.04
CA SER F 50 35.18 11.24 -26.28
C SER F 50 33.99 11.56 -27.19
N LEU F 51 33.58 10.61 -28.03
CA LEU F 51 32.47 10.78 -28.96
C LEU F 51 31.10 10.67 -28.28
N PHE F 52 31.06 10.35 -26.99
CA PHE F 52 29.80 10.24 -26.25
C PHE F 52 29.83 11.17 -25.05
N SER F 53 28.65 11.45 -24.52
CA SER F 53 28.51 12.17 -23.25
C SER F 53 28.32 11.11 -22.16
N VAL F 54 29.41 10.82 -21.43
CA VAL F 54 29.44 9.70 -20.50
C VAL F 54 28.82 10.10 -19.17
N ASN F 55 27.74 9.43 -18.80
CA ASN F 55 27.05 9.72 -17.53
C ASN F 55 27.51 8.83 -16.37
N ASP F 56 27.97 7.61 -16.64
CA ASP F 56 28.41 6.72 -15.58
C ASP F 56 29.41 5.73 -16.15
N PHE F 57 30.46 5.45 -15.38
CA PHE F 57 31.55 4.59 -15.81
C PHE F 57 32.02 3.86 -14.54
N THR F 58 31.53 2.64 -14.35
CA THR F 58 31.85 1.87 -13.16
C THR F 58 32.43 0.52 -13.55
N CYS F 59 33.42 0.08 -12.78
CA CYS F 59 34.19 -1.12 -13.09
C CYS F 59 34.29 -2.00 -11.86
N SER F 60 34.76 -3.22 -12.10
CA SER F 60 34.84 -4.24 -11.06
C SER F 60 36.15 -4.97 -11.25
N GLN F 61 37.01 -4.90 -10.23
CA GLN F 61 38.36 -5.46 -10.25
C GLN F 61 39.26 -4.79 -11.25
N ILE F 62 38.92 -3.57 -11.66
CA ILE F 62 39.71 -2.74 -12.55
C ILE F 62 39.18 -1.31 -12.39
N SER F 63 39.83 -0.34 -13.02
CA SER F 63 39.41 1.05 -12.93
C SER F 63 39.26 1.62 -14.33
N PRO F 64 38.51 2.72 -14.47
CA PRO F 64 38.43 3.37 -15.80
C PRO F 64 39.80 3.77 -16.36
N ALA F 65 40.68 4.34 -15.55
CA ALA F 65 42.01 4.66 -16.03
C ALA F 65 42.76 3.40 -16.46
N ALA F 66 42.63 2.32 -15.69
CA ALA F 66 43.38 1.11 -16.02
C ALA F 66 42.82 0.44 -17.27
N ILE F 67 41.50 0.38 -17.42
CA ILE F 67 40.92 -0.36 -18.54
C ILE F 67 41.33 0.25 -19.87
N ALA F 68 41.59 1.56 -19.89
CA ALA F 68 42.00 2.24 -21.10
C ALA F 68 43.50 2.14 -21.38
N SER F 69 44.32 1.65 -20.44
CA SER F 69 45.77 1.76 -20.55
C SER F 69 46.52 0.44 -20.46
N ASN F 70 45.83 -0.70 -20.32
CA ASN F 70 46.53 -1.96 -20.11
C ASN F 70 46.56 -2.80 -21.39
N CYS F 71 47.30 -3.91 -21.32
CA CYS F 71 47.40 -4.88 -22.40
C CYS F 71 46.70 -6.18 -22.00
N TYR F 72 45.85 -6.69 -22.88
CA TYR F 72 45.04 -7.87 -22.59
C TYR F 72 45.21 -8.92 -23.68
N SER F 73 44.90 -10.17 -23.33
CA SER F 73 44.83 -11.19 -24.37
C SER F 73 43.50 -11.16 -25.11
N SER F 74 42.47 -10.52 -24.55
CA SER F 74 41.20 -10.38 -25.25
C SER F 74 40.41 -9.25 -24.61
N LEU F 75 39.70 -8.49 -25.44
CA LEU F 75 38.79 -7.45 -24.96
C LEU F 75 37.43 -7.65 -25.64
N ILE F 76 36.38 -7.68 -24.83
CA ILE F 76 35.02 -7.90 -25.30
C ILE F 76 34.20 -6.65 -25.04
N LEU F 77 33.49 -6.19 -26.07
CA LEU F 77 32.69 -4.98 -25.98
C LEU F 77 31.26 -5.29 -26.39
N ASP F 78 30.32 -5.13 -25.45
CA ASP F 78 28.89 -5.26 -25.70
C ASP F 78 28.25 -3.89 -25.70
N TYR F 79 27.27 -3.67 -26.58
CA TYR F 79 26.57 -2.39 -26.58
C TYR F 79 25.11 -2.57 -26.96
N PHE F 80 24.30 -1.60 -26.55
CA PHE F 80 22.85 -1.67 -26.67
C PHE F 80 22.28 -0.32 -26.28
N SER F 81 21.05 -0.05 -26.74
CA SER F 81 20.32 1.11 -26.25
C SER F 81 19.86 0.84 -24.84
N TYR F 82 19.87 1.87 -23.99
CA TYR F 82 19.56 1.67 -22.58
C TYR F 82 19.25 3.00 -21.88
N PRO F 83 18.11 3.09 -21.21
CA PRO F 83 17.71 4.38 -20.60
C PRO F 83 18.38 4.65 -19.26
N LEU F 84 18.96 5.84 -19.14
CA LEU F 84 19.57 6.30 -17.90
C LEU F 84 18.67 6.10 -16.69
N SER F 85 17.35 6.17 -16.89
CA SER F 85 16.41 5.98 -15.78
C SER F 85 16.50 4.59 -15.15
N MET F 86 17.14 3.63 -15.82
CA MET F 86 17.30 2.28 -15.29
C MET F 86 18.74 2.01 -14.87
N LYS F 87 19.45 3.08 -14.49
CA LYS F 87 20.85 2.94 -14.09
C LYS F 87 21.03 1.86 -13.04
N SER F 88 20.16 1.83 -12.04
CA SER F 88 20.32 0.89 -10.94
C SER F 88 20.13 -0.55 -11.40
N ASP F 89 19.49 -0.78 -12.54
CA ASP F 89 19.32 -2.15 -13.03
C ASP F 89 20.51 -2.64 -13.83
N LEU F 90 21.50 -1.80 -14.09
CA LEU F 90 22.69 -2.18 -14.85
C LEU F 90 23.92 -2.08 -13.93
N SER F 91 24.23 -3.18 -13.25
CA SER F 91 25.28 -3.17 -12.22
C SER F 91 25.72 -4.61 -11.97
N VAL F 92 26.99 -4.77 -11.62
CA VAL F 92 27.45 -6.09 -11.16
C VAL F 92 26.81 -6.48 -9.85
N SER F 93 26.17 -5.54 -9.13
CA SER F 93 25.49 -5.82 -7.88
C SER F 93 23.98 -6.00 -8.03
N SER F 94 23.40 -5.67 -9.17
CA SER F 94 21.96 -5.70 -9.30
C SER F 94 21.44 -7.13 -9.22
N ALA F 95 20.17 -7.27 -8.89
CA ALA F 95 19.48 -8.55 -8.94
C ALA F 95 18.13 -8.38 -9.65
N GLY F 96 18.06 -7.42 -10.56
CA GLY F 96 16.82 -7.10 -11.21
C GLY F 96 16.67 -7.78 -12.55
N PRO F 97 15.70 -7.32 -13.34
CA PRO F 97 15.36 -8.02 -14.59
C PRO F 97 16.47 -8.03 -15.63
N ILE F 98 17.35 -7.03 -15.66
CA ILE F 98 18.34 -6.97 -16.73
C ILE F 98 19.34 -8.10 -16.61
N SER F 99 19.96 -8.25 -15.42
CA SER F 99 20.96 -9.29 -15.28
C SER F 99 20.34 -10.67 -15.10
N GLN F 100 19.08 -10.76 -14.67
CA GLN F 100 18.42 -12.07 -14.56
C GLN F 100 18.00 -12.60 -15.92
N PHE F 101 17.52 -11.73 -16.83
CA PHE F 101 16.87 -12.20 -18.05
C PHE F 101 17.43 -11.64 -19.35
N ASN F 102 18.29 -10.61 -19.32
CA ASN F 102 18.68 -9.93 -20.56
C ASN F 102 20.17 -10.02 -20.85
N TYR F 103 21.02 -9.59 -19.92
CA TYR F 103 22.45 -9.46 -20.18
C TYR F 103 23.20 -9.59 -18.86
N LYS F 104 24.17 -10.49 -18.81
CA LYS F 104 24.90 -10.73 -17.57
C LYS F 104 26.39 -10.90 -17.87
N GLN F 105 27.22 -10.14 -17.17
CA GLN F 105 28.65 -10.24 -17.44
C GLN F 105 29.27 -11.36 -16.62
N SER F 106 30.46 -11.78 -17.05
CA SER F 106 31.27 -12.72 -16.28
C SER F 106 31.66 -12.10 -14.95
N PHE F 107 31.68 -12.93 -13.91
CA PHE F 107 32.16 -12.52 -12.61
C PHE F 107 33.64 -12.84 -12.38
N SER F 108 34.28 -13.59 -13.28
CA SER F 108 35.64 -14.03 -13.04
C SER F 108 36.69 -13.06 -13.58
N ASN F 109 36.42 -12.35 -14.67
CA ASN F 109 37.39 -11.38 -15.19
C ASN F 109 36.98 -9.96 -14.84
N PRO F 110 37.93 -9.02 -14.86
CA PRO F 110 37.56 -7.61 -14.61
C PRO F 110 36.61 -7.10 -15.69
N THR F 111 35.66 -6.27 -15.28
CA THR F 111 34.63 -5.77 -16.20
C THR F 111 34.33 -4.32 -15.89
N CYS F 112 33.73 -3.63 -16.88
CA CYS F 112 33.19 -2.29 -16.71
C CYS F 112 31.78 -2.20 -17.30
N LEU F 113 31.00 -1.27 -16.77
CA LEU F 113 29.71 -0.88 -17.33
C LEU F 113 29.72 0.63 -17.53
N ILE F 114 29.32 1.08 -18.72
CA ILE F 114 29.29 2.49 -19.08
C ILE F 114 27.88 2.87 -19.53
N LEU F 115 27.33 3.93 -18.92
CA LEU F 115 26.09 4.55 -19.39
C LEU F 115 26.44 5.87 -20.07
N ALA F 116 25.92 6.09 -21.27
CA ALA F 116 26.25 7.27 -22.06
C ALA F 116 25.02 7.74 -22.81
N THR F 117 25.09 8.99 -23.27
CA THR F 117 24.04 9.61 -24.09
C THR F 117 24.66 10.08 -25.39
N VAL F 118 23.95 9.84 -26.50
CA VAL F 118 24.40 10.25 -27.83
C VAL F 118 24.26 11.76 -28.00
N PRO F 119 25.35 12.48 -28.19
CA PRO F 119 25.24 13.93 -28.41
C PRO F 119 24.70 14.21 -29.81
N HIS F 120 24.14 15.41 -29.96
CA HIS F 120 23.73 15.87 -31.28
C HIS F 120 24.90 15.86 -32.26
N ASN F 121 26.12 16.03 -31.76
CA ASN F 121 27.34 15.84 -32.54
C ASN F 121 27.29 14.57 -33.38
N LEU F 122 26.90 13.46 -32.75
CA LEU F 122 27.01 12.13 -33.36
C LEU F 122 25.68 11.81 -34.00
N THR F 123 25.64 11.91 -35.33
CA THR F 123 24.40 11.84 -36.08
C THR F 123 24.17 10.49 -36.74
N THR F 124 25.21 9.68 -36.91
CA THR F 124 25.12 8.42 -37.62
C THR F 124 24.59 7.28 -36.75
N ILE F 125 24.15 7.59 -35.52
CA ILE F 125 23.54 6.65 -34.58
C ILE F 125 22.04 6.87 -34.66
N THR F 126 21.27 5.84 -35.00
CA THR F 126 19.83 6.02 -35.16
C THR F 126 19.10 5.47 -33.93
N LYS F 127 17.98 6.10 -33.58
CA LYS F 127 17.18 5.75 -32.42
C LYS F 127 16.16 4.67 -32.76
N PRO F 128 15.96 3.71 -31.87
CA PRO F 128 14.80 2.83 -31.97
C PRO F 128 13.56 3.60 -31.52
N LEU F 129 12.40 2.94 -31.63
CA LEU F 129 11.14 3.64 -31.32
C LEU F 129 10.97 3.83 -29.82
N LYS F 130 11.54 2.93 -29.01
CA LYS F 130 11.53 3.04 -27.57
C LYS F 130 12.61 2.10 -27.03
N TYR F 131 12.86 2.20 -25.72
CA TYR F 131 13.69 1.21 -25.04
C TYR F 131 12.83 0.05 -24.61
N SER F 132 13.35 -1.17 -24.74
CA SER F 132 12.59 -2.33 -24.31
C SER F 132 13.54 -3.36 -23.70
N TYR F 133 13.01 -4.11 -22.74
CA TYR F 133 13.76 -5.21 -22.15
C TYR F 133 12.77 -6.30 -21.75
N ILE F 134 13.31 -7.50 -21.55
CA ILE F 134 12.52 -8.65 -21.10
C ILE F 134 12.38 -8.57 -19.58
N ASN F 135 11.14 -8.47 -19.08
CA ASN F 135 10.94 -8.42 -17.64
C ASN F 135 10.87 -9.80 -16.99
N LYS F 136 10.62 -10.85 -17.78
CA LYS F 136 10.67 -12.23 -17.33
C LYS F 136 10.57 -13.15 -18.52
N CYS F 137 11.37 -14.22 -18.51
CA CYS F 137 11.32 -15.29 -19.49
C CYS F 137 11.18 -16.58 -18.68
N SER F 138 10.21 -17.44 -19.03
CA SER F 138 10.04 -18.61 -18.19
C SER F 138 9.40 -19.76 -18.96
N ARG F 139 9.61 -20.96 -18.43
CA ARG F 139 9.17 -22.20 -19.06
C ARG F 139 8.13 -22.89 -18.19
N LEU F 140 7.07 -23.40 -18.80
CA LEU F 140 6.13 -24.28 -18.11
C LEU F 140 6.28 -25.69 -18.67
N LEU F 141 6.55 -26.66 -17.81
CA LEU F 141 6.80 -28.00 -18.31
C LEU F 141 5.49 -28.64 -18.80
N SER F 142 5.61 -29.79 -19.43
CA SER F 142 4.46 -30.45 -20.02
C SER F 142 3.45 -30.93 -18.98
N ASP F 143 3.80 -30.93 -17.68
CA ASP F 143 2.80 -31.25 -16.67
C ASP F 143 1.83 -30.10 -16.43
N ASP F 144 2.03 -28.97 -17.11
CA ASP F 144 1.23 -27.76 -16.96
C ASP F 144 1.23 -27.23 -15.54
N ARG F 145 2.22 -27.59 -14.72
CA ARG F 145 2.28 -27.06 -13.36
C ARG F 145 3.68 -26.78 -12.81
N THR F 146 4.76 -27.23 -13.45
CA THR F 146 6.12 -26.95 -12.99
C THR F 146 6.68 -25.79 -13.80
N GLU F 147 7.03 -24.69 -13.13
CA GLU F 147 7.59 -23.52 -13.80
C GLU F 147 9.10 -23.45 -13.57
N VAL F 148 9.84 -23.19 -14.64
CA VAL F 148 11.29 -23.02 -14.58
C VAL F 148 11.68 -21.69 -15.20
N PRO F 149 11.90 -20.64 -14.40
CA PRO F 149 12.33 -19.36 -14.98
C PRO F 149 13.63 -19.53 -15.74
N GLN F 150 13.73 -18.82 -16.87
CA GLN F 150 14.84 -18.99 -17.81
C GLN F 150 15.83 -17.85 -17.60
N LEU F 151 16.63 -18.00 -16.54
CA LEU F 151 17.65 -17.00 -16.17
C LEU F 151 18.81 -17.04 -17.13
N VAL F 152 19.26 -15.87 -17.54
CA VAL F 152 20.31 -15.80 -18.55
C VAL F 152 21.65 -16.10 -17.90
N ASN F 153 22.51 -16.80 -18.62
CA ASN F 153 23.87 -17.03 -18.17
C ASN F 153 24.78 -15.93 -18.68
N ALA F 154 25.93 -15.80 -18.04
CA ALA F 154 26.95 -14.89 -18.57
C ALA F 154 27.33 -15.28 -19.98
N ASN F 155 27.47 -14.26 -20.84
CA ASN F 155 27.89 -14.44 -22.22
C ASN F 155 26.88 -15.22 -23.05
N GLN F 156 25.60 -15.15 -22.67
CA GLN F 156 24.56 -15.84 -23.44
C GLN F 156 23.35 -14.94 -23.59
N TYR F 157 22.51 -15.26 -24.57
CA TYR F 157 21.26 -14.55 -24.79
C TYR F 157 20.14 -15.33 -24.13
N SER F 158 19.03 -14.65 -23.90
CA SER F 158 17.91 -15.28 -23.25
C SER F 158 17.31 -16.35 -24.17
N PRO F 159 16.79 -17.43 -23.60
CA PRO F 159 16.12 -18.44 -24.44
C PRO F 159 14.90 -17.90 -25.15
N CYS F 160 14.44 -16.71 -24.76
CA CYS F 160 13.24 -16.11 -25.33
C CYS F 160 13.55 -15.12 -26.47
N VAL F 161 14.81 -14.97 -26.89
CA VAL F 161 15.11 -13.96 -27.91
C VAL F 161 14.43 -14.26 -29.24
N SER F 162 14.16 -15.54 -29.54
CA SER F 162 13.50 -15.87 -30.80
C SER F 162 12.00 -15.59 -30.80
N ILE F 163 11.38 -15.40 -29.64
CA ILE F 163 9.95 -15.11 -29.59
C ILE F 163 9.64 -13.67 -29.21
N VAL F 164 10.63 -12.88 -28.85
CA VAL F 164 10.43 -11.48 -28.47
C VAL F 164 10.85 -10.60 -29.65
N PRO F 165 10.05 -9.60 -30.03
CA PRO F 165 10.44 -8.75 -31.17
C PRO F 165 11.69 -7.94 -30.86
N SER F 166 12.37 -7.53 -31.94
CA SER F 166 13.58 -6.70 -31.82
C SER F 166 13.35 -5.51 -30.90
N THR F 167 12.13 -4.97 -30.90
CA THR F 167 11.67 -4.00 -29.92
C THR F 167 10.27 -4.41 -29.51
N VAL F 168 10.01 -4.42 -28.19
CA VAL F 168 8.68 -4.75 -27.71
C VAL F 168 7.69 -3.70 -28.19
N TRP F 169 6.54 -4.15 -28.68
CA TRP F 169 5.57 -3.23 -29.27
C TRP F 169 4.91 -2.37 -28.20
N GLU F 170 4.31 -3.01 -27.19
CA GLU F 170 3.62 -2.32 -26.12
C GLU F 170 4.12 -2.84 -24.77
N ASP F 171 4.34 -1.92 -23.84
CA ASP F 171 4.67 -2.29 -22.47
C ASP F 171 3.71 -3.34 -21.94
N GLY F 172 4.27 -4.42 -21.38
CA GLY F 172 3.47 -5.48 -20.81
C GLY F 172 3.07 -6.57 -21.76
N ASP F 173 3.48 -6.48 -23.03
CA ASP F 173 3.16 -7.51 -24.00
C ASP F 173 3.72 -8.87 -23.57
N TYR F 174 2.97 -9.91 -23.88
CA TYR F 174 3.37 -11.28 -23.64
C TYR F 174 3.65 -11.95 -24.97
N TYR F 175 4.63 -12.85 -24.98
CA TYR F 175 5.00 -13.62 -26.14
C TYR F 175 5.06 -15.07 -25.72
N ARG F 176 4.41 -15.93 -26.46
CA ARG F 176 4.19 -17.30 -26.03
C ARG F 176 4.51 -18.24 -27.17
N LYS F 177 5.13 -19.35 -26.85
CA LYS F 177 5.45 -20.36 -27.84
C LYS F 177 5.19 -21.70 -27.20
N GLN F 178 4.34 -22.51 -27.84
CA GLN F 178 4.15 -23.87 -27.39
C GLN F 178 5.26 -24.72 -27.99
N LEU F 179 5.98 -25.44 -27.14
CA LEU F 179 7.08 -26.24 -27.63
C LEU F 179 6.56 -27.57 -28.14
N SER F 180 7.12 -28.01 -29.26
CA SER F 180 6.80 -29.33 -29.77
C SER F 180 7.23 -30.39 -28.76
N PRO F 181 6.66 -31.59 -28.84
CA PRO F 181 7.12 -32.67 -27.95
C PRO F 181 8.59 -32.95 -28.11
N LEU F 182 9.15 -32.73 -29.30
CA LEU F 182 10.58 -32.95 -29.52
C LEU F 182 11.43 -32.00 -28.67
N GLU F 183 10.93 -30.81 -28.35
CA GLU F 183 11.68 -29.87 -27.50
C GLU F 183 11.30 -29.98 -26.03
N GLY F 184 10.53 -31.00 -25.65
CA GLY F 184 10.14 -31.21 -24.27
C GLY F 184 8.68 -30.93 -23.98
N GLY F 185 7.96 -30.31 -24.91
CA GLY F 185 6.57 -29.95 -24.67
C GLY F 185 6.47 -28.77 -23.71
N GLY F 186 5.22 -28.43 -23.39
CA GLY F 186 4.97 -27.29 -22.52
C GLY F 186 5.10 -25.97 -23.28
N TRP F 187 5.42 -24.92 -22.54
CA TRP F 187 5.33 -23.57 -23.06
C TRP F 187 6.57 -22.77 -22.70
N LEU F 188 6.94 -21.86 -23.60
CA LEU F 188 7.93 -20.83 -23.33
C LEU F 188 7.22 -19.50 -23.47
N VAL F 189 7.25 -18.69 -22.42
CA VAL F 189 6.56 -17.41 -22.39
C VAL F 189 7.53 -16.36 -21.86
N ALA F 190 7.50 -15.18 -22.47
CA ALA F 190 8.23 -14.03 -22.00
C ALA F 190 7.28 -12.86 -21.92
N SER F 191 7.61 -11.91 -21.06
CA SER F 191 6.89 -10.64 -21.00
C SER F 191 7.87 -9.51 -21.17
N GLY F 192 7.45 -8.48 -21.91
CA GLY F 192 8.33 -7.40 -22.30
C GLY F 192 7.89 -6.10 -21.64
N SER F 193 8.86 -5.21 -21.42
CA SER F 193 8.62 -3.90 -20.85
C SER F 193 9.26 -2.85 -21.74
N THR F 194 8.69 -1.64 -21.73
CA THR F 194 9.20 -0.56 -22.56
C THR F 194 9.41 0.70 -21.74
N VAL F 195 10.36 1.52 -22.19
CA VAL F 195 10.59 2.84 -21.63
C VAL F 195 10.59 3.84 -22.78
N ALA F 196 9.92 4.98 -22.58
CA ALA F 196 9.75 5.93 -23.67
C ALA F 196 11.10 6.44 -24.16
N MET F 197 11.24 6.53 -25.48
CA MET F 197 12.46 7.06 -26.07
C MET F 197 12.72 8.47 -25.55
N THR F 198 14.00 8.80 -25.40
CA THR F 198 14.43 10.11 -24.95
C THR F 198 14.81 10.98 -26.14
N GLU F 199 14.91 12.29 -25.91
CA GLU F 199 15.27 13.23 -26.97
C GLU F 199 16.61 12.85 -27.59
N GLN F 200 17.60 12.54 -26.77
CA GLN F 200 18.86 11.99 -27.23
C GLN F 200 18.92 10.52 -26.83
N LEU F 201 19.40 9.67 -27.74
CA LEU F 201 19.52 8.26 -27.44
C LEU F 201 20.49 8.05 -26.27
N GLN F 202 20.09 7.19 -25.34
CA GLN F 202 20.94 6.80 -24.22
C GLN F 202 21.36 5.33 -24.41
N MET F 203 22.60 5.02 -24.07
CA MET F 203 23.18 3.72 -24.38
C MET F 203 23.90 3.13 -23.17
N GLY F 204 24.10 1.81 -23.23
CA GLY F 204 24.92 1.10 -22.27
C GLY F 204 26.02 0.32 -22.96
N PHE F 205 27.17 0.23 -22.29
CA PHE F 205 28.34 -0.50 -22.78
C PHE F 205 28.92 -1.39 -21.68
N GLY F 206 29.25 -2.62 -22.06
CA GLY F 206 29.92 -3.54 -21.16
C GLY F 206 31.27 -3.96 -21.70
N ILE F 207 32.32 -3.91 -20.87
CA ILE F 207 33.66 -4.31 -21.27
C ILE F 207 34.12 -5.44 -20.36
N THR F 208 34.68 -6.49 -20.96
CA THR F 208 35.29 -7.60 -20.24
C THR F 208 36.67 -7.84 -20.83
N VAL F 209 37.70 -7.85 -19.96
CA VAL F 209 39.09 -8.03 -20.38
C VAL F 209 39.63 -9.30 -19.74
N GLN F 210 40.59 -9.91 -20.44
CA GLN F 210 41.29 -11.07 -19.90
C GLN F 210 42.78 -10.81 -20.01
N TYR F 211 43.51 -11.20 -18.98
CA TYR F 211 44.96 -11.12 -19.00
C TYR F 211 45.50 -12.53 -19.20
N GLY F 212 46.50 -12.65 -20.07
CA GLY F 212 47.14 -13.92 -20.34
C GLY F 212 48.57 -13.94 -19.83
N THR F 213 49.26 -15.04 -20.13
CA THR F 213 50.67 -15.18 -19.81
C THR F 213 51.49 -15.58 -21.03
N THR F 215 49.60 -14.49 -23.97
CA THR F 215 50.11 -13.36 -24.72
C THR F 215 49.08 -12.24 -24.74
N ASN F 216 49.50 -11.03 -24.34
CA ASN F 216 48.59 -9.89 -24.19
C ASN F 216 48.72 -8.98 -25.41
N SER F 217 48.10 -9.39 -26.52
CA SER F 217 48.24 -8.71 -27.81
C SER F 217 47.20 -7.63 -28.07
N VAL F 218 46.39 -7.25 -27.08
CA VAL F 218 45.45 -6.13 -27.24
C VAL F 218 46.00 -4.99 -26.40
N CYS F 219 46.68 -4.04 -27.04
CA CYS F 219 47.35 -2.97 -26.33
C CYS F 219 46.89 -1.61 -26.84
N PRO F 220 46.98 -0.56 -26.02
CA PRO F 220 46.56 0.77 -26.47
C PRO F 220 47.56 1.42 -27.40
N LYS F 221 47.06 2.34 -28.21
CA LYS F 221 47.89 3.16 -29.09
C LYS F 221 48.85 2.33 -29.94
C1 EDO G . 6.09 -20.44 12.74
O1 EDO G . 5.15 -21.29 13.43
C2 EDO G . 5.44 -19.11 12.30
O2 EDO G . 4.79 -18.42 13.40
C1 EDO H . 4.94 7.79 8.94
O1 EDO H . 5.21 7.31 7.63
C2 EDO H . 5.62 9.14 9.09
O2 EDO H . 7.05 8.98 9.03
C1 EDO I . 5.03 36.89 -0.99
O1 EDO I . 3.61 36.75 -0.83
C2 EDO I . 5.35 38.25 -1.61
O2 EDO I . 4.91 39.28 -0.70
C1 EDO J . 4.48 36.47 2.63
O1 EDO J . 3.17 36.73 2.10
C2 EDO J . 4.39 35.56 3.85
O2 EDO J . 3.64 34.38 3.53
C1 EDO K . 4.35 24.66 -12.93
O1 EDO K . 4.82 23.38 -13.31
C2 EDO K . 3.77 24.66 -11.51
O2 EDO K . 2.48 24.08 -11.79
C1 EDO L . 16.28 -0.55 26.98
O1 EDO L . 16.70 -1.84 26.50
C2 EDO L . 15.47 -0.76 28.25
O2 EDO L . 16.26 -1.52 29.19
C1 EDO M . -2.80 -13.96 19.25
O1 EDO M . -3.05 -12.66 19.79
C2 EDO M . -3.54 -15.02 20.07
O2 EDO M . -4.89 -15.10 19.62
C1 EDO N . 10.20 2.09 3.85
O1 EDO N . 9.25 1.63 4.82
C2 EDO N . 10.13 3.61 3.65
O2 EDO N . 10.77 4.31 4.73
C1 EDO O . 17.26 -10.18 10.16
O1 EDO O . 17.91 -8.95 10.56
C2 EDO O . 16.57 -10.80 11.38
O2 EDO O . 17.48 -10.92 12.50
C1 EDO P . 22.74 14.30 1.13
O1 EDO P . 22.95 12.88 1.23
C2 EDO P . 21.29 14.66 1.43
O2 EDO P . 20.99 14.47 2.82
C1 EDO Q . 15.90 -0.84 4.95
O1 EDO Q . 16.47 -0.85 3.64
C2 EDO Q . 14.38 -0.91 4.82
O2 EDO Q . 13.74 -0.96 6.10
C1 EDO R . 15.14 8.79 10.59
O1 EDO R . 14.24 7.85 11.18
C2 EDO R . 14.70 10.18 11.02
O2 EDO R . 13.28 10.33 10.76
C1 EDO S . 29.15 -17.97 0.49
O1 EDO S . 29.13 -19.38 0.62
C2 EDO S . 30.00 -17.41 1.63
O2 EDO S . 31.36 -17.82 1.49
C1 EDO T . 17.59 -19.79 1.42
O1 EDO T . 17.96 -18.41 1.52
C2 EDO T . 16.41 -20.04 2.34
O2 EDO T . 16.02 -21.43 2.30
C1 EDO U . 10.28 30.17 -18.03
O1 EDO U . 9.78 31.46 -18.43
C2 EDO U . 9.73 29.75 -16.67
O2 EDO U . 8.29 29.91 -16.59
C1 EDO V . -26.55 62.26 -2.41
O1 EDO V . -27.41 63.40 -2.25
C2 EDO V . -26.03 61.81 -1.06
O2 EDO V . -27.11 61.38 -0.24
C1 NAG W . -18.31 78.98 -10.41
C2 NAG W . -19.03 80.29 -10.72
C3 NAG W . -19.64 80.87 -9.44
C4 NAG W . -20.49 79.83 -8.72
C5 NAG W . -19.73 78.52 -8.54
C6 NAG W . -20.58 77.40 -7.99
C7 NAG W . -18.15 81.51 -12.65
C8 NAG W . -17.15 82.52 -13.13
N2 NAG W . -18.14 81.24 -11.34
O3 NAG W . -20.43 82.01 -9.76
O4 NAG W . -20.85 80.32 -7.42
O5 NAG W . -19.23 78.06 -9.80
O6 NAG W . -21.96 77.61 -8.26
O7 NAG W . -18.93 80.96 -13.42
C1 NAG X . -28.43 68.61 -7.13
C2 NAG X . -27.99 70.09 -7.08
C3 NAG X . -27.05 70.35 -5.90
C4 NAG X . -27.59 69.76 -4.60
C5 NAG X . -27.92 68.30 -4.81
C6 NAG X . -28.44 67.61 -3.58
C7 NAG X . -27.96 71.11 -9.32
C8 NAG X . -29.39 71.49 -9.10
N2 NAG X . -27.35 70.47 -8.32
O3 NAG X . -26.85 71.76 -5.76
O4 NAG X . -26.62 69.87 -3.56
O5 NAG X . -28.93 68.20 -5.83
O6 NAG X . -27.39 67.01 -2.84
O7 NAG X . -27.37 71.39 -10.36
C1 EDO Y . -7.28 65.26 -21.62
O1 EDO Y . -7.06 63.86 -21.42
C2 EDO Y . -8.75 65.59 -21.43
O2 EDO Y . -8.93 67.01 -21.44
C1 EDO Z . 8.03 -15.16 -1.14
O1 EDO Z . 7.50 -14.02 -1.84
C2 EDO Z . 6.94 -15.78 -0.27
O2 EDO Z . 7.55 -16.60 0.73
C1 EDO AA . -37.95 -31.63 6.20
O1 EDO AA . -38.03 -33.03 5.90
C2 EDO AA . -39.33 -31.09 6.58
O2 EDO AA . -39.79 -31.75 7.78
C1 EDO BA . -21.47 -17.10 0.03
O1 EDO BA . -22.26 -18.20 -0.44
C2 EDO BA . -20.89 -17.49 1.39
O2 EDO BA . -20.63 -18.90 1.35
C1 EDO CA . 2.39 -11.56 -13.80
O1 EDO CA . 3.22 -12.70 -13.49
C2 EDO CA . 1.33 -11.43 -12.72
O2 EDO CA . 0.59 -12.65 -12.67
C1 EDO DA . 4.72 -27.88 13.63
O1 EDO DA . 4.38 -28.94 12.72
C2 EDO DA . 6.10 -27.30 13.36
O2 EDO DA . 7.15 -28.29 13.35
C1 EDO EA . -54.57 -28.35 10.56
O1 EDO EA . -55.27 -29.22 11.46
C2 EDO EA . -54.74 -26.89 10.96
O2 EDO EA . -54.06 -26.04 10.02
C1 EDO FA . -20.43 -25.14 5.75
O1 EDO FA . -20.52 -26.46 6.30
C2 EDO FA . -18.95 -24.73 5.74
O2 EDO FA . -18.81 -23.43 5.13
C1 EDO GA . -7.45 -21.33 13.07
O1 EDO GA . -7.21 -19.92 12.97
C2 EDO GA . -6.37 -21.92 13.97
O2 EDO GA . -6.59 -21.50 15.32
C1 EDO HA . 7.21 -36.87 10.75
O1 EDO HA . 7.74 -37.50 9.58
C2 EDO HA . 7.60 -35.39 10.76
O2 EDO HA . 7.07 -34.72 9.61
C1 EDO IA . 38.16 2.56 -33.91
O1 EDO IA . 37.38 2.00 -34.97
C2 EDO IA . 37.88 4.05 -33.77
O2 EDO IA . 36.58 4.26 -33.18
C1 EDO JA . 24.21 -1.62 -34.58
O1 EDO JA . 24.61 -2.38 -35.73
C2 EDO JA . 25.24 -0.52 -34.33
O2 EDO JA . 24.63 0.62 -33.70
C1 NAG KA . 43.40 8.74 -28.38
C2 NAG KA . 44.72 9.37 -28.79
C3 NAG KA . 45.02 10.55 -27.89
C4 NAG KA . 43.85 11.54 -27.93
C5 NAG KA . 42.52 10.83 -27.63
C6 NAG KA . 41.32 11.74 -27.80
C7 NAG KA . 46.86 8.47 -29.55
C8 NAG KA . 47.88 7.39 -29.39
N2 NAG KA . 45.80 8.40 -28.75
O3 NAG KA . 46.21 11.19 -28.33
O4 NAG KA . 44.06 12.56 -26.96
O5 NAG KA . 42.34 9.70 -28.50
O6 NAG KA . 40.67 11.54 -29.05
O7 NAG KA . 47.00 9.37 -30.37
C1 NAG LA . 31.06 18.18 -30.18
C2 NAG LA . 31.69 17.80 -28.82
C3 NAG LA . 32.84 18.75 -28.47
C4 NAG LA . 33.84 18.85 -29.61
C5 NAG LA . 33.11 19.29 -30.87
C6 NAG LA . 34.01 19.37 -32.09
C7 NAG LA . 30.83 17.19 -26.59
C8 NAG LA . 29.68 17.32 -25.64
N2 NAG LA . 30.68 17.81 -27.77
O3 NAG LA . 33.52 18.29 -27.30
O4 NAG LA . 34.87 19.78 -29.30
O5 NAG LA . 32.09 18.32 -31.17
O6 NAG LA . 33.25 19.35 -33.29
O7 NAG LA . 31.85 16.56 -26.31
C1 EDO MA . 53.01 -11.34 -18.66
O1 EDO MA . 52.07 -12.29 -19.19
C2 EDO MA . 52.60 -9.94 -19.09
O2 EDO MA . 53.42 -8.96 -18.41
#